data_1NX9
#
_entry.id   1NX9
#
_cell.length_a   341.828
_cell.length_b   341.828
_cell.length_c   341.828
_cell.angle_alpha   90.00
_cell.angle_beta   90.00
_cell.angle_gamma   90.00
#
_symmetry.space_group_name_H-M   'I 2 3'
#
loop_
_entity.id
_entity.type
_entity.pdbx_description
1 polymer 'alpha-amino acid ester hydrolase'
2 non-polymer '(2S,5R,6R)-6-{[(2R)-2-AMINO-2-PHENYLETHANOYL]AMINO}-3,3-DIMETHYL-7-OXO-4-THIA-1-AZABICYCLO[3.2.0]HEPTANE-2-CARBOXYLIC ACID'
3 non-polymer GLYCEROL
4 water water
#
_entity_poly.entity_id   1
_entity_poly.type   'polypeptide(L)'
_entity_poly.pdbx_seq_one_letter_code
;APAADAAQAHDPLSVQTGSDIPASVHMPTDQQRDYIKREVMVPMRDGVKLYTVIVIPKNARNAPILLTRTPYNAKGRANR
VPNALTMREVLPQGDDVFVEGGYIRVFQDIRGKYGSQGDYVMTRPPHGPLNPTKTDETTDAWDTVDWLVHNVPESNGRVG
MTGSAYEGFTVVMALLDPHPALKVAAPESPMVDGWMGDDWFHYGAFRQGAFDYFVSQMTARGGGNDIPRRDADDYTNFLK
AGSAGSFATQAGLDQYPFWQRMHAHPAYDAFWQGQALDKILAQRKPTVPMLWEQGLWDQEDMWGAIHAWQALKDADVKAP
NTLVMGPWRHSGVNYNGSTLGPLEFEGDTAHQYRRDVFRPFFDEYLKPGSASVHLPDAIIYNTGDQKWDYYRSWPSVCES
NCTGGLTPLYLADGHGLSFTHPAADGADSYVSDPAHPVPFISRPFAFAQSSRWKPWLVQDQREAESRPDVVTYETEVLDE
PVRVSGVPVADLFAATSGTDSDWVVKLIDVQPAMTPDDPKMGGYELPVSMDIFRGRYRKDFAKPEALQPDATLHYHFTLP
AVNHVFAKGHRIMVQIQSSWFPLYDRNPQKFVPNIFDAKPADYTVATQSIHHGGKEATSILLPVVKQKLGPEQKLISEED
LNSAVDHHHHHH
;
_entity_poly.pdbx_strand_id   A,B,C,D
#
loop_
_chem_comp.id
_chem_comp.type
_chem_comp.name
_chem_comp.formula
AIC non-polymer '(2S,5R,6R)-6-{[(2R)-2-AMINO-2-PHENYLETHANOYL]AMINO}-3,3-DIMETHYL-7-OXO-4-THIA-1-AZABICYCLO[3.2.0]HEPTANE-2-CARBOXYLIC ACID' 'C16 H19 N3 O4 S'
GOL non-polymer GLYCEROL 'C3 H8 O3'
#
# COMPACT_ATOMS: atom_id res chain seq x y z
N HIS A 10 -15.68 -55.74 -9.71
CA HIS A 10 -16.35 -54.40 -9.80
C HIS A 10 -15.61 -53.46 -10.75
N ASP A 11 -16.33 -52.46 -11.25
CA ASP A 11 -15.77 -51.47 -12.17
C ASP A 11 -14.81 -50.53 -11.44
N PRO A 12 -13.51 -50.60 -11.77
CA PRO A 12 -12.49 -49.77 -11.14
C PRO A 12 -12.62 -48.28 -11.47
N LEU A 13 -13.30 -47.96 -12.58
CA LEU A 13 -13.50 -46.56 -12.97
C LEU A 13 -14.71 -45.94 -12.27
N SER A 14 -15.33 -46.71 -11.37
CA SER A 14 -16.48 -46.24 -10.60
C SER A 14 -16.27 -46.59 -9.11
N VAL A 15 -15.77 -47.80 -8.86
CA VAL A 15 -15.57 -48.29 -7.50
C VAL A 15 -14.09 -48.37 -7.13
N GLN A 16 -13.70 -47.58 -6.12
CA GLN A 16 -12.34 -47.56 -5.65
C GLN A 16 -12.24 -48.18 -4.25
N THR A 17 -11.66 -49.38 -4.17
CA THR A 17 -11.49 -50.07 -2.89
C THR A 17 -10.03 -50.03 -2.47
N GLY A 18 -9.23 -49.26 -3.21
CA GLY A 18 -7.81 -49.10 -2.93
C GLY A 18 -7.51 -47.65 -2.59
N SER A 19 -6.31 -47.20 -2.97
CA SER A 19 -5.89 -45.83 -2.67
C SER A 19 -5.81 -44.95 -3.92
N ASP A 20 -6.19 -43.68 -3.77
CA ASP A 20 -6.15 -42.71 -4.86
C ASP A 20 -4.75 -42.10 -5.01
N ILE A 21 -3.85 -42.48 -4.11
CA ILE A 21 -2.47 -42.00 -4.17
C ILE A 21 -1.63 -43.01 -4.96
N PRO A 22 -1.07 -42.57 -6.09
CA PRO A 22 -0.26 -43.44 -6.95
C PRO A 22 0.98 -43.96 -6.22
N ALA A 23 1.41 -45.18 -6.54
CA ALA A 23 2.58 -45.80 -5.93
C ALA A 23 3.81 -44.91 -6.15
N SER A 24 3.93 -44.40 -7.37
CA SER A 24 5.01 -43.49 -7.74
C SER A 24 4.53 -42.65 -8.92
N VAL A 25 5.07 -41.45 -9.05
CA VAL A 25 4.65 -40.56 -10.13
C VAL A 25 5.66 -40.46 -11.27
N HIS A 26 5.17 -40.58 -12.49
CA HIS A 26 6.00 -40.46 -13.68
C HIS A 26 5.58 -39.20 -14.43
N MET A 27 5.87 -38.05 -13.84
CA MET A 27 5.50 -36.75 -14.41
C MET A 27 6.23 -36.46 -15.73
N PRO A 28 5.46 -36.23 -16.79
CA PRO A 28 6.01 -35.92 -18.11
C PRO A 28 6.50 -34.48 -18.22
N THR A 29 6.38 -33.72 -17.13
CA THR A 29 6.84 -32.33 -17.10
C THR A 29 8.37 -32.29 -16.98
N ASP A 30 8.97 -33.44 -16.65
CA ASP A 30 10.43 -33.55 -16.50
C ASP A 30 11.12 -33.45 -17.86
N GLN A 31 10.42 -33.86 -18.92
CA GLN A 31 10.95 -33.80 -20.27
C GLN A 31 10.93 -32.38 -20.83
N GLN A 32 10.10 -31.53 -20.21
CA GLN A 32 9.99 -30.14 -20.63
C GLN A 32 11.05 -29.25 -19.94
N ARG A 33 11.72 -29.82 -18.94
CA ARG A 33 12.76 -29.11 -18.19
C ARG A 33 14.01 -28.89 -19.03
N ASP A 34 14.76 -27.84 -18.70
CA ASP A 34 16.02 -27.55 -19.41
C ASP A 34 17.21 -27.90 -18.52
N TYR A 35 16.95 -28.74 -17.52
CA TYR A 35 17.97 -29.17 -16.56
C TYR A 35 17.59 -30.52 -15.98
N ILE A 36 18.56 -31.17 -15.36
CA ILE A 36 18.33 -32.44 -14.67
C ILE A 36 18.87 -32.29 -13.25
N LYS A 37 18.35 -33.10 -12.33
CA LYS A 37 18.79 -33.05 -10.94
C LYS A 37 19.29 -34.41 -10.49
N ARG A 38 20.49 -34.41 -9.91
CA ARG A 38 21.08 -35.64 -9.39
C ARG A 38 21.22 -35.52 -7.88
N GLU A 39 20.71 -36.51 -7.16
CA GLU A 39 20.79 -36.53 -5.70
C GLU A 39 21.74 -37.63 -5.28
N VAL A 40 22.85 -37.26 -4.66
CA VAL A 40 23.85 -38.25 -4.26
C VAL A 40 24.29 -38.11 -2.81
N MET A 41 24.51 -39.25 -2.17
CA MET A 41 25.00 -39.30 -0.81
C MET A 41 26.51 -39.44 -0.91
N VAL A 42 27.22 -38.32 -0.86
CA VAL A 42 28.68 -38.30 -0.99
C VAL A 42 29.38 -38.68 0.32
N PRO A 43 30.16 -39.76 0.29
CA PRO A 43 30.87 -40.24 1.48
C PRO A 43 32.14 -39.45 1.78
N MET A 44 32.31 -39.09 3.04
CA MET A 44 33.50 -38.36 3.48
C MET A 44 34.55 -39.39 3.88
N ARG A 45 35.74 -38.92 4.25
CA ARG A 45 36.84 -39.82 4.62
C ARG A 45 36.56 -40.71 5.85
N ASP A 46 35.59 -40.31 6.68
CA ASP A 46 35.24 -41.08 7.87
C ASP A 46 34.03 -42.00 7.67
N GLY A 47 33.51 -42.03 6.43
CA GLY A 47 32.37 -42.88 6.11
C GLY A 47 31.02 -42.18 6.13
N VAL A 48 30.97 -41.00 6.76
CA VAL A 48 29.74 -40.22 6.85
C VAL A 48 29.34 -39.66 5.47
N LYS A 49 28.08 -39.87 5.09
CA LYS A 49 27.59 -39.42 3.79
C LYS A 49 26.84 -38.11 3.86
N LEU A 50 27.11 -37.22 2.89
CA LEU A 50 26.47 -35.91 2.82
C LEU A 50 25.54 -35.80 1.62
N TYR A 51 24.31 -35.35 1.87
CA TYR A 51 23.31 -35.18 0.82
C TYR A 51 23.75 -34.06 -0.12
N THR A 52 23.89 -34.40 -1.40
CA THR A 52 24.36 -33.45 -2.40
C THR A 52 23.44 -33.37 -3.62
N VAL A 53 22.98 -32.15 -3.92
CA VAL A 53 22.11 -31.92 -5.06
C VAL A 53 22.90 -31.30 -6.20
N ILE A 54 22.93 -31.97 -7.34
CA ILE A 54 23.66 -31.49 -8.50
C ILE A 54 22.70 -31.08 -9.61
N VAL A 55 22.65 -29.79 -9.92
CA VAL A 55 21.77 -29.26 -10.96
C VAL A 55 22.57 -29.04 -12.24
N ILE A 56 22.29 -29.85 -13.25
CA ILE A 56 23.01 -29.80 -14.52
C ILE A 56 22.11 -29.35 -15.66
N PRO A 57 22.54 -28.33 -16.39
CA PRO A 57 21.79 -27.87 -17.56
C PRO A 57 21.71 -29.02 -18.54
N LYS A 58 20.54 -29.28 -19.12
CA LYS A 58 20.39 -30.39 -20.05
C LYS A 58 21.40 -30.32 -21.18
N ASN A 59 22.05 -31.46 -21.44
CA ASN A 59 23.05 -31.56 -22.52
C ASN A 59 24.36 -30.80 -22.25
N ALA A 60 24.65 -30.50 -20.98
CA ALA A 60 25.87 -29.78 -20.63
C ALA A 60 27.13 -30.61 -20.84
N ARG A 61 28.22 -29.95 -21.19
CA ARG A 61 29.51 -30.60 -21.40
C ARG A 61 30.63 -29.62 -21.06
N ASN A 62 31.68 -30.13 -20.41
CA ASN A 62 32.82 -29.32 -20.00
C ASN A 62 32.39 -28.04 -19.28
N ALA A 63 31.41 -28.18 -18.40
CA ALA A 63 30.88 -27.04 -17.65
C ALA A 63 31.50 -26.95 -16.26
N PRO A 64 31.78 -25.72 -15.81
CA PRO A 64 32.32 -25.50 -14.47
C PRO A 64 31.28 -25.77 -13.39
N ILE A 65 31.72 -26.00 -12.17
CA ILE A 65 30.82 -26.28 -11.07
C ILE A 65 30.81 -25.16 -10.02
N LEU A 66 29.63 -24.70 -9.65
CA LEU A 66 29.47 -23.70 -8.59
C LEU A 66 28.95 -24.44 -7.36
N LEU A 67 29.77 -24.51 -6.32
CA LEU A 67 29.41 -25.27 -5.11
C LEU A 67 29.13 -24.43 -3.87
N THR A 68 28.08 -24.82 -3.14
CA THR A 68 27.71 -24.18 -1.89
C THR A 68 27.37 -25.25 -0.86
N ARG A 69 27.94 -25.13 0.33
CA ARG A 69 27.68 -26.07 1.41
C ARG A 69 26.85 -25.33 2.45
N THR A 70 25.68 -25.88 2.79
CA THR A 70 24.73 -25.17 3.63
C THR A 70 24.06 -25.97 4.76
N PRO A 71 23.71 -25.27 5.85
CA PRO A 71 22.93 -25.86 6.94
C PRO A 71 21.45 -25.52 6.76
N TYR A 72 21.09 -24.98 5.61
CA TYR A 72 19.70 -24.54 5.35
C TYR A 72 18.94 -25.36 4.29
N ASN A 73 19.10 -26.69 4.34
CA ASN A 73 18.38 -27.61 3.45
C ASN A 73 18.71 -27.46 1.95
N ALA A 74 19.72 -28.21 1.49
CA ALA A 74 20.18 -28.17 0.09
C ALA A 74 19.05 -28.42 -0.92
N LYS A 75 18.17 -29.37 -0.60
CA LYS A 75 17.05 -29.69 -1.47
C LYS A 75 16.15 -28.48 -1.69
N GLY A 76 15.92 -27.72 -0.63
CA GLY A 76 15.11 -26.52 -0.67
C GLY A 76 15.81 -25.36 -1.36
N ARG A 77 17.12 -25.25 -1.14
CA ARG A 77 17.92 -24.18 -1.74
C ARG A 77 17.90 -24.30 -3.26
N ALA A 78 17.88 -25.53 -3.76
CA ALA A 78 17.85 -25.79 -5.19
C ALA A 78 16.39 -25.97 -5.68
N ASN A 79 15.45 -25.40 -4.94
CA ASN A 79 14.03 -25.47 -5.29
C ASN A 79 13.32 -24.16 -5.02
N ARG A 80 13.93 -23.03 -5.43
CA ARG A 80 13.35 -21.70 -5.25
C ARG A 80 11.88 -21.75 -5.68
N VAL A 81 11.68 -22.25 -6.89
CA VAL A 81 10.35 -22.52 -7.41
C VAL A 81 10.36 -24.05 -7.51
N PRO A 82 9.67 -24.71 -6.59
CA PRO A 82 9.64 -26.18 -6.52
C PRO A 82 9.38 -26.88 -7.86
N ASN A 83 10.31 -27.77 -8.24
CA ASN A 83 10.22 -28.54 -9.48
C ASN A 83 9.89 -27.72 -10.72
N ALA A 84 10.46 -26.52 -10.80
CA ALA A 84 10.21 -25.60 -11.92
C ALA A 84 10.62 -26.20 -13.27
N LEU A 85 10.05 -25.64 -14.34
CA LEU A 85 10.35 -26.11 -15.68
C LEU A 85 11.70 -25.58 -16.19
N THR A 86 12.18 -24.48 -15.61
CA THR A 86 13.48 -23.92 -16.00
C THR A 86 14.46 -23.86 -14.84
N MET A 87 15.74 -23.97 -15.16
CA MET A 87 16.82 -23.91 -14.17
C MET A 87 16.87 -22.54 -13.51
N ARG A 88 16.51 -21.51 -14.27
CA ARG A 88 16.49 -20.13 -13.78
C ARG A 88 15.52 -19.98 -12.60
N GLU A 89 14.36 -20.64 -12.69
CA GLU A 89 13.35 -20.58 -11.62
C GLU A 89 13.75 -21.43 -10.43
N VAL A 90 14.22 -22.64 -10.71
CA VAL A 90 14.59 -23.62 -9.68
C VAL A 90 15.74 -23.18 -8.78
N LEU A 91 16.64 -22.35 -9.31
CA LEU A 91 17.78 -21.86 -8.55
C LEU A 91 17.52 -20.44 -8.01
N PRO A 92 18.22 -20.08 -6.94
CA PRO A 92 18.06 -18.75 -6.33
C PRO A 92 18.36 -17.58 -7.27
N GLN A 93 17.82 -16.42 -6.92
CA GLN A 93 18.01 -15.20 -7.69
C GLN A 93 19.51 -14.87 -7.85
N GLY A 94 20.28 -15.10 -6.79
CA GLY A 94 21.72 -14.83 -6.80
C GLY A 94 22.53 -15.72 -7.74
N ASP A 95 21.91 -16.79 -8.23
CA ASP A 95 22.57 -17.71 -9.16
C ASP A 95 22.29 -17.35 -10.62
N ASP A 96 21.49 -16.29 -10.83
CA ASP A 96 21.10 -15.86 -12.18
C ASP A 96 22.22 -15.84 -13.23
N VAL A 97 23.30 -15.13 -12.93
CA VAL A 97 24.42 -15.01 -13.87
C VAL A 97 25.12 -16.33 -14.17
N PHE A 98 25.05 -17.27 -13.22
CA PHE A 98 25.67 -18.57 -13.42
C PHE A 98 24.78 -19.53 -14.19
N VAL A 99 23.47 -19.34 -14.08
CA VAL A 99 22.51 -20.12 -14.85
C VAL A 99 22.68 -19.72 -16.31
N GLU A 100 22.84 -18.41 -16.54
CA GLU A 100 23.02 -17.87 -17.88
C GLU A 100 24.35 -18.36 -18.47
N GLY A 101 25.34 -18.58 -17.61
CA GLY A 101 26.65 -19.04 -18.05
C GLY A 101 26.78 -20.54 -18.27
N GLY A 102 25.71 -21.28 -17.96
CA GLY A 102 25.72 -22.73 -18.16
C GLY A 102 26.52 -23.48 -17.11
N TYR A 103 26.59 -22.93 -15.90
CA TYR A 103 27.30 -23.57 -14.80
C TYR A 103 26.50 -24.73 -14.24
N ILE A 104 27.20 -25.70 -13.67
CA ILE A 104 26.54 -26.79 -12.99
C ILE A 104 26.45 -26.32 -11.54
N ARG A 105 25.24 -26.34 -10.97
CA ARG A 105 25.04 -25.87 -9.61
C ARG A 105 24.95 -27.00 -8.59
N VAL A 106 25.75 -26.90 -7.53
CA VAL A 106 25.74 -27.91 -6.49
C VAL A 106 25.46 -27.31 -5.11
N PHE A 107 24.44 -27.86 -4.44
CA PHE A 107 24.10 -27.46 -3.08
C PHE A 107 24.23 -28.70 -2.22
N GLN A 108 24.98 -28.61 -1.13
CA GLN A 108 25.20 -29.75 -0.26
C GLN A 108 24.88 -29.48 1.20
N ASP A 109 24.17 -30.42 1.83
CA ASP A 109 23.85 -30.32 3.24
C ASP A 109 25.11 -30.62 4.02
N ILE A 110 25.52 -29.70 4.90
CA ILE A 110 26.71 -29.93 5.70
C ILE A 110 26.47 -31.08 6.67
N ARG A 111 27.56 -31.63 7.19
CA ARG A 111 27.51 -32.74 8.12
C ARG A 111 26.55 -32.48 9.28
N GLY A 112 25.61 -33.42 9.49
CA GLY A 112 24.65 -33.34 10.57
C GLY A 112 23.38 -32.54 10.32
N LYS A 113 23.18 -32.07 9.09
CA LYS A 113 21.99 -31.28 8.78
C LYS A 113 21.13 -31.85 7.66
N TYR A 114 19.82 -31.80 7.85
CA TYR A 114 18.82 -32.27 6.88
C TYR A 114 19.06 -33.67 6.31
N GLY A 115 19.44 -33.75 5.03
CA GLY A 115 19.67 -35.04 4.39
C GLY A 115 21.00 -35.70 4.67
N SER A 116 21.90 -34.98 5.35
CA SER A 116 23.23 -35.50 5.64
C SER A 116 23.30 -36.28 6.95
N GLN A 117 24.25 -37.21 7.02
CA GLN A 117 24.48 -38.00 8.22
C GLN A 117 25.50 -37.27 9.10
N GLY A 118 25.89 -37.91 10.20
CA GLY A 118 26.89 -37.34 11.10
C GLY A 118 26.33 -36.45 12.19
N ASP A 119 27.21 -35.98 13.06
CA ASP A 119 26.84 -35.10 14.16
C ASP A 119 26.96 -33.65 13.73
N TYR A 120 26.02 -32.82 14.17
CA TYR A 120 26.08 -31.41 13.85
C TYR A 120 26.66 -30.59 15.00
N VAL A 121 27.66 -29.77 14.67
CA VAL A 121 28.29 -28.88 15.63
C VAL A 121 28.16 -27.48 15.07
N MET A 122 27.54 -26.59 15.84
CA MET A 122 27.36 -25.20 15.42
C MET A 122 28.70 -24.61 15.02
N THR A 123 28.78 -24.07 13.80
CA THR A 123 30.02 -23.51 13.25
C THR A 123 31.21 -24.39 13.66
N ARG A 124 31.13 -25.67 13.31
CA ARG A 124 32.17 -26.64 13.65
C ARG A 124 33.56 -26.07 13.51
N PRO A 125 34.29 -25.99 14.63
CA PRO A 125 35.64 -25.45 14.65
C PRO A 125 36.60 -26.29 13.80
N PRO A 126 37.63 -25.65 13.24
CA PRO A 126 38.62 -26.37 12.43
C PRO A 126 39.45 -27.30 13.28
N HIS A 127 40.12 -28.26 12.65
CA HIS A 127 40.98 -29.20 13.38
C HIS A 127 41.91 -28.44 14.29
N GLY A 128 41.98 -28.87 15.54
CA GLY A 128 42.82 -28.22 16.53
C GLY A 128 42.34 -28.51 17.94
N PRO A 129 42.66 -27.60 18.88
CA PRO A 129 42.27 -27.77 20.29
C PRO A 129 40.76 -27.88 20.51
N LEU A 130 39.96 -27.31 19.62
CA LEU A 130 38.50 -27.36 19.74
C LEU A 130 37.86 -28.48 18.89
N ASN A 131 38.69 -29.17 18.12
CA ASN A 131 38.24 -30.27 17.26
C ASN A 131 39.38 -31.27 17.04
N PRO A 132 39.48 -32.27 17.93
CA PRO A 132 40.55 -33.27 17.85
C PRO A 132 40.24 -34.46 16.94
N THR A 133 39.10 -34.44 16.25
CA THR A 133 38.73 -35.54 15.35
C THR A 133 39.50 -35.45 14.03
N LYS A 134 39.23 -36.40 13.13
CA LYS A 134 39.91 -36.43 11.84
C LYS A 134 39.23 -35.60 10.76
N THR A 135 38.03 -35.10 11.05
CA THR A 135 37.27 -34.30 10.08
C THR A 135 36.83 -32.94 10.59
N ASP A 136 36.54 -32.06 9.64
CA ASP A 136 36.03 -30.72 9.91
C ASP A 136 35.42 -30.19 8.61
N GLU A 137 34.94 -28.96 8.62
CA GLU A 137 34.33 -28.39 7.42
C GLU A 137 35.30 -28.28 6.25
N THR A 138 36.60 -28.23 6.58
CA THR A 138 37.66 -28.14 5.57
C THR A 138 37.82 -29.46 4.82
N THR A 139 37.96 -30.56 5.56
CA THR A 139 38.11 -31.89 4.96
C THR A 139 36.83 -32.31 4.25
N ASP A 140 35.68 -31.93 4.81
CA ASP A 140 34.40 -32.24 4.22
C ASP A 140 34.27 -31.60 2.84
N ALA A 141 34.79 -30.38 2.71
CA ALA A 141 34.77 -29.67 1.44
C ALA A 141 35.79 -30.29 0.48
N TRP A 142 36.93 -30.72 1.03
CA TRP A 142 37.99 -31.37 0.24
C TRP A 142 37.46 -32.64 -0.39
N ASP A 143 36.83 -33.48 0.44
CA ASP A 143 36.27 -34.75 -0.02
C ASP A 143 35.14 -34.55 -1.03
N THR A 144 34.37 -33.47 -0.85
CA THR A 144 33.26 -33.15 -1.74
C THR A 144 33.77 -32.77 -3.13
N VAL A 145 34.75 -31.86 -3.17
CA VAL A 145 35.33 -31.43 -4.43
C VAL A 145 35.97 -32.60 -5.17
N ASP A 146 36.70 -33.45 -4.43
CA ASP A 146 37.35 -34.61 -5.00
C ASP A 146 36.34 -35.55 -5.66
N TRP A 147 35.21 -35.76 -5.00
CA TRP A 147 34.17 -36.62 -5.54
C TRP A 147 33.54 -36.01 -6.78
N LEU A 148 33.25 -34.71 -6.71
CA LEU A 148 32.61 -34.00 -7.82
C LEU A 148 33.42 -34.04 -9.12
N VAL A 149 34.73 -33.84 -9.02
CA VAL A 149 35.58 -33.84 -10.21
C VAL A 149 35.87 -35.24 -10.77
N HIS A 150 35.47 -36.28 -10.02
CA HIS A 150 35.70 -37.66 -10.45
C HIS A 150 34.39 -38.39 -10.78
N ASN A 151 33.25 -37.78 -10.45
CA ASN A 151 31.96 -38.44 -10.68
C ASN A 151 30.91 -37.62 -11.46
N VAL A 152 31.31 -36.45 -11.96
CA VAL A 152 30.40 -35.62 -12.77
C VAL A 152 31.03 -35.44 -14.17
N PRO A 153 30.68 -36.35 -15.09
CA PRO A 153 31.24 -36.36 -16.45
C PRO A 153 30.91 -35.10 -17.27
N GLU A 154 29.83 -34.41 -16.89
CA GLU A 154 29.40 -33.20 -17.60
C GLU A 154 30.24 -31.98 -17.22
N SER A 155 31.11 -32.13 -16.23
CA SER A 155 31.94 -31.02 -15.75
C SER A 155 33.34 -31.00 -16.37
N ASN A 156 34.02 -29.86 -16.25
CA ASN A 156 35.37 -29.71 -16.78
C ASN A 156 36.44 -29.93 -15.70
N GLY A 157 36.00 -30.37 -14.53
CA GLY A 157 36.91 -30.64 -13.42
C GLY A 157 37.29 -29.43 -12.59
N ARG A 158 36.70 -28.27 -12.89
CA ARG A 158 37.00 -27.03 -12.14
C ARG A 158 35.82 -26.63 -11.26
N VAL A 159 36.10 -26.38 -9.98
CA VAL A 159 35.05 -26.02 -9.03
C VAL A 159 35.26 -24.63 -8.41
N GLY A 160 34.17 -23.88 -8.31
CA GLY A 160 34.19 -22.57 -7.69
C GLY A 160 33.26 -22.63 -6.48
N MET A 161 33.64 -21.99 -5.39
CA MET A 161 32.82 -22.01 -4.19
C MET A 161 32.33 -20.64 -3.80
N THR A 162 31.07 -20.57 -3.38
CA THR A 162 30.45 -19.33 -2.94
C THR A 162 29.36 -19.61 -1.92
N GLY A 163 28.76 -18.56 -1.39
CA GLY A 163 27.70 -18.69 -0.40
C GLY A 163 27.73 -17.53 0.57
N SER A 164 26.57 -17.20 1.13
CA SER A 164 26.46 -16.09 2.08
C SER A 164 26.20 -16.54 3.51
N ALA A 165 26.74 -15.78 4.46
CA ALA A 165 26.59 -16.05 5.90
C ALA A 165 27.19 -17.40 6.30
N TYR A 166 26.35 -18.34 6.74
CA TYR A 166 26.83 -19.67 7.10
C TYR A 166 27.34 -20.37 5.85
N GLU A 167 26.72 -20.07 4.71
CA GLU A 167 27.14 -20.64 3.44
C GLU A 167 28.46 -20.00 3.01
N GLY A 168 28.79 -18.85 3.62
CA GLY A 168 30.04 -18.16 3.36
C GLY A 168 31.09 -18.70 4.29
N PHE A 169 30.64 -19.13 5.48
CA PHE A 169 31.51 -19.72 6.49
C PHE A 169 32.14 -21.02 5.96
N THR A 170 31.37 -21.79 5.21
CA THR A 170 31.86 -23.05 4.64
C THR A 170 32.91 -22.80 3.55
N VAL A 171 32.80 -21.66 2.87
CA VAL A 171 33.77 -21.28 1.85
C VAL A 171 35.11 -20.97 2.52
N VAL A 172 35.06 -20.16 3.58
CA VAL A 172 36.26 -19.79 4.33
C VAL A 172 36.95 -21.03 4.89
N MET A 173 36.14 -21.95 5.45
CA MET A 173 36.67 -23.19 6.01
C MET A 173 37.40 -23.99 4.94
N ALA A 174 36.83 -24.01 3.73
CA ALA A 174 37.44 -24.73 2.61
C ALA A 174 38.79 -24.12 2.21
N LEU A 175 38.88 -22.79 2.33
CA LEU A 175 40.10 -22.06 1.98
C LEU A 175 41.29 -22.35 2.90
N LEU A 176 41.02 -22.95 4.06
CA LEU A 176 42.08 -23.29 5.02
C LEU A 176 43.02 -24.35 4.44
N ASP A 177 42.47 -25.26 3.64
CA ASP A 177 43.23 -26.33 2.98
C ASP A 177 42.35 -26.91 1.87
N PRO A 178 42.31 -26.21 0.73
CA PRO A 178 41.44 -26.59 -0.39
C PRO A 178 41.99 -27.65 -1.32
N HIS A 179 41.06 -28.32 -2.01
CA HIS A 179 41.38 -29.33 -3.00
C HIS A 179 41.93 -28.59 -4.22
N PRO A 180 42.92 -29.17 -4.90
CA PRO A 180 43.52 -28.54 -6.09
C PRO A 180 42.51 -28.16 -7.18
N ALA A 181 41.34 -28.79 -7.20
CA ALA A 181 40.32 -28.49 -8.21
C ALA A 181 39.53 -27.20 -7.88
N LEU A 182 39.63 -26.72 -6.64
CA LEU A 182 38.98 -25.47 -6.25
C LEU A 182 39.80 -24.33 -6.82
N LYS A 183 39.32 -23.76 -7.93
CA LYS A 183 40.04 -22.71 -8.63
C LYS A 183 39.76 -21.28 -8.20
N VAL A 184 38.62 -21.06 -7.57
CA VAL A 184 38.22 -19.72 -7.16
C VAL A 184 37.18 -19.76 -6.03
N ALA A 185 37.16 -18.73 -5.20
CA ALA A 185 36.23 -18.67 -4.09
C ALA A 185 35.63 -17.28 -3.88
N ALA A 186 34.40 -17.24 -3.41
CA ALA A 186 33.71 -15.98 -3.15
C ALA A 186 32.84 -16.05 -1.90
N PRO A 187 33.46 -15.87 -0.73
CA PRO A 187 32.72 -15.86 0.54
C PRO A 187 31.89 -14.59 0.64
N GLU A 188 30.59 -14.73 0.84
CA GLU A 188 29.70 -13.58 0.95
C GLU A 188 29.23 -13.42 2.39
N SER A 189 29.42 -12.22 2.94
CA SER A 189 29.05 -11.92 4.34
C SER A 189 29.30 -13.14 5.24
N PRO A 190 30.53 -13.68 5.22
CA PRO A 190 30.83 -14.90 5.96
C PRO A 190 30.93 -14.75 7.47
N MET A 191 30.54 -15.80 8.17
CA MET A 191 30.65 -15.84 9.63
C MET A 191 32.12 -16.14 9.87
N VAL A 192 32.86 -15.14 10.33
CA VAL A 192 34.30 -15.28 10.53
C VAL A 192 34.70 -15.21 12.01
N ASP A 193 34.16 -14.24 12.74
CA ASP A 193 34.43 -14.10 14.16
C ASP A 193 33.14 -13.72 14.87
N GLY A 194 32.44 -14.74 15.37
CA GLY A 194 31.16 -14.55 16.05
C GLY A 194 31.19 -13.76 17.35
N TRP A 195 32.39 -13.51 17.88
CA TRP A 195 32.52 -12.77 19.13
C TRP A 195 32.90 -11.30 18.90
N MET A 196 33.87 -11.06 18.02
CA MET A 196 34.35 -9.70 17.75
C MET A 196 33.28 -8.80 17.11
N GLY A 197 32.59 -9.29 16.09
CA GLY A 197 31.58 -8.48 15.44
C GLY A 197 30.68 -9.15 14.42
N ASP A 198 30.51 -10.45 14.52
CA ASP A 198 29.62 -11.14 13.59
C ASP A 198 28.24 -11.44 14.20
N ASP A 199 27.88 -12.72 14.30
CA ASP A 199 26.53 -13.10 14.75
C ASP A 199 26.20 -13.10 16.25
N TRP A 200 27.11 -13.59 17.08
CA TRP A 200 26.81 -13.72 18.52
C TRP A 200 27.08 -12.49 19.40
N PHE A 201 28.22 -11.84 19.19
CA PHE A 201 28.58 -10.66 19.95
C PHE A 201 29.17 -9.58 19.06
N HIS A 202 29.17 -8.35 19.57
CA HIS A 202 29.82 -7.22 18.93
C HIS A 202 30.63 -6.61 20.06
N TYR A 203 31.95 -6.81 20.02
CA TYR A 203 32.85 -6.33 21.07
C TYR A 203 32.40 -6.79 22.46
N GLY A 204 31.91 -8.04 22.53
CA GLY A 204 31.46 -8.61 23.79
C GLY A 204 30.01 -8.39 24.16
N ALA A 205 29.31 -7.54 23.42
CA ALA A 205 27.89 -7.30 23.68
C ALA A 205 27.07 -8.37 22.97
N PHE A 206 26.33 -9.15 23.76
CA PHE A 206 25.55 -10.28 23.24
C PHE A 206 24.31 -9.91 22.43
N ARG A 207 24.17 -10.57 21.26
CA ARG A 207 23.03 -10.34 20.37
C ARG A 207 21.92 -11.38 20.65
N GLN A 208 20.82 -10.89 21.23
CA GLN A 208 19.71 -11.74 21.68
C GLN A 208 18.87 -12.47 20.61
N GLY A 209 19.10 -12.15 19.35
CA GLY A 209 18.39 -12.82 18.27
C GLY A 209 18.94 -14.23 18.06
N ALA A 210 20.08 -14.51 18.68
CA ALA A 210 20.75 -15.82 18.57
C ALA A 210 19.93 -16.96 19.18
N PHE A 211 19.14 -16.65 20.20
CA PHE A 211 18.33 -17.67 20.87
C PHE A 211 17.37 -18.39 19.93
N ASP A 212 16.65 -17.62 19.11
CA ASP A 212 15.72 -18.18 18.14
C ASP A 212 16.46 -19.02 17.12
N TYR A 213 17.63 -18.53 16.70
CA TYR A 213 18.47 -19.23 15.73
C TYR A 213 18.95 -20.58 16.27
N PHE A 214 19.28 -20.62 17.56
CA PHE A 214 19.75 -21.85 18.21
C PHE A 214 18.69 -22.94 18.19
N VAL A 215 17.48 -22.59 18.62
CA VAL A 215 16.37 -23.52 18.69
C VAL A 215 15.90 -23.93 17.29
N SER A 216 15.97 -23.00 16.34
CA SER A 216 15.54 -23.27 14.99
C SER A 216 16.51 -24.20 14.24
N GLN A 217 17.81 -24.06 14.52
CA GLN A 217 18.82 -24.84 13.82
C GLN A 217 19.33 -26.09 14.54
N MET A 218 19.16 -26.16 15.86
CA MET A 218 19.69 -27.29 16.61
C MET A 218 18.70 -28.18 17.36
N THR A 219 17.40 -28.00 17.09
CA THR A 219 16.39 -28.83 17.74
C THR A 219 16.34 -30.21 17.09
N ALA A 220 16.59 -30.24 15.78
CA ALA A 220 16.58 -31.49 15.03
C ALA A 220 17.55 -31.44 13.86
N ARG A 221 17.80 -32.61 13.26
CA ARG A 221 18.66 -32.71 12.09
C ARG A 221 18.09 -31.84 10.97
N GLY A 222 16.76 -31.90 10.83
CA GLY A 222 16.06 -31.11 9.84
C GLY A 222 15.57 -29.79 10.39
N GLY A 223 14.36 -29.40 9.98
CA GLY A 223 13.77 -28.13 10.42
C GLY A 223 13.33 -28.09 11.87
N GLY A 224 13.37 -26.90 12.45
CA GLY A 224 12.94 -26.69 13.82
C GLY A 224 11.97 -25.52 13.87
N ASN A 225 11.78 -24.97 15.07
CA ASN A 225 10.87 -23.84 15.25
C ASN A 225 11.48 -22.76 16.12
N ASP A 226 10.86 -21.59 16.14
CA ASP A 226 11.32 -20.48 16.96
C ASP A 226 10.82 -20.68 18.39
N ILE A 227 11.23 -19.80 19.29
CA ILE A 227 10.80 -19.89 20.68
C ILE A 227 9.45 -19.21 20.85
N PRO A 228 8.46 -19.97 21.36
CA PRO A 228 7.12 -19.42 21.62
C PRO A 228 7.20 -18.17 22.49
N ARG A 229 6.48 -17.12 22.11
CA ARG A 229 6.53 -15.86 22.85
C ARG A 229 5.28 -15.56 23.66
N ARG A 230 5.46 -14.78 24.72
CA ARG A 230 4.36 -14.37 25.57
C ARG A 230 3.75 -13.10 24.98
N ASP A 231 4.60 -12.13 24.65
CA ASP A 231 4.16 -10.84 24.12
C ASP A 231 4.57 -10.68 22.65
N ALA A 232 3.83 -9.83 21.93
CA ALA A 232 4.11 -9.56 20.52
C ALA A 232 5.39 -8.74 20.38
N ASP A 233 5.73 -8.02 21.45
CA ASP A 233 6.91 -7.16 21.48
C ASP A 233 8.07 -7.83 22.20
N ASP A 234 9.19 -8.01 21.51
CA ASP A 234 10.37 -8.64 22.12
C ASP A 234 11.08 -7.68 23.08
N TYR A 235 10.76 -6.40 22.96
CA TYR A 235 11.28 -5.40 23.89
C TYR A 235 10.69 -5.76 25.24
N THR A 236 9.40 -6.07 25.24
CA THR A 236 8.69 -6.47 26.45
C THR A 236 9.15 -7.86 26.93
N ASN A 237 9.19 -8.82 26.00
CA ASN A 237 9.59 -10.19 26.32
C ASN A 237 10.94 -10.32 27.03
N PHE A 238 11.97 -9.70 26.46
CA PHE A 238 13.30 -9.78 27.03
C PHE A 238 13.47 -8.96 28.30
N LEU A 239 12.80 -7.80 28.35
CA LEU A 239 12.87 -6.94 29.53
C LEU A 239 12.22 -7.60 30.74
N LYS A 240 11.08 -8.25 30.52
CA LYS A 240 10.35 -8.95 31.57
C LYS A 240 11.14 -10.16 32.08
N ALA A 241 11.84 -10.83 31.16
CA ALA A 241 12.65 -11.99 31.51
C ALA A 241 13.88 -11.59 32.32
N GLY A 242 14.36 -10.37 32.10
CA GLY A 242 15.51 -9.86 32.81
C GLY A 242 16.80 -10.03 32.02
N SER A 243 17.64 -10.94 32.46
CA SER A 243 18.91 -11.20 31.79
C SER A 243 18.71 -12.12 30.60
N ALA A 244 19.72 -12.19 29.73
CA ALA A 244 19.66 -13.05 28.55
C ALA A 244 19.65 -14.53 28.97
N GLY A 245 20.39 -14.85 30.03
CA GLY A 245 20.46 -16.20 30.54
C GLY A 245 19.14 -16.66 31.12
N SER A 246 18.37 -15.70 31.64
CA SER A 246 17.07 -16.00 32.22
C SER A 246 16.07 -16.32 31.09
N PHE A 247 16.19 -15.61 29.97
CA PHE A 247 15.33 -15.85 28.83
C PHE A 247 15.63 -17.22 28.24
N ALA A 248 16.92 -17.53 28.12
CA ALA A 248 17.37 -18.83 27.58
C ALA A 248 16.89 -20.00 28.44
N THR A 249 16.93 -19.82 29.76
CA THR A 249 16.47 -20.85 30.70
C THR A 249 14.98 -21.12 30.51
N GLN A 250 14.19 -20.05 30.47
CA GLN A 250 12.74 -20.16 30.28
C GLN A 250 12.40 -20.73 28.90
N ALA A 251 13.29 -20.53 27.94
CA ALA A 251 13.11 -21.02 26.58
C ALA A 251 13.48 -22.50 26.45
N GLY A 252 14.24 -23.01 27.43
CA GLY A 252 14.66 -24.39 27.42
C GLY A 252 16.02 -24.61 26.77
N LEU A 253 16.76 -23.52 26.61
CA LEU A 253 18.07 -23.60 25.95
C LEU A 253 19.21 -24.19 26.79
N ASP A 254 18.97 -24.35 28.09
CA ASP A 254 20.00 -24.90 28.99
C ASP A 254 20.37 -26.35 28.65
N GLN A 255 19.53 -27.02 27.87
CA GLN A 255 19.79 -28.40 27.47
C GLN A 255 20.47 -28.47 26.09
N TYR A 256 20.74 -27.30 25.49
CA TYR A 256 21.40 -27.23 24.19
C TYR A 256 22.91 -27.04 24.40
N PRO A 257 23.69 -28.04 23.97
CA PRO A 257 25.15 -28.03 24.15
C PRO A 257 25.87 -26.75 23.68
N PHE A 258 25.49 -26.20 22.53
CA PHE A 258 26.17 -24.97 22.06
C PHE A 258 25.94 -23.78 22.99
N TRP A 259 24.72 -23.66 23.53
CA TRP A 259 24.43 -22.57 24.45
C TRP A 259 25.21 -22.77 25.75
N GLN A 260 25.35 -24.04 26.17
CA GLN A 260 26.11 -24.36 27.37
C GLN A 260 27.56 -23.90 27.22
N ARG A 261 28.10 -24.04 26.01
CA ARG A 261 29.47 -23.62 25.71
C ARG A 261 29.57 -22.09 25.63
N MET A 262 28.60 -21.46 24.97
CA MET A 262 28.59 -20.01 24.84
C MET A 262 28.45 -19.34 26.21
N HIS A 263 27.54 -19.88 27.02
CA HIS A 263 27.28 -19.37 28.37
C HIS A 263 28.54 -19.44 29.25
N ALA A 264 29.34 -20.49 29.05
CA ALA A 264 30.56 -20.68 29.81
C ALA A 264 31.72 -19.82 29.29
N HIS A 265 31.55 -19.25 28.10
CA HIS A 265 32.59 -18.41 27.49
C HIS A 265 32.07 -17.03 27.05
N PRO A 266 31.73 -16.18 28.02
CA PRO A 266 31.23 -14.83 27.70
C PRO A 266 32.33 -13.91 27.17
N ALA A 267 33.57 -14.17 27.57
CA ALA A 267 34.70 -13.35 27.14
C ALA A 267 35.44 -13.97 25.95
N TYR A 268 36.28 -13.16 25.31
CA TYR A 268 37.05 -13.59 24.14
C TYR A 268 38.24 -14.46 24.54
N ASP A 269 37.97 -15.62 25.14
CA ASP A 269 39.04 -16.52 25.55
C ASP A 269 39.45 -17.49 24.43
N ALA A 270 40.13 -18.57 24.80
CA ALA A 270 40.60 -19.57 23.83
C ALA A 270 39.49 -20.17 22.96
N PHE A 271 38.29 -20.31 23.54
CA PHE A 271 37.15 -20.87 22.83
C PHE A 271 36.78 -20.05 21.58
N TRP A 272 36.81 -18.73 21.72
CA TRP A 272 36.48 -17.86 20.60
C TRP A 272 37.68 -17.52 19.73
N GLN A 273 38.85 -17.39 20.35
CA GLN A 273 40.09 -17.08 19.63
C GLN A 273 40.44 -18.20 18.65
N GLY A 274 40.18 -19.45 19.06
CA GLY A 274 40.44 -20.60 18.23
C GLY A 274 39.43 -20.74 17.08
N GLN A 275 38.47 -19.82 17.03
CA GLN A 275 37.45 -19.85 15.98
C GLN A 275 37.49 -18.60 15.10
N ALA A 276 38.48 -17.73 15.35
CA ALA A 276 38.65 -16.51 14.57
C ALA A 276 39.28 -16.87 13.22
N LEU A 277 38.42 -17.10 12.24
CA LEU A 277 38.86 -17.53 10.91
C LEU A 277 39.75 -16.54 10.15
N ASP A 278 39.58 -15.25 10.40
CA ASP A 278 40.40 -14.23 9.74
C ASP A 278 41.88 -14.39 10.09
N LYS A 279 42.15 -14.69 11.36
CA LYS A 279 43.51 -14.87 11.83
C LYS A 279 44.07 -16.22 11.39
N ILE A 280 43.24 -17.26 11.46
CA ILE A 280 43.66 -18.62 11.08
C ILE A 280 43.98 -18.73 9.59
N LEU A 281 43.10 -18.20 8.74
CA LEU A 281 43.31 -18.24 7.29
C LEU A 281 44.57 -17.50 6.85
N ALA A 282 44.84 -16.36 7.48
CA ALA A 282 46.02 -15.56 7.16
C ALA A 282 47.32 -16.31 7.45
N GLN A 283 47.27 -17.22 8.43
CA GLN A 283 48.44 -18.02 8.80
C GLN A 283 48.67 -19.18 7.83
N ARG A 284 47.62 -19.57 7.11
CA ARG A 284 47.71 -20.69 6.16
C ARG A 284 48.33 -20.33 4.82
N LYS A 285 48.43 -19.03 4.53
CA LYS A 285 48.99 -18.55 3.25
C LYS A 285 48.33 -19.21 2.04
N PRO A 286 47.04 -18.95 1.84
CA PRO A 286 46.28 -19.55 0.73
C PRO A 286 46.69 -18.98 -0.62
N THR A 287 46.47 -19.76 -1.70
CA THR A 287 46.85 -19.33 -3.04
C THR A 287 45.66 -19.30 -4.01
N VAL A 288 44.46 -19.55 -3.48
CA VAL A 288 43.26 -19.55 -4.29
C VAL A 288 42.71 -18.12 -4.44
N PRO A 289 42.47 -17.68 -5.67
CA PRO A 289 41.91 -16.34 -5.93
C PRO A 289 40.64 -16.13 -5.11
N MET A 290 40.57 -15.00 -4.41
CA MET A 290 39.42 -14.71 -3.56
C MET A 290 38.73 -13.40 -3.85
N LEU A 291 37.40 -13.43 -3.74
CA LEU A 291 36.58 -12.26 -3.91
C LEU A 291 35.73 -12.17 -2.63
N TRP A 292 36.08 -11.25 -1.74
CA TRP A 292 35.36 -11.08 -0.48
C TRP A 292 34.25 -10.07 -0.61
N GLU A 293 33.09 -10.39 -0.04
CA GLU A 293 31.94 -9.49 -0.14
C GLU A 293 31.13 -9.38 1.14
N GLN A 294 30.58 -8.19 1.36
CA GLN A 294 29.68 -7.92 2.47
C GLN A 294 28.93 -6.63 2.16
N GLY A 295 27.76 -6.46 2.76
CA GLY A 295 26.99 -5.25 2.56
C GLY A 295 27.51 -4.15 3.46
N LEU A 296 27.40 -2.90 3.01
CA LEU A 296 27.83 -1.76 3.81
C LEU A 296 26.91 -1.64 5.03
N TRP A 297 25.69 -2.15 4.89
CA TRP A 297 24.72 -2.15 5.97
C TRP A 297 24.38 -3.59 6.37
N ASP A 298 25.41 -4.43 6.44
CA ASP A 298 25.25 -5.84 6.83
C ASP A 298 24.89 -5.94 8.31
N GLN A 299 23.63 -6.21 8.58
CA GLN A 299 23.12 -6.29 9.95
C GLN A 299 23.35 -7.64 10.67
N GLU A 300 24.10 -8.53 10.05
CA GLU A 300 24.37 -9.84 10.66
C GLU A 300 25.85 -10.25 10.68
N ASP A 301 26.58 -9.92 9.62
CA ASP A 301 28.01 -10.27 9.54
C ASP A 301 28.85 -9.10 9.02
N MET A 302 28.95 -8.05 9.84
CA MET A 302 29.69 -6.84 9.48
C MET A 302 31.20 -6.99 9.62
N TRP A 303 31.64 -7.89 10.50
CA TRP A 303 33.07 -8.09 10.77
C TRP A 303 33.79 -8.94 9.73
N GLY A 304 33.22 -10.11 9.46
CA GLY A 304 33.77 -11.12 8.57
C GLY A 304 34.63 -10.79 7.35
N ALA A 305 33.98 -10.42 6.25
CA ALA A 305 34.67 -10.17 4.98
C ALA A 305 35.82 -9.16 5.02
N ILE A 306 35.56 -7.96 5.54
CA ILE A 306 36.59 -6.92 5.59
C ILE A 306 37.81 -7.30 6.44
N HIS A 307 37.58 -7.97 7.57
CA HIS A 307 38.69 -8.37 8.44
C HIS A 307 39.50 -9.54 7.90
N ALA A 308 38.83 -10.47 7.22
CA ALA A 308 39.51 -11.61 6.62
C ALA A 308 40.34 -11.12 5.42
N TRP A 309 39.75 -10.25 4.62
CA TRP A 309 40.42 -9.68 3.45
C TRP A 309 41.64 -8.86 3.86
N GLN A 310 41.47 -8.05 4.92
CA GLN A 310 42.56 -7.20 5.42
C GLN A 310 43.70 -8.01 6.02
N ALA A 311 43.38 -9.09 6.71
CA ALA A 311 44.39 -9.95 7.33
C ALA A 311 45.24 -10.63 6.25
N LEU A 312 44.61 -11.01 5.15
CA LEU A 312 45.30 -11.66 4.05
C LEU A 312 46.19 -10.66 3.32
N LYS A 313 45.72 -9.41 3.22
CA LYS A 313 46.47 -8.35 2.59
C LYS A 313 47.71 -8.03 3.44
N ASP A 314 47.53 -8.05 4.76
CA ASP A 314 48.62 -7.79 5.70
C ASP A 314 49.65 -8.91 5.68
N ALA A 315 49.20 -10.13 5.39
CA ALA A 315 50.08 -11.29 5.33
C ALA A 315 50.71 -11.46 3.94
N ASP A 316 50.47 -10.48 3.07
CA ASP A 316 51.00 -10.48 1.70
C ASP A 316 50.60 -11.75 0.93
N VAL A 317 49.30 -12.03 0.91
CA VAL A 317 48.77 -13.21 0.22
C VAL A 317 49.19 -13.22 -1.26
N LYS A 318 49.64 -14.39 -1.73
CA LYS A 318 50.08 -14.53 -3.12
C LYS A 318 48.96 -15.01 -4.02
N ALA A 319 47.86 -14.27 -4.04
CA ALA A 319 46.69 -14.60 -4.84
C ALA A 319 45.78 -13.39 -4.91
N PRO A 320 44.96 -13.30 -5.96
CA PRO A 320 43.99 -12.22 -6.08
C PRO A 320 43.17 -12.15 -4.79
N ASN A 321 43.05 -10.95 -4.23
CA ASN A 321 42.35 -10.74 -2.98
C ASN A 321 41.60 -9.41 -3.01
N THR A 322 40.37 -9.46 -3.51
CA THR A 322 39.56 -8.25 -3.67
C THR A 322 38.37 -8.19 -2.72
N LEU A 323 38.10 -7.00 -2.20
CA LEU A 323 36.97 -6.79 -1.31
C LEU A 323 35.87 -6.01 -2.04
N VAL A 324 34.64 -6.51 -1.95
CA VAL A 324 33.50 -5.83 -2.58
C VAL A 324 32.45 -5.50 -1.54
N MET A 325 32.03 -4.24 -1.51
CA MET A 325 30.99 -3.81 -0.59
C MET A 325 29.96 -2.94 -1.29
N GLY A 326 28.73 -3.43 -1.37
CA GLY A 326 27.65 -2.71 -2.01
C GLY A 326 26.70 -2.11 -0.99
N PRO A 327 25.72 -1.35 -1.47
CA PRO A 327 24.75 -0.69 -0.59
C PRO A 327 23.67 -1.69 -0.23
N TRP A 328 24.07 -2.76 0.43
CA TRP A 328 23.16 -3.84 0.75
C TRP A 328 23.05 -4.18 2.21
N ARG A 329 21.99 -4.90 2.54
CA ARG A 329 21.80 -5.42 3.88
C ARG A 329 22.43 -6.82 3.83
N HIS A 330 22.36 -7.56 4.94
CA HIS A 330 22.93 -8.90 5.00
C HIS A 330 22.41 -9.80 3.86
N SER A 331 23.37 -10.34 3.09
CA SER A 331 23.06 -11.24 1.96
C SER A 331 22.33 -10.55 0.79
N GLY A 332 22.23 -9.23 0.86
CA GLY A 332 21.56 -8.45 -0.18
C GLY A 332 22.16 -8.62 -1.56
N VAL A 333 23.42 -9.06 -1.61
CA VAL A 333 24.13 -9.28 -2.86
C VAL A 333 23.46 -10.34 -3.76
N ASN A 334 22.68 -11.22 -3.14
CA ASN A 334 22.03 -12.30 -3.89
C ASN A 334 20.58 -11.99 -4.27
N TYR A 335 20.20 -10.72 -4.15
CA TYR A 335 18.84 -10.31 -4.49
C TYR A 335 18.84 -9.02 -5.31
N ASN A 336 17.91 -8.12 -5.03
CA ASN A 336 17.83 -6.85 -5.74
C ASN A 336 18.42 -5.73 -4.89
N GLY A 337 19.41 -5.02 -5.44
CA GLY A 337 20.08 -3.96 -4.70
C GLY A 337 19.71 -2.55 -5.15
N SER A 338 18.47 -2.37 -5.60
CA SER A 338 17.99 -1.07 -6.06
C SER A 338 17.63 -0.15 -4.90
N THR A 339 17.17 -0.75 -3.80
CA THR A 339 16.75 0.00 -2.62
C THR A 339 17.15 -0.68 -1.31
N LEU A 340 16.98 0.06 -0.22
CA LEU A 340 17.22 -0.42 1.13
C LEU A 340 16.49 0.54 2.05
N GLY A 341 15.40 0.06 2.65
CA GLY A 341 14.58 0.93 3.48
C GLY A 341 14.02 2.02 2.58
N PRO A 342 14.18 3.27 2.98
CA PRO A 342 13.72 4.41 2.16
C PRO A 342 14.76 4.87 1.14
N LEU A 343 15.96 4.28 1.19
CA LEU A 343 17.04 4.66 0.29
C LEU A 343 16.88 4.09 -1.11
N GLU A 344 17.32 4.86 -2.11
CA GLU A 344 17.26 4.44 -3.49
C GLU A 344 18.63 4.60 -4.13
N PHE A 345 19.10 3.54 -4.77
CA PHE A 345 20.42 3.56 -5.40
C PHE A 345 20.30 3.56 -6.91
N GLU A 346 21.43 3.71 -7.61
CA GLU A 346 21.40 3.77 -9.07
C GLU A 346 21.33 2.39 -9.72
N GLY A 347 20.10 1.89 -9.86
CA GLY A 347 19.87 0.60 -10.49
C GLY A 347 20.05 -0.57 -9.54
N ASP A 348 19.88 -1.77 -10.06
CA ASP A 348 20.05 -2.98 -9.28
C ASP A 348 21.54 -3.21 -9.05
N THR A 349 22.07 -2.60 -7.98
CA THR A 349 23.49 -2.70 -7.66
C THR A 349 23.98 -4.12 -7.44
N ALA A 350 23.10 -4.98 -6.93
CA ALA A 350 23.45 -6.38 -6.69
C ALA A 350 23.65 -7.12 -8.01
N HIS A 351 22.71 -6.96 -8.94
CA HIS A 351 22.80 -7.59 -10.25
C HIS A 351 24.01 -7.05 -11.02
N GLN A 352 24.26 -5.75 -10.89
CA GLN A 352 25.41 -5.11 -11.53
C GLN A 352 26.71 -5.80 -11.13
N TYR A 353 26.89 -6.02 -9.82
CA TYR A 353 28.08 -6.68 -9.30
C TYR A 353 28.19 -8.13 -9.78
N ARG A 354 27.08 -8.87 -9.66
CA ARG A 354 27.04 -10.27 -10.08
C ARG A 354 27.42 -10.45 -11.55
N ARG A 355 26.89 -9.56 -12.40
CA ARG A 355 27.12 -9.62 -13.84
C ARG A 355 28.49 -9.08 -14.29
N ASP A 356 28.89 -7.93 -13.74
CA ASP A 356 30.13 -7.27 -14.17
C ASP A 356 31.41 -7.65 -13.44
N VAL A 357 31.29 -8.17 -12.22
CA VAL A 357 32.48 -8.53 -11.44
C VAL A 357 32.53 -10.01 -11.05
N PHE A 358 31.51 -10.45 -10.31
CA PHE A 358 31.41 -11.82 -9.81
C PHE A 358 31.57 -12.87 -10.91
N ARG A 359 30.70 -12.81 -11.91
CA ARG A 359 30.72 -13.77 -13.02
C ARG A 359 32.05 -13.83 -13.82
N PRO A 360 32.52 -12.69 -14.35
CA PRO A 360 33.78 -12.65 -15.10
C PRO A 360 34.98 -13.14 -14.29
N PHE A 361 35.01 -12.83 -13.00
CA PHE A 361 36.09 -13.26 -12.10
C PHE A 361 36.11 -14.78 -12.01
N PHE A 362 34.93 -15.38 -11.84
CA PHE A 362 34.80 -16.83 -11.75
C PHE A 362 35.11 -17.49 -13.09
N ASP A 363 34.66 -16.88 -14.18
CA ASP A 363 34.89 -17.40 -15.53
C ASP A 363 36.38 -17.53 -15.86
N GLU A 364 37.17 -16.56 -15.39
CA GLU A 364 38.61 -16.57 -15.65
C GLU A 364 39.30 -17.86 -15.20
N TYR A 365 38.91 -18.34 -14.03
CA TYR A 365 39.51 -19.54 -13.46
C TYR A 365 38.71 -20.83 -13.65
N LEU A 366 37.43 -20.71 -13.98
CA LEU A 366 36.58 -21.89 -14.15
C LEU A 366 36.30 -22.25 -15.61
N LYS A 367 36.45 -21.28 -16.51
CA LYS A 367 36.24 -21.53 -17.93
C LYS A 367 37.50 -21.16 -18.71
N PRO A 368 38.40 -22.12 -18.89
CA PRO A 368 39.67 -21.89 -19.61
C PRO A 368 39.41 -21.22 -20.96
N GLY A 369 40.22 -20.21 -21.27
CA GLY A 369 40.06 -19.48 -22.52
C GLY A 369 39.31 -18.17 -22.33
N SER A 370 38.76 -17.98 -21.12
CA SER A 370 38.02 -16.76 -20.80
C SER A 370 38.97 -15.59 -20.57
N ALA A 371 38.47 -14.39 -20.81
CA ALA A 371 39.25 -13.18 -20.62
C ALA A 371 39.67 -13.04 -19.16
N SER A 372 40.87 -12.53 -18.95
CA SER A 372 41.37 -12.34 -17.60
C SER A 372 40.90 -10.99 -17.07
N VAL A 373 40.60 -10.94 -15.78
CA VAL A 373 40.19 -9.69 -15.15
C VAL A 373 41.24 -9.26 -14.15
N HIS A 374 41.45 -7.96 -14.05
CA HIS A 374 42.43 -7.42 -13.12
C HIS A 374 41.72 -6.51 -12.14
N LEU A 375 41.20 -7.10 -11.08
CA LEU A 375 40.46 -6.39 -10.05
C LEU A 375 41.39 -5.62 -9.12
N PRO A 376 40.92 -4.48 -8.62
CA PRO A 376 41.70 -3.66 -7.69
C PRO A 376 41.59 -4.21 -6.28
N ASP A 377 42.11 -3.47 -5.31
CA ASP A 377 42.06 -3.87 -3.90
C ASP A 377 40.61 -4.00 -3.45
N ALA A 378 39.80 -2.99 -3.79
CA ALA A 378 38.42 -2.98 -3.39
C ALA A 378 37.48 -2.29 -4.38
N ILE A 379 36.28 -2.83 -4.47
CA ILE A 379 35.24 -2.26 -5.31
C ILE A 379 34.11 -1.93 -4.35
N ILE A 380 33.90 -0.64 -4.09
CA ILE A 380 32.90 -0.22 -3.14
C ILE A 380 31.95 0.81 -3.69
N TYR A 381 30.67 0.62 -3.43
CA TYR A 381 29.65 1.55 -3.88
C TYR A 381 29.72 2.79 -3.02
N ASN A 382 29.59 3.96 -3.65
CA ASN A 382 29.61 5.21 -2.92
C ASN A 382 28.19 5.61 -2.55
N THR A 383 27.90 5.57 -1.24
CA THR A 383 26.56 5.90 -0.76
C THR A 383 26.24 7.40 -0.80
N GLY A 384 27.21 8.19 -1.25
CA GLY A 384 27.03 9.63 -1.40
C GLY A 384 26.97 9.99 -2.87
N ASP A 385 27.96 9.52 -3.63
CA ASP A 385 28.06 9.80 -5.06
C ASP A 385 27.10 8.95 -5.90
N GLN A 386 26.63 7.84 -5.32
CA GLN A 386 25.72 6.91 -5.98
C GLN A 386 26.37 6.28 -7.23
N LYS A 387 27.57 5.74 -7.06
CA LYS A 387 28.31 5.09 -8.13
C LYS A 387 29.33 4.12 -7.57
N TRP A 388 29.78 3.19 -8.41
CA TRP A 388 30.77 2.20 -7.99
C TRP A 388 32.18 2.79 -8.04
N ASP A 389 32.92 2.67 -6.94
CA ASP A 389 34.29 3.15 -6.87
C ASP A 389 35.26 1.99 -7.01
N TYR A 390 36.28 2.16 -7.86
CA TYR A 390 37.31 1.14 -8.04
C TYR A 390 38.59 1.67 -7.43
N TYR A 391 39.00 1.09 -6.29
CA TYR A 391 40.18 1.54 -5.58
C TYR A 391 41.37 0.60 -5.73
N ARG A 392 42.37 1.02 -6.52
CA ARG A 392 43.57 0.23 -6.75
C ARG A 392 44.23 -0.16 -5.42
N SER A 393 44.35 0.83 -4.54
CA SER A 393 44.90 0.63 -3.20
C SER A 393 43.86 1.12 -2.20
N TRP A 394 43.44 0.24 -1.30
CA TRP A 394 42.43 0.58 -0.30
C TRP A 394 42.65 -0.13 1.04
N PRO A 395 42.48 0.58 2.15
CA PRO A 395 42.12 2.01 2.14
C PRO A 395 43.34 2.90 1.92
N SER A 396 43.11 4.16 1.58
CA SER A 396 44.20 5.10 1.36
C SER A 396 44.56 5.80 2.67
N VAL A 397 43.66 5.71 3.64
CA VAL A 397 43.87 6.30 4.95
C VAL A 397 43.46 5.36 6.08
N CYS A 398 44.28 5.32 7.13
CA CYS A 398 44.02 4.52 8.33
C CYS A 398 44.99 4.92 9.43
N GLU A 399 44.96 4.20 10.55
CA GLU A 399 45.81 4.53 11.71
C GLU A 399 47.32 4.32 11.47
N SER A 400 47.68 3.21 10.84
CA SER A 400 49.10 2.92 10.59
C SER A 400 49.35 2.17 9.28
N ASN A 401 50.50 2.48 8.66
CA ASN A 401 50.93 1.84 7.41
C ASN A 401 50.09 2.17 6.17
N CYS A 402 49.45 3.33 6.18
CA CYS A 402 48.67 3.79 5.04
C CYS A 402 49.29 5.06 4.48
N THR A 403 48.87 5.44 3.28
CA THR A 403 49.39 6.66 2.63
C THR A 403 49.15 7.90 3.49
N GLY A 404 47.97 7.96 4.12
CA GLY A 404 47.62 9.08 4.97
C GLY A 404 46.97 8.60 6.25
N GLY A 405 46.86 9.50 7.22
CA GLY A 405 46.24 9.17 8.50
C GLY A 405 44.77 9.55 8.52
N LEU A 406 44.10 9.24 9.63
CA LEU A 406 42.70 9.56 9.79
C LEU A 406 42.52 11.02 10.22
N THR A 407 41.32 11.54 10.00
CA THR A 407 40.99 12.93 10.35
C THR A 407 39.93 12.96 11.44
N PRO A 408 40.32 13.40 12.63
CA PRO A 408 39.40 13.44 13.77
C PRO A 408 38.31 14.50 13.64
N LEU A 409 37.08 14.09 13.93
CA LEU A 409 35.94 15.00 13.97
C LEU A 409 35.56 15.05 15.43
N TYR A 410 35.95 16.12 16.10
CA TYR A 410 35.78 16.28 17.53
C TYR A 410 34.41 16.70 18.00
N LEU A 411 34.03 16.18 19.17
CA LEU A 411 32.81 16.59 19.83
C LEU A 411 33.17 17.94 20.43
N ALA A 412 32.23 18.88 20.42
CA ALA A 412 32.51 20.22 20.93
C ALA A 412 31.39 20.74 21.82
N ASP A 413 31.57 21.95 22.34
CA ASP A 413 30.56 22.57 23.19
C ASP A 413 29.32 22.93 22.37
N GLY A 414 28.18 23.03 23.04
CA GLY A 414 26.92 23.33 22.36
C GLY A 414 26.47 22.17 21.49
N HIS A 415 26.89 20.96 21.87
CA HIS A 415 26.56 19.73 21.13
C HIS A 415 26.93 19.84 19.64
N GLY A 416 28.10 20.37 19.38
CA GLY A 416 28.57 20.53 18.01
C GLY A 416 29.67 19.55 17.66
N LEU A 417 30.09 19.60 16.39
CA LEU A 417 31.17 18.76 15.89
C LEU A 417 32.10 19.65 15.09
N SER A 418 33.39 19.53 15.33
CA SER A 418 34.36 20.34 14.64
C SER A 418 35.61 19.57 14.26
N PHE A 419 36.19 19.93 13.11
CA PHE A 419 37.43 19.30 12.65
C PHE A 419 38.62 19.97 13.34
N THR A 420 38.34 21.04 14.09
CA THR A 420 39.35 21.75 14.85
C THR A 420 39.34 21.25 16.29
N HIS A 421 40.50 20.81 16.78
CA HIS A 421 40.64 20.31 18.15
C HIS A 421 40.26 21.41 19.14
N PRO A 422 39.17 21.20 19.88
CA PRO A 422 38.71 22.19 20.86
C PRO A 422 39.65 22.25 22.04
N ALA A 423 40.14 23.44 22.34
CA ALA A 423 41.04 23.63 23.47
C ALA A 423 40.28 23.54 24.79
N ALA A 424 39.06 24.06 24.79
CA ALA A 424 38.21 24.06 25.98
C ALA A 424 37.82 22.66 26.43
N ASP A 425 37.94 22.41 27.73
CA ASP A 425 37.57 21.13 28.32
C ASP A 425 36.14 21.17 28.80
N GLY A 426 35.37 20.14 28.47
CA GLY A 426 33.98 20.07 28.89
C GLY A 426 33.44 18.65 28.85
N ALA A 427 32.21 18.48 29.29
CA ALA A 427 31.57 17.18 29.30
C ALA A 427 30.06 17.28 29.27
N ASP A 428 29.43 16.35 28.56
CA ASP A 428 27.98 16.28 28.49
C ASP A 428 27.57 14.97 29.14
N SER A 429 26.53 15.02 29.95
CA SER A 429 26.10 13.82 30.65
C SER A 429 24.67 13.40 30.32
N TYR A 430 24.43 12.09 30.46
CA TYR A 430 23.11 11.53 30.26
C TYR A 430 22.93 10.35 31.21
N VAL A 431 21.69 10.12 31.63
CA VAL A 431 21.42 9.05 32.57
C VAL A 431 20.99 7.78 31.83
N SER A 432 21.70 6.69 32.08
CA SER A 432 21.39 5.40 31.46
C SER A 432 20.63 4.53 32.46
N ASP A 433 19.36 4.28 32.15
CA ASP A 433 18.48 3.51 33.02
C ASP A 433 18.11 2.15 32.39
N PRO A 434 18.62 1.07 32.97
CA PRO A 434 18.36 -0.29 32.46
C PRO A 434 16.87 -0.69 32.46
N ALA A 435 16.05 0.01 33.24
CA ALA A 435 14.61 -0.28 33.27
C ALA A 435 13.92 0.33 32.05
N HIS A 436 14.61 1.27 31.40
CA HIS A 436 14.11 1.92 30.20
C HIS A 436 15.20 2.01 29.13
N PRO A 437 15.61 0.85 28.59
CA PRO A 437 16.68 0.81 27.57
C PRO A 437 16.21 1.42 26.25
N VAL A 438 17.15 1.93 25.47
CA VAL A 438 16.83 2.56 24.19
C VAL A 438 16.52 1.50 23.13
N PRO A 439 15.33 1.57 22.55
CA PRO A 439 14.93 0.64 21.48
C PRO A 439 15.86 0.81 20.28
N PHE A 440 16.48 -0.27 19.81
CA PHE A 440 17.39 -0.16 18.64
C PHE A 440 16.61 0.27 17.39
N ILE A 441 15.33 -0.13 17.35
CA ILE A 441 14.37 0.32 16.33
C ILE A 441 13.04 0.47 17.06
N SER A 442 12.15 1.29 16.51
CA SER A 442 10.85 1.58 17.13
C SER A 442 10.05 0.37 17.59
N ARG A 443 9.44 0.51 18.77
CA ARG A 443 8.57 -0.52 19.34
C ARG A 443 7.24 -0.48 18.59
N PRO A 444 6.55 -1.61 18.48
CA PRO A 444 7.04 -2.89 18.99
C PRO A 444 7.91 -3.61 17.98
N PHE A 445 8.81 -4.45 18.46
CA PHE A 445 9.67 -5.23 17.58
C PHE A 445 9.85 -6.64 18.08
N ALA A 446 9.68 -7.59 17.18
CA ALA A 446 9.89 -8.99 17.49
C ALA A 446 10.93 -9.50 16.51
N PHE A 447 11.81 -10.37 16.96
CA PHE A 447 12.86 -10.91 16.09
C PHE A 447 12.27 -11.68 14.90
N ALA A 448 11.01 -12.08 15.02
CA ALA A 448 10.31 -12.81 13.96
C ALA A 448 9.92 -11.89 12.78
N GLN A 449 9.94 -10.57 13.02
CA GLN A 449 9.60 -9.59 11.98
C GLN A 449 10.79 -9.32 11.06
N SER A 450 11.01 -10.21 10.09
CA SER A 450 12.12 -10.10 9.15
C SER A 450 12.12 -8.79 8.34
N SER A 451 10.93 -8.31 8.00
CA SER A 451 10.80 -7.08 7.22
C SER A 451 11.34 -5.84 7.94
N ARG A 452 11.32 -5.86 9.26
CA ARG A 452 11.81 -4.75 10.06
C ARG A 452 13.28 -4.95 10.45
N TRP A 453 13.69 -6.21 10.57
CA TRP A 453 15.06 -6.54 10.94
C TRP A 453 16.07 -6.28 9.82
N LYS A 454 15.75 -6.75 8.61
CA LYS A 454 16.65 -6.63 7.45
C LYS A 454 17.26 -5.22 7.18
N PRO A 455 16.44 -4.18 7.08
CA PRO A 455 16.94 -2.83 6.81
C PRO A 455 17.05 -1.96 8.07
N TRP A 456 17.22 -2.57 9.24
CA TRP A 456 17.26 -1.79 10.48
C TRP A 456 18.42 -0.77 10.58
N LEU A 457 19.54 -1.07 9.93
CA LEU A 457 20.72 -0.19 9.99
C LEU A 457 20.57 1.16 9.26
N VAL A 458 19.55 1.30 8.42
CA VAL A 458 19.33 2.56 7.70
C VAL A 458 18.16 3.39 8.24
N GLN A 459 17.58 2.93 9.34
CA GLN A 459 16.43 3.61 9.95
C GLN A 459 16.79 4.98 10.55
N ASP A 460 15.81 5.88 10.53
CA ASP A 460 15.95 7.24 11.07
C ASP A 460 16.28 7.21 12.56
N GLN A 461 17.31 7.96 12.95
CA GLN A 461 17.74 8.00 14.36
C GLN A 461 17.15 9.17 15.15
N ARG A 462 16.11 9.80 14.61
CA ARG A 462 15.48 10.95 15.27
C ARG A 462 14.77 10.58 16.58
N GLU A 463 14.25 9.36 16.67
CA GLU A 463 13.59 8.90 17.88
C GLU A 463 14.58 8.87 19.05
N ALA A 464 15.77 8.32 18.80
CA ALA A 464 16.82 8.26 19.80
C ALA A 464 17.27 9.66 20.21
N GLU A 465 17.41 10.55 19.22
CA GLU A 465 17.83 11.93 19.47
C GLU A 465 16.92 12.64 20.46
N SER A 466 15.61 12.37 20.37
CA SER A 466 14.61 12.99 21.23
C SER A 466 14.64 12.50 22.70
N ARG A 467 15.45 11.49 22.98
CA ARG A 467 15.54 10.91 24.32
C ARG A 467 16.63 11.54 25.19
N PRO A 468 16.36 11.67 26.50
CA PRO A 468 17.34 12.23 27.43
C PRO A 468 18.48 11.24 27.75
N ASP A 469 18.33 9.97 27.40
CA ASP A 469 19.37 8.97 27.65
C ASP A 469 20.25 8.74 26.41
N VAL A 470 20.27 9.73 25.53
CA VAL A 470 21.08 9.70 24.32
C VAL A 470 21.65 11.11 24.13
N VAL A 471 22.95 11.21 23.82
CA VAL A 471 23.56 12.52 23.55
C VAL A 471 23.84 12.64 22.07
N THR A 472 23.46 13.78 21.50
CA THR A 472 23.60 14.01 20.07
C THR A 472 24.44 15.23 19.74
N TYR A 473 25.35 15.06 18.79
CA TYR A 473 26.24 16.13 18.33
C TYR A 473 26.11 16.25 16.83
N GLU A 474 26.29 17.45 16.30
CA GLU A 474 26.19 17.66 14.86
C GLU A 474 27.00 18.86 14.39
N THR A 475 27.45 18.81 13.15
CA THR A 475 28.18 19.93 12.55
C THR A 475 27.14 20.92 12.09
N GLU A 476 27.60 22.08 11.66
CA GLU A 476 26.71 23.07 11.09
C GLU A 476 26.36 22.53 9.71
N VAL A 477 25.33 23.09 9.09
CA VAL A 477 24.95 22.67 7.74
C VAL A 477 26.17 22.83 6.84
N LEU A 478 26.55 21.76 6.14
CA LEU A 478 27.75 21.76 5.30
C LEU A 478 27.68 22.67 4.07
N ASP A 479 28.73 23.47 3.88
CA ASP A 479 28.84 24.36 2.73
C ASP A 479 29.71 23.72 1.66
N GLU A 480 30.48 22.71 2.07
CA GLU A 480 31.35 21.97 1.17
C GLU A 480 31.24 20.48 1.52
N PRO A 481 31.26 19.62 0.51
CA PRO A 481 31.14 18.17 0.75
C PRO A 481 32.34 17.58 1.49
N VAL A 482 32.08 16.54 2.28
CA VAL A 482 33.12 15.83 3.01
C VAL A 482 33.10 14.38 2.57
N ARG A 483 34.18 13.95 1.91
CA ARG A 483 34.27 12.58 1.41
C ARG A 483 35.02 11.69 2.37
N VAL A 484 34.46 10.51 2.65
CA VAL A 484 35.08 9.55 3.53
C VAL A 484 35.17 8.19 2.86
N SER A 485 36.28 7.50 3.05
CA SER A 485 36.49 6.18 2.46
C SER A 485 37.47 5.38 3.29
N GLY A 486 36.93 4.43 4.06
CA GLY A 486 37.75 3.61 4.91
C GLY A 486 37.04 3.21 6.18
N VAL A 487 37.80 2.95 7.23
CA VAL A 487 37.25 2.52 8.50
C VAL A 487 37.33 3.62 9.56
N PRO A 488 36.16 4.09 10.01
CA PRO A 488 36.11 5.10 11.06
C PRO A 488 36.45 4.47 12.39
N VAL A 489 37.06 5.24 13.28
CA VAL A 489 37.44 4.72 14.59
C VAL A 489 36.87 5.60 15.68
N ALA A 490 36.14 4.99 16.61
CA ALA A 490 35.58 5.72 17.73
C ALA A 490 36.68 5.93 18.77
N ASP A 491 37.03 7.20 19.01
CA ASP A 491 38.04 7.56 20.00
C ASP A 491 37.27 8.19 21.15
N LEU A 492 36.76 7.35 22.03
CA LEU A 492 35.87 7.78 23.10
C LEU A 492 36.49 7.93 24.49
N PHE A 493 36.21 9.06 25.12
CA PHE A 493 36.64 9.34 26.48
C PHE A 493 35.35 9.48 27.27
N ALA A 494 34.97 8.41 27.95
CA ALA A 494 33.70 8.38 28.67
C ALA A 494 33.80 7.87 30.09
N ALA A 495 32.94 8.41 30.94
CA ALA A 495 32.88 8.02 32.33
C ALA A 495 31.48 7.54 32.68
N THR A 496 31.40 6.60 33.61
CA THR A 496 30.13 6.11 34.10
C THR A 496 30.20 6.06 35.62
N SER A 497 29.09 6.34 36.29
CA SER A 497 29.05 6.28 37.75
C SER A 497 28.99 4.83 38.23
N GLY A 498 28.77 3.90 37.29
CA GLY A 498 28.71 2.48 37.59
C GLY A 498 30.07 1.81 37.46
N THR A 499 30.10 0.49 37.50
CA THR A 499 31.37 -0.25 37.39
C THR A 499 31.44 -1.06 36.08
N ASP A 500 30.47 -0.81 35.20
CA ASP A 500 30.41 -1.44 33.88
C ASP A 500 29.49 -0.57 33.03
N SER A 501 29.57 -0.73 31.70
CA SER A 501 28.73 0.05 30.79
C SER A 501 28.98 -0.32 29.35
N ASP A 502 27.96 -0.15 28.52
CA ASP A 502 28.08 -0.36 27.10
C ASP A 502 28.15 1.02 26.47
N TRP A 503 28.84 1.12 25.35
CA TRP A 503 28.95 2.40 24.66
C TRP A 503 28.59 2.25 23.19
N VAL A 504 27.46 2.83 22.82
CA VAL A 504 26.99 2.79 21.44
C VAL A 504 27.38 4.10 20.77
N VAL A 505 28.06 4.01 19.63
CA VAL A 505 28.48 5.18 18.89
C VAL A 505 27.94 5.13 17.47
N LYS A 506 27.25 6.19 17.05
CA LYS A 506 26.68 6.24 15.70
C LYS A 506 27.21 7.40 14.86
N LEU A 507 27.64 7.09 13.64
CA LEU A 507 28.07 8.11 12.70
C LEU A 507 26.90 8.30 11.75
N ILE A 508 26.33 9.50 11.75
CA ILE A 508 25.12 9.77 10.99
C ILE A 508 25.23 10.87 9.94
N ASP A 509 24.52 10.68 8.83
CA ASP A 509 24.44 11.67 7.79
C ASP A 509 23.04 12.25 7.87
N VAL A 510 22.94 13.51 8.27
CA VAL A 510 21.66 14.18 8.35
C VAL A 510 21.33 14.74 6.99
N GLN A 511 20.21 14.30 6.42
CA GLN A 511 19.79 14.79 5.11
C GLN A 511 19.39 16.26 5.23
N PRO A 512 19.36 16.98 4.11
CA PRO A 512 18.98 18.40 4.11
C PRO A 512 17.66 18.61 4.87
N ALA A 513 17.56 19.73 5.58
CA ALA A 513 16.37 20.05 6.37
C ALA A 513 15.09 19.79 5.59
N MET A 514 15.11 20.10 4.30
CA MET A 514 13.99 19.83 3.41
C MET A 514 14.51 19.12 2.17
N THR A 515 13.80 18.08 1.75
CA THR A 515 14.12 17.35 0.53
C THR A 515 12.84 17.36 -0.31
N PRO A 516 12.61 18.46 -1.02
CA PRO A 516 11.36 18.68 -1.78
C PRO A 516 11.02 17.62 -2.84
N ASP A 517 12.03 16.94 -3.40
CA ASP A 517 11.78 15.91 -4.41
C ASP A 517 11.35 14.58 -3.77
N ASP A 518 11.53 14.47 -2.45
CA ASP A 518 11.16 13.28 -1.66
C ASP A 518 11.02 13.75 -0.21
N PRO A 519 9.91 14.45 0.07
CA PRO A 519 9.67 15.10 1.38
C PRO A 519 9.97 14.31 2.66
N LYS A 520 9.69 13.00 2.66
CA LYS A 520 9.92 12.18 3.84
C LYS A 520 11.37 12.10 4.33
N MET A 521 12.32 12.44 3.46
CA MET A 521 13.75 12.38 3.82
C MET A 521 14.30 13.66 4.48
N GLY A 522 13.47 14.69 4.60
CA GLY A 522 13.89 15.95 5.19
C GLY A 522 14.34 15.82 6.64
N GLY A 523 15.61 16.13 6.89
CA GLY A 523 16.17 16.06 8.25
C GLY A 523 16.40 14.64 8.74
N TYR A 524 16.15 13.66 7.86
CA TYR A 524 16.33 12.24 8.18
C TYR A 524 17.75 11.99 8.66
N GLU A 525 17.86 11.31 9.80
CA GLU A 525 19.17 11.00 10.36
C GLU A 525 19.58 9.57 10.00
N LEU A 526 20.29 9.48 8.88
CA LEU A 526 20.74 8.20 8.33
C LEU A 526 22.10 7.76 8.86
N PRO A 527 22.13 6.63 9.55
CA PRO A 527 23.38 6.09 10.07
C PRO A 527 24.15 5.41 8.97
N VAL A 528 25.40 5.81 8.77
CA VAL A 528 26.24 5.20 7.75
C VAL A 528 27.18 4.19 8.41
N SER A 529 27.35 4.30 9.73
CA SER A 529 28.23 3.42 10.49
C SER A 529 27.98 3.53 11.99
N MET A 530 27.64 2.41 12.62
CA MET A 530 27.43 2.39 14.08
C MET A 530 27.76 1.05 14.71
N ASP A 531 28.16 1.07 15.98
CA ASP A 531 28.47 -0.15 16.72
C ASP A 531 28.44 0.05 18.24
N ILE A 532 28.51 -1.06 18.96
CA ILE A 532 28.47 -1.06 20.41
C ILE A 532 29.75 -1.70 20.97
N PHE A 533 30.20 -1.19 22.12
CA PHE A 533 31.38 -1.72 22.79
C PHE A 533 31.04 -2.01 24.25
N ARG A 534 31.31 -3.23 24.69
CA ARG A 534 31.06 -3.61 26.09
C ARG A 534 32.26 -3.20 26.94
N GLY A 535 32.07 -2.14 27.73
CA GLY A 535 33.10 -1.53 28.57
C GLY A 535 34.05 -2.39 29.37
N ARG A 536 33.56 -3.51 29.90
CA ARG A 536 34.39 -4.41 30.71
C ARG A 536 35.61 -4.95 29.94
N TYR A 537 35.56 -4.87 28.61
CA TYR A 537 36.64 -5.37 27.77
C TYR A 537 37.59 -4.27 27.29
N ARG A 538 37.50 -3.10 27.91
CA ARG A 538 38.32 -1.94 27.53
C ARG A 538 39.82 -2.24 27.44
N LYS A 539 40.35 -2.92 28.44
CA LYS A 539 41.78 -3.24 28.47
C LYS A 539 42.14 -4.57 27.81
N ASP A 540 41.22 -5.54 27.88
CA ASP A 540 41.47 -6.87 27.32
C ASP A 540 40.16 -7.59 27.03
N PHE A 541 40.00 -8.03 25.78
CA PHE A 541 38.80 -8.75 25.35
C PHE A 541 38.69 -10.11 26.05
N ALA A 542 39.83 -10.69 26.41
CA ALA A 542 39.88 -12.01 27.05
C ALA A 542 39.76 -11.92 28.58
N LYS A 543 40.13 -10.77 29.14
CA LYS A 543 40.07 -10.58 30.60
C LYS A 543 39.24 -9.36 30.99
N PRO A 544 37.93 -9.55 31.18
CA PRO A 544 37.04 -8.45 31.57
C PRO A 544 37.45 -7.84 32.90
N GLU A 545 37.34 -6.51 32.99
CA GLU A 545 37.72 -5.78 34.19
C GLU A 545 36.66 -4.76 34.54
N ALA A 546 36.47 -4.53 35.84
CA ALA A 546 35.50 -3.55 36.32
C ALA A 546 35.98 -2.13 36.01
N LEU A 547 35.04 -1.23 35.73
CA LEU A 547 35.38 0.15 35.45
C LEU A 547 35.38 0.94 36.76
N GLN A 548 36.24 1.96 36.83
CA GLN A 548 36.30 2.81 38.01
C GLN A 548 35.20 3.85 37.88
N PRO A 549 34.34 3.93 38.89
CA PRO A 549 33.21 4.88 38.89
C PRO A 549 33.66 6.33 38.71
N ASP A 550 32.98 7.04 37.79
CA ASP A 550 33.26 8.46 37.51
C ASP A 550 34.62 8.76 36.88
N ALA A 551 35.32 7.71 36.45
CA ALA A 551 36.62 7.87 35.82
C ALA A 551 36.46 8.00 34.31
N THR A 552 37.03 9.04 33.73
CA THR A 552 36.99 9.22 32.29
C THR A 552 37.97 8.23 31.70
N LEU A 553 37.45 7.22 31.01
CA LEU A 553 38.28 6.17 30.44
C LEU A 553 38.32 6.21 28.91
N HIS A 554 39.46 5.81 28.36
CA HIS A 554 39.70 5.83 26.92
C HIS A 554 39.25 4.54 26.21
N TYR A 555 38.30 4.69 25.28
CA TYR A 555 37.81 3.58 24.48
C TYR A 555 38.21 3.84 23.03
N HIS A 556 38.75 2.81 22.37
CA HIS A 556 39.25 2.94 21.02
C HIS A 556 38.87 1.72 20.21
N PHE A 557 37.88 1.86 19.32
CA PHE A 557 37.41 0.72 18.52
C PHE A 557 36.92 1.10 17.13
N THR A 558 37.21 0.24 16.17
CA THR A 558 36.80 0.45 14.78
C THR A 558 35.31 0.30 14.59
N LEU A 559 34.77 1.06 13.66
CA LEU A 559 33.35 1.03 13.33
C LEU A 559 33.22 0.49 11.91
N PRO A 560 31.99 0.11 11.50
CA PRO A 560 31.76 -0.38 10.14
C PRO A 560 32.33 0.57 9.08
N ALA A 561 32.89 0.00 8.02
CA ALA A 561 33.50 0.78 6.95
C ALA A 561 32.53 1.74 6.26
N VAL A 562 33.08 2.81 5.67
CA VAL A 562 32.29 3.78 4.96
C VAL A 562 32.94 4.17 3.64
N ASN A 563 32.11 4.54 2.69
CA ASN A 563 32.51 5.03 1.38
C ASN A 563 31.36 5.93 1.04
N HIS A 564 31.39 7.12 1.61
CA HIS A 564 30.28 8.04 1.55
C HIS A 564 30.73 9.46 1.30
N VAL A 565 29.78 10.30 0.94
CA VAL A 565 30.03 11.72 0.76
C VAL A 565 28.95 12.47 1.49
N PHE A 566 29.33 13.26 2.49
CA PHE A 566 28.38 14.10 3.20
C PHE A 566 28.27 15.35 2.35
N ALA A 567 27.18 15.44 1.57
CA ALA A 567 27.00 16.54 0.61
C ALA A 567 26.59 17.89 1.22
N LYS A 568 26.59 18.93 0.37
CA LYS A 568 26.18 20.27 0.78
C LYS A 568 24.74 20.22 1.25
N GLY A 569 24.45 20.93 2.34
CA GLY A 569 23.10 20.94 2.89
C GLY A 569 22.89 19.88 3.95
N HIS A 570 23.76 18.87 3.96
CA HIS A 570 23.70 17.79 4.94
C HIS A 570 24.48 18.21 6.19
N ARG A 571 24.49 17.32 7.18
CA ARG A 571 25.24 17.52 8.41
C ARG A 571 25.87 16.20 8.77
N ILE A 572 26.98 16.24 9.48
CA ILE A 572 27.56 15.01 10.02
C ILE A 572 27.07 14.99 11.45
N MET A 573 26.59 13.84 11.91
CA MET A 573 26.07 13.74 13.27
C MET A 573 26.65 12.54 14.00
N VAL A 574 26.80 12.68 15.31
CA VAL A 574 27.29 11.61 16.16
C VAL A 574 26.29 11.44 17.31
N GLN A 575 25.89 10.20 17.56
CA GLN A 575 25.00 9.89 18.66
C GLN A 575 25.65 8.87 19.56
N ILE A 576 25.56 9.09 20.88
CA ILE A 576 26.12 8.18 21.85
C ILE A 576 25.06 7.80 22.89
N GLN A 577 24.96 6.50 23.18
CA GLN A 577 24.01 5.97 24.16
C GLN A 577 24.59 4.73 24.82
N SER A 578 23.91 4.19 25.83
CA SER A 578 24.43 3.03 26.56
C SER A 578 23.57 1.77 26.56
N SER A 579 22.58 1.74 25.66
CA SER A 579 21.71 0.57 25.49
C SER A 579 21.22 0.51 24.05
N TRP A 580 20.85 -0.69 23.60
CA TRP A 580 20.40 -0.94 22.22
C TRP A 580 19.53 -2.20 22.30
N PHE A 581 18.31 -2.01 22.81
CA PHE A 581 17.38 -3.10 23.13
C PHE A 581 16.25 -3.32 22.11
N PRO A 582 15.81 -4.58 21.92
CA PRO A 582 16.37 -5.75 22.61
C PRO A 582 17.45 -6.51 21.83
N LEU A 583 18.03 -5.90 20.78
CA LEU A 583 19.08 -6.57 20.01
C LEU A 583 20.23 -7.01 20.92
N TYR A 584 20.73 -6.08 21.72
CA TYR A 584 21.80 -6.39 22.66
C TYR A 584 21.27 -6.46 24.08
N ASP A 585 21.72 -7.45 24.86
CA ASP A 585 21.27 -7.55 26.23
C ASP A 585 21.79 -6.33 27.01
N ARG A 586 21.04 -5.92 28.03
CA ARG A 586 21.40 -4.74 28.80
C ARG A 586 22.61 -4.96 29.68
N ASN A 587 23.50 -3.98 29.70
CA ASN A 587 24.64 -4.01 30.59
C ASN A 587 24.06 -3.58 31.93
N PRO A 588 24.26 -4.38 32.98
CA PRO A 588 23.73 -4.07 34.31
C PRO A 588 24.30 -2.77 34.89
N GLN A 589 25.43 -2.33 34.34
CA GLN A 589 26.12 -1.12 34.78
C GLN A 589 26.73 -1.29 36.18
N LYS A 590 26.88 -2.56 36.55
CA LYS A 590 27.51 -2.98 37.78
C LYS A 590 28.28 -4.21 37.36
N PHE A 591 29.57 -4.24 37.64
CA PHE A 591 30.40 -5.37 37.24
C PHE A 591 30.04 -6.70 37.90
N VAL A 592 29.57 -7.63 37.08
CA VAL A 592 29.24 -8.98 37.53
C VAL A 592 30.13 -9.95 36.74
N PRO A 593 30.45 -11.10 37.32
CA PRO A 593 31.29 -12.10 36.65
C PRO A 593 30.76 -12.51 35.26
N ASN A 594 29.45 -12.70 35.15
CA ASN A 594 28.83 -13.10 33.90
C ASN A 594 27.51 -12.36 33.69
N ILE A 595 27.48 -11.45 32.70
CA ILE A 595 26.29 -10.65 32.41
C ILE A 595 25.07 -11.51 31.99
N PHE A 596 25.35 -12.71 31.48
CA PHE A 596 24.29 -13.65 31.09
C PHE A 596 23.43 -13.99 32.31
N ASP A 597 24.08 -14.10 33.47
CA ASP A 597 23.40 -14.47 34.72
C ASP A 597 23.16 -13.31 35.67
N ALA A 598 23.06 -12.09 35.13
CA ALA A 598 22.81 -10.92 35.98
C ALA A 598 21.48 -11.05 36.70
N LYS A 599 21.46 -10.67 37.97
CA LYS A 599 20.26 -10.74 38.80
C LYS A 599 19.52 -9.40 38.79
N PRO A 600 18.21 -9.43 39.08
CA PRO A 600 17.39 -8.20 39.11
C PRO A 600 18.04 -7.04 39.90
N ALA A 601 18.67 -7.36 41.03
CA ALA A 601 19.31 -6.34 41.87
C ALA A 601 20.62 -5.78 41.29
N ASP A 602 21.19 -6.47 40.30
CA ASP A 602 22.44 -6.04 39.67
C ASP A 602 22.27 -4.82 38.76
N TYR A 603 21.10 -4.74 38.11
CA TYR A 603 20.81 -3.64 37.18
C TYR A 603 20.77 -2.30 37.91
N THR A 604 21.68 -1.42 37.53
CA THR A 604 21.84 -0.13 38.19
C THR A 604 21.77 1.07 37.27
N VAL A 605 21.02 2.08 37.71
CA VAL A 605 20.91 3.33 36.97
C VAL A 605 22.26 4.03 37.10
N ALA A 606 22.76 4.57 36.00
CA ALA A 606 24.05 5.25 36.03
C ALA A 606 24.07 6.55 35.25
N THR A 607 24.97 7.45 35.66
CA THR A 607 25.13 8.72 34.98
C THR A 607 26.37 8.62 34.10
N GLN A 608 26.18 8.83 32.79
CA GLN A 608 27.28 8.76 31.85
C GLN A 608 27.76 10.14 31.48
N SER A 609 29.08 10.30 31.35
CA SER A 609 29.65 11.59 30.98
C SER A 609 30.63 11.45 29.82
N ILE A 610 30.38 12.19 28.75
CA ILE A 610 31.25 12.15 27.57
C ILE A 610 32.09 13.42 27.55
N HIS A 611 33.40 13.26 27.67
CA HIS A 611 34.30 14.41 27.67
C HIS A 611 34.62 14.87 26.26
N HIS A 612 34.71 16.18 26.08
CA HIS A 612 35.09 16.75 24.79
C HIS A 612 36.15 17.83 24.98
N GLY A 613 37.07 17.91 24.02
CA GLY A 613 38.14 18.89 24.06
C GLY A 613 39.29 18.49 24.97
N GLY A 614 40.37 19.26 24.90
CA GLY A 614 41.54 19.03 25.74
C GLY A 614 42.27 17.73 25.45
N LYS A 615 42.85 17.14 26.50
CA LYS A 615 43.61 15.90 26.37
C LYS A 615 42.72 14.66 26.26
N GLU A 616 41.44 14.82 26.55
CA GLU A 616 40.48 13.72 26.46
C GLU A 616 39.37 14.10 25.48
N ALA A 617 39.79 14.56 24.31
CA ALA A 617 38.87 15.02 23.28
C ALA A 617 38.22 13.89 22.49
N THR A 618 37.01 13.52 22.89
CA THR A 618 36.27 12.47 22.19
C THR A 618 36.05 12.88 20.75
N SER A 619 36.19 11.92 19.85
CA SER A 619 36.01 12.17 18.43
C SER A 619 35.83 10.88 17.67
N ILE A 620 35.48 11.03 16.39
CA ILE A 620 35.40 9.90 15.49
C ILE A 620 36.54 10.11 14.53
N LEU A 621 37.47 9.18 14.50
CA LEU A 621 38.59 9.27 13.57
C LEU A 621 38.06 8.90 12.19
N LEU A 622 37.75 9.92 11.39
CA LEU A 622 37.17 9.73 10.06
C LEU A 622 38.19 9.50 8.96
N PRO A 623 37.91 8.55 8.07
CA PRO A 623 38.79 8.29 6.93
C PRO A 623 38.52 9.29 5.80
N VAL A 624 38.74 10.58 6.10
CA VAL A 624 38.51 11.64 5.12
C VAL A 624 39.52 11.57 3.98
N VAL A 625 39.02 11.65 2.75
CA VAL A 625 39.87 11.63 1.56
C VAL A 625 39.57 12.85 0.69
N LYS A 626 40.50 13.17 -0.21
CA LYS A 626 40.33 14.32 -1.11
C LYS A 626 39.52 13.94 -2.34
N HIS B 10 -11.47 52.10 25.03
CA HIS B 10 -11.51 50.62 25.19
C HIS B 10 -10.13 49.98 25.02
N ASP B 11 -9.89 48.91 25.77
CA ASP B 11 -8.62 48.18 25.72
C ASP B 11 -8.55 47.32 24.46
N PRO B 12 -7.63 47.65 23.54
CA PRO B 12 -7.47 46.92 22.28
C PRO B 12 -6.93 45.49 22.46
N LEU B 13 -6.36 45.19 23.62
CA LEU B 13 -5.82 43.86 23.89
C LEU B 13 -6.90 42.90 24.40
N SER B 14 -8.12 43.42 24.56
CA SER B 14 -9.25 42.63 25.03
C SER B 14 -10.47 42.85 24.12
N VAL B 15 -10.67 44.11 23.73
CA VAL B 15 -11.82 44.48 22.91
C VAL B 15 -11.42 44.81 21.47
N GLN B 16 -11.92 44.01 20.53
CA GLN B 16 -11.65 44.22 19.12
C GLN B 16 -12.91 44.67 18.39
N THR B 17 -12.95 45.95 18.00
CA THR B 17 -14.09 46.50 17.28
C THR B 17 -13.74 46.72 15.83
N GLY B 18 -12.55 46.28 15.44
CA GLY B 18 -12.07 46.38 14.08
C GLY B 18 -11.92 45.00 13.46
N SER B 19 -10.92 44.85 12.59
CA SER B 19 -10.68 43.58 11.91
C SER B 19 -9.39 42.90 12.36
N ASP B 20 -9.45 41.57 12.47
CA ASP B 20 -8.29 40.77 12.87
C ASP B 20 -7.36 40.49 11.69
N ILE B 21 -7.79 40.91 10.49
CA ILE B 21 -6.99 40.74 9.30
C ILE B 21 -6.18 42.02 9.08
N PRO B 22 -4.86 41.91 9.13
CA PRO B 22 -3.97 43.06 8.94
C PRO B 22 -4.16 43.71 7.58
N ALA B 23 -4.15 45.03 7.53
CA ALA B 23 -4.33 45.78 6.28
C ALA B 23 -3.20 45.44 5.31
N SER B 24 -1.97 45.42 5.82
CA SER B 24 -0.80 45.08 5.02
C SER B 24 0.06 44.06 5.77
N VAL B 25 0.41 42.99 5.09
CA VAL B 25 1.22 41.93 5.69
C VAL B 25 2.67 41.99 5.22
N HIS B 26 3.58 42.20 6.16
CA HIS B 26 5.01 42.25 5.86
C HIS B 26 5.74 41.13 6.59
N MET B 27 5.80 39.97 5.94
CA MET B 27 6.46 38.79 6.53
C MET B 27 7.98 38.93 6.59
N PRO B 28 8.55 38.60 7.76
CA PRO B 28 9.99 38.68 7.97
C PRO B 28 10.73 37.41 7.51
N THR B 29 9.99 36.43 6.98
CA THR B 29 10.58 35.18 6.50
C THR B 29 11.26 35.39 5.14
N ASP B 30 11.12 36.59 4.59
CA ASP B 30 11.71 36.95 3.31
C ASP B 30 13.23 37.11 3.43
N GLN B 31 13.68 37.45 4.65
CA GLN B 31 15.11 37.64 4.92
C GLN B 31 15.79 36.32 5.30
N GLN B 32 14.99 35.27 5.45
CA GLN B 32 15.49 33.94 5.80
C GLN B 32 15.72 33.08 4.55
N ARG B 33 15.33 33.62 3.39
CA ARG B 33 15.47 32.90 2.12
C ARG B 33 16.85 33.03 1.52
N ASP B 34 17.21 32.07 0.65
CA ASP B 34 18.49 32.10 -0.05
C ASP B 34 18.26 32.58 -1.49
N TYR B 35 17.13 33.24 -1.72
CA TYR B 35 16.77 33.74 -3.04
C TYR B 35 15.91 34.99 -2.93
N ILE B 36 15.81 35.70 -4.05
CA ILE B 36 15.00 36.90 -4.15
C ILE B 36 14.01 36.67 -5.29
N LYS B 37 12.75 37.04 -5.07
CA LYS B 37 11.73 36.89 -6.10
C LYS B 37 11.27 38.26 -6.58
N ARG B 38 11.31 38.45 -7.90
CA ARG B 38 10.91 39.71 -8.50
C ARG B 38 9.73 39.52 -9.45
N GLU B 39 8.69 40.33 -9.27
CA GLU B 39 7.49 40.28 -10.11
C GLU B 39 7.42 41.53 -10.99
N VAL B 40 7.36 41.34 -12.29
CA VAL B 40 7.31 42.48 -13.21
C VAL B 40 6.36 42.27 -14.38
N MET B 41 5.77 43.37 -14.84
CA MET B 41 4.89 43.36 -16.00
C MET B 41 5.73 43.84 -17.18
N VAL B 42 6.23 42.89 -17.97
CA VAL B 42 7.08 43.21 -19.12
C VAL B 42 6.24 43.61 -20.34
N PRO B 43 6.46 44.83 -20.84
CA PRO B 43 5.72 45.34 -21.99
C PRO B 43 6.20 44.77 -23.32
N MET B 44 5.26 44.32 -24.14
CA MET B 44 5.58 43.82 -25.47
C MET B 44 5.57 45.00 -26.44
N ARG B 45 5.93 44.76 -27.69
CA ARG B 45 5.97 45.84 -28.70
C ARG B 45 4.61 46.51 -28.96
N ASP B 46 3.52 45.80 -28.67
CA ASP B 46 2.17 46.35 -28.89
C ASP B 46 1.56 46.98 -27.64
N GLY B 47 2.34 47.06 -26.56
CA GLY B 47 1.87 47.67 -25.32
C GLY B 47 1.32 46.68 -24.31
N VAL B 48 1.03 45.47 -24.75
CA VAL B 48 0.51 44.43 -23.87
C VAL B 48 1.59 43.96 -22.89
N LYS B 49 1.26 43.95 -21.60
CA LYS B 49 2.23 43.55 -20.56
C LYS B 49 2.07 42.09 -20.12
N LEU B 50 3.19 41.41 -19.95
CA LEU B 50 3.20 40.02 -19.53
C LEU B 50 3.77 39.85 -18.12
N TYR B 51 3.06 39.10 -17.29
CA TYR B 51 3.48 38.85 -15.91
C TYR B 51 4.71 37.96 -15.90
N THR B 52 5.78 38.48 -15.30
CA THR B 52 7.07 37.79 -15.28
C THR B 52 7.62 37.61 -13.87
N VAL B 53 7.95 36.37 -13.52
CA VAL B 53 8.52 36.05 -12.21
C VAL B 53 9.99 35.75 -12.37
N ILE B 54 10.83 36.49 -11.65
CA ILE B 54 12.27 36.32 -11.72
C ILE B 54 12.80 35.85 -10.36
N VAL B 55 13.37 34.65 -10.34
CA VAL B 55 13.93 34.09 -9.12
C VAL B 55 15.45 34.14 -9.18
N ILE B 56 16.03 34.95 -8.30
CA ILE B 56 17.48 35.16 -8.27
C ILE B 56 18.08 34.65 -6.97
N PRO B 57 19.09 33.78 -7.06
CA PRO B 57 19.78 33.27 -5.87
C PRO B 57 20.42 34.43 -5.12
N LYS B 58 20.44 34.34 -3.78
CA LYS B 58 21.01 35.41 -2.95
C LYS B 58 22.43 35.78 -3.39
N ASN B 59 22.68 37.09 -3.46
CA ASN B 59 23.97 37.64 -3.90
C ASN B 59 24.60 36.96 -5.13
N ALA B 60 23.76 36.65 -6.11
CA ALA B 60 24.22 36.03 -7.34
C ALA B 60 24.46 37.13 -8.37
N ARG B 61 25.67 37.17 -8.90
CA ARG B 61 26.04 38.16 -9.91
C ARG B 61 26.61 37.45 -11.12
N ASN B 62 26.42 38.04 -12.30
CA ASN B 62 26.90 37.47 -13.56
C ASN B 62 26.38 36.06 -13.78
N ALA B 63 25.11 35.85 -13.44
CA ALA B 63 24.48 34.54 -13.57
C ALA B 63 23.63 34.46 -14.84
N PRO B 64 23.65 33.30 -15.49
CA PRO B 64 22.84 33.09 -16.69
C PRO B 64 21.36 32.98 -16.34
N ILE B 65 20.49 33.22 -17.31
CA ILE B 65 19.06 33.15 -17.09
C ILE B 65 18.44 31.94 -17.78
N LEU B 66 17.62 31.19 -17.05
CA LEU B 66 16.88 30.07 -17.61
C LEU B 66 15.42 30.52 -17.71
N LEU B 67 14.92 30.65 -18.93
CA LEU B 67 13.57 31.16 -19.15
C LEU B 67 12.55 30.14 -19.67
N THR B 68 11.34 30.23 -19.13
CA THR B 68 10.22 29.38 -19.55
C THR B 68 8.96 30.24 -19.66
N ARG B 69 8.28 30.14 -20.80
CA ARG B 69 7.04 30.88 -21.02
C ARG B 69 5.90 29.87 -20.93
N THR B 70 4.93 30.13 -20.05
CA THR B 70 3.88 29.15 -19.77
C THR B 70 2.42 29.66 -19.71
N PRO B 71 1.49 28.78 -20.08
CA PRO B 71 0.06 29.06 -19.93
C PRO B 71 -0.45 28.41 -18.63
N TYR B 72 0.48 27.95 -17.78
CA TYR B 72 0.12 27.25 -16.54
C TYR B 72 0.42 28.01 -15.24
N ASN B 73 0.22 29.33 -15.27
CA ASN B 73 0.41 30.17 -14.07
C ASN B 73 1.86 30.25 -13.57
N ALA B 74 2.59 31.25 -14.08
CA ALA B 74 4.00 31.46 -13.72
C ALA B 74 4.22 31.59 -12.20
N LYS B 75 3.31 32.30 -11.54
CA LYS B 75 3.39 32.50 -10.11
C LYS B 75 3.37 31.16 -9.38
N GLY B 76 2.54 30.23 -9.85
CA GLY B 76 2.44 28.91 -9.26
C GLY B 76 3.60 28.00 -9.64
N ARG B 77 4.09 28.14 -10.87
CA ARG B 77 5.21 27.34 -11.35
C ARG B 77 6.46 27.59 -10.52
N ALA B 78 6.66 28.86 -10.14
CA ALA B 78 7.81 29.26 -9.34
C ALA B 78 7.50 29.21 -7.84
N ASN B 79 6.50 28.40 -7.49
CA ASN B 79 6.08 28.23 -6.10
C ASN B 79 5.77 26.77 -5.81
N ARG B 80 6.64 25.86 -6.26
CA ARG B 80 6.45 24.42 -6.03
C ARG B 80 6.06 24.20 -4.57
N VAL B 81 6.84 24.80 -3.67
CA VAL B 81 6.53 24.84 -2.26
C VAL B 81 6.30 26.33 -2.02
N PRO B 82 5.04 26.73 -1.88
CA PRO B 82 4.66 28.14 -1.72
C PRO B 82 5.54 28.93 -0.74
N ASN B 83 6.18 29.98 -1.25
CA ASN B 83 7.03 30.86 -0.43
C ASN B 83 8.06 30.13 0.42
N ALA B 84 8.65 29.08 -0.14
CA ALA B 84 9.65 28.27 0.56
C ALA B 84 10.86 29.08 0.99
N LEU B 85 11.59 28.58 1.98
CA LEU B 85 12.77 29.25 2.48
C LEU B 85 13.98 29.04 1.57
N THR B 86 13.93 28.02 0.72
CA THR B 86 15.04 27.77 -0.22
C THR B 86 14.58 27.76 -1.67
N MET B 87 15.46 28.18 -2.56
CA MET B 87 15.20 28.21 -3.99
C MET B 87 14.93 26.80 -4.51
N ARG B 88 15.63 25.83 -3.91
CA ARG B 88 15.48 24.43 -4.29
C ARG B 88 14.03 23.96 -4.17
N GLU B 89 13.37 24.35 -3.07
CA GLU B 89 11.96 23.97 -2.84
C GLU B 89 11.01 24.79 -3.70
N VAL B 90 11.29 26.08 -3.81
CA VAL B 90 10.41 27.00 -4.55
C VAL B 90 10.29 26.69 -6.05
N LEU B 91 11.36 26.14 -6.62
CA LEU B 91 11.38 25.81 -8.04
C LEU B 91 11.07 24.32 -8.27
N PRO B 92 10.59 23.99 -9.47
CA PRO B 92 10.28 22.59 -9.82
C PRO B 92 11.45 21.64 -9.67
N GLN B 93 11.15 20.35 -9.58
CA GLN B 93 12.16 19.31 -9.46
C GLN B 93 13.11 19.33 -10.66
N GLY B 94 12.58 19.59 -11.85
CA GLY B 94 13.36 19.64 -13.08
C GLY B 94 14.38 20.77 -13.15
N ASP B 95 14.28 21.71 -12.22
CA ASP B 95 15.19 22.85 -12.17
C ASP B 95 16.37 22.59 -11.22
N ASP B 96 16.37 21.42 -10.58
CA ASP B 96 17.41 21.07 -9.59
C ASP B 96 18.85 21.40 -10.00
N VAL B 97 19.26 20.95 -11.19
CA VAL B 97 20.63 21.16 -11.67
C VAL B 97 20.96 22.63 -11.92
N PHE B 98 19.94 23.43 -12.24
CA PHE B 98 20.13 24.84 -12.50
C PHE B 98 20.15 25.66 -11.20
N VAL B 99 19.46 25.14 -10.17
CA VAL B 99 19.48 25.78 -8.86
C VAL B 99 20.90 25.58 -8.30
N GLU B 100 21.42 24.36 -8.48
CA GLU B 100 22.77 24.02 -8.04
C GLU B 100 23.83 24.83 -8.80
N GLY B 101 23.51 25.18 -10.04
CA GLY B 101 24.42 25.96 -10.88
C GLY B 101 24.34 27.46 -10.68
N GLY B 102 23.45 27.89 -9.79
CA GLY B 102 23.30 29.32 -9.49
C GLY B 102 22.64 30.13 -10.60
N TYR B 103 21.81 29.48 -11.40
CA TYR B 103 21.11 30.16 -12.50
C TYR B 103 19.99 31.04 -11.96
N ILE B 104 19.64 32.06 -12.74
CA ILE B 104 18.51 32.90 -12.40
C ILE B 104 17.34 32.26 -13.15
N ARG B 105 16.26 31.95 -12.44
CA ARG B 105 15.10 31.31 -13.06
C ARG B 105 14.00 32.31 -13.37
N VAL B 106 13.46 32.22 -14.58
CA VAL B 106 12.38 33.10 -15.00
C VAL B 106 11.20 32.32 -15.56
N PHE B 107 10.01 32.58 -15.01
CA PHE B 107 8.78 31.97 -15.48
C PHE B 107 7.87 33.12 -15.89
N GLN B 108 7.30 33.04 -17.09
CA GLN B 108 6.44 34.11 -17.57
C GLN B 108 5.10 33.61 -18.10
N ASP B 109 4.02 34.30 -17.73
CA ASP B 109 2.70 33.97 -18.22
C ASP B 109 2.63 34.44 -19.64
N ILE B 110 2.25 33.55 -20.56
CA ILE B 110 2.14 33.94 -21.96
C ILE B 110 0.96 34.90 -22.13
N ARG B 111 0.94 35.60 -23.25
CA ARG B 111 -0.10 36.56 -23.57
C ARG B 111 -1.51 35.97 -23.38
N GLY B 112 -2.33 36.67 -22.60
CA GLY B 112 -3.70 36.27 -22.37
C GLY B 112 -3.97 35.28 -21.24
N LYS B 113 -2.94 34.88 -20.51
CA LYS B 113 -3.12 33.92 -19.41
C LYS B 113 -2.70 34.44 -18.04
N TYR B 114 -3.49 34.08 -17.03
CA TYR B 114 -3.25 34.45 -15.63
C TYR B 114 -2.90 35.92 -15.39
N GLY B 115 -1.67 36.21 -14.98
CA GLY B 115 -1.27 37.57 -14.69
C GLY B 115 -1.02 38.46 -15.91
N SER B 116 -0.96 37.85 -17.09
CA SER B 116 -0.68 38.60 -18.32
C SER B 116 -1.92 39.23 -18.97
N GLN B 117 -1.71 40.35 -19.65
CA GLN B 117 -2.76 41.04 -20.37
C GLN B 117 -2.84 40.46 -21.78
N GLY B 118 -3.75 40.99 -22.59
CA GLY B 118 -3.90 40.55 -23.97
C GLY B 118 -4.91 39.44 -24.18
N ASP B 119 -5.10 39.09 -25.45
CA ASP B 119 -6.03 38.03 -25.84
C ASP B 119 -5.32 36.69 -25.88
N TYR B 120 -6.00 35.66 -25.41
CA TYR B 120 -5.42 34.33 -25.45
C TYR B 120 -5.90 33.55 -26.67
N VAL B 121 -4.96 32.99 -27.41
CA VAL B 121 -5.27 32.16 -28.56
C VAL B 121 -4.56 30.84 -28.35
N MET B 122 -5.33 29.75 -28.30
CA MET B 122 -4.78 28.41 -28.11
C MET B 122 -3.68 28.15 -29.13
N THR B 123 -2.49 27.79 -28.63
CA THR B 123 -1.31 27.57 -29.48
C THR B 123 -1.27 28.60 -30.60
N ARG B 124 -1.27 29.88 -30.20
CA ARG B 124 -1.26 30.99 -31.14
C ARG B 124 -0.33 30.75 -32.31
N PRO B 125 -0.90 30.72 -33.52
CA PRO B 125 -0.12 30.49 -34.74
C PRO B 125 0.91 31.58 -34.98
N PRO B 126 2.01 31.24 -35.63
CA PRO B 126 3.05 32.21 -35.97
C PRO B 126 2.53 33.20 -37.00
N HIS B 127 3.18 34.35 -37.13
CA HIS B 127 2.78 35.36 -38.10
C HIS B 127 2.64 34.72 -39.48
N GLY B 128 1.51 34.96 -40.12
CA GLY B 128 1.23 34.42 -41.43
C GLY B 128 -0.26 34.41 -41.72
N PRO B 129 -0.71 33.46 -42.54
CA PRO B 129 -2.12 33.36 -42.93
C PRO B 129 -3.08 33.15 -41.75
N LEU B 130 -2.60 32.56 -40.66
CA LEU B 130 -3.45 32.31 -39.49
C LEU B 130 -3.24 33.34 -38.36
N ASN B 131 -2.37 34.32 -38.61
CA ASN B 131 -2.07 35.39 -37.65
C ASN B 131 -1.53 36.61 -38.40
N PRO B 132 -2.42 37.50 -38.84
CA PRO B 132 -2.03 38.69 -39.58
C PRO B 132 -1.64 39.89 -38.70
N THR B 133 -1.61 39.69 -37.37
CA THR B 133 -1.24 40.78 -36.47
C THR B 133 0.27 41.00 -36.46
N LYS B 134 0.71 41.96 -35.65
CA LYS B 134 2.12 42.29 -35.57
C LYS B 134 2.86 41.50 -34.49
N THR B 135 2.12 40.69 -33.72
CA THR B 135 2.73 39.90 -32.66
C THR B 135 2.35 38.42 -32.70
N ASP B 136 3.20 37.62 -32.07
CA ASP B 136 2.99 36.17 -31.92
C ASP B 136 3.90 35.68 -30.79
N GLU B 137 3.95 34.38 -30.58
CA GLU B 137 4.79 33.83 -29.51
C GLU B 137 6.28 34.05 -29.76
N THR B 138 6.65 34.29 -31.02
CA THR B 138 8.04 34.54 -31.38
C THR B 138 8.47 35.95 -30.96
N THR B 139 7.66 36.96 -31.31
CA THR B 139 7.98 38.35 -30.94
C THR B 139 7.86 38.57 -29.44
N ASP B 140 6.92 37.88 -28.82
CA ASP B 140 6.72 37.97 -27.38
C ASP B 140 7.96 37.46 -26.64
N ALA B 141 8.56 36.40 -27.16
CA ALA B 141 9.77 35.84 -26.56
C ALA B 141 10.95 36.75 -26.85
N TRP B 142 10.95 37.37 -28.03
CA TRP B 142 11.99 38.30 -28.44
C TRP B 142 12.00 39.51 -27.51
N ASP B 143 10.82 40.11 -27.32
CA ASP B 143 10.67 41.28 -26.46
C ASP B 143 10.99 40.95 -25.00
N THR B 144 10.66 39.71 -24.60
CA THR B 144 10.92 39.26 -23.23
C THR B 144 12.43 39.17 -22.97
N VAL B 145 13.15 38.48 -23.87
CA VAL B 145 14.59 38.33 -23.73
C VAL B 145 15.29 39.70 -23.75
N ASP B 146 14.84 40.58 -24.64
CA ASP B 146 15.42 41.93 -24.74
C ASP B 146 15.27 42.70 -23.44
N TRP B 147 14.09 42.62 -22.84
CA TRP B 147 13.83 43.29 -21.56
C TRP B 147 14.67 42.70 -20.45
N LEU B 148 14.76 41.37 -20.43
CA LEU B 148 15.52 40.66 -19.40
C LEU B 148 16.99 41.03 -19.36
N VAL B 149 17.63 41.09 -20.52
CA VAL B 149 19.05 41.41 -20.60
C VAL B 149 19.36 42.89 -20.31
N HIS B 150 18.32 43.72 -20.33
CA HIS B 150 18.48 45.15 -20.07
C HIS B 150 17.95 45.56 -18.70
N ASN B 151 17.27 44.64 -18.01
CA ASN B 151 16.69 44.97 -16.70
C ASN B 151 16.99 44.01 -15.54
N VAL B 152 17.87 43.03 -15.79
CA VAL B 152 18.28 42.09 -14.74
C VAL B 152 19.81 42.20 -14.59
N PRO B 153 20.26 43.21 -13.85
CA PRO B 153 21.70 43.47 -13.67
C PRO B 153 22.45 42.37 -12.93
N GLU B 154 21.71 41.46 -12.27
CA GLU B 154 22.32 40.34 -11.56
C GLU B 154 22.74 39.26 -12.55
N SER B 155 22.25 39.37 -13.79
CA SER B 155 22.55 38.39 -14.83
C SER B 155 23.76 38.76 -15.68
N ASN B 156 24.22 37.82 -16.49
CA ASN B 156 25.35 38.03 -17.39
C ASN B 156 24.89 38.37 -18.81
N GLY B 157 23.58 38.56 -18.98
CA GLY B 157 23.01 38.91 -20.26
C GLY B 157 22.83 37.75 -21.23
N ARG B 158 22.99 36.53 -20.74
CA ARG B 158 22.86 35.34 -21.57
C ARG B 158 21.64 34.54 -21.13
N VAL B 159 20.76 34.24 -22.10
CA VAL B 159 19.52 33.53 -21.81
C VAL B 159 19.41 32.16 -22.46
N GLY B 160 18.97 31.19 -21.67
CA GLY B 160 18.73 29.85 -22.16
C GLY B 160 17.24 29.59 -22.00
N MET B 161 16.63 28.92 -22.97
CA MET B 161 15.20 28.65 -22.91
C MET B 161 14.89 27.16 -22.85
N THR B 162 13.93 26.80 -22.01
CA THR B 162 13.50 25.43 -21.88
C THR B 162 12.03 25.37 -21.43
N GLY B 163 11.49 24.16 -21.36
CA GLY B 163 10.12 23.96 -20.96
C GLY B 163 9.54 22.74 -21.65
N SER B 164 8.58 22.10 -20.99
CA SER B 164 7.97 20.89 -21.52
C SER B 164 6.54 21.09 -22.00
N ALA B 165 6.17 20.36 -23.05
CA ALA B 165 4.81 20.41 -23.63
C ALA B 165 4.47 21.80 -24.20
N TYR B 166 3.49 22.47 -23.62
CA TYR B 166 3.13 23.83 -24.05
C TYR B 166 4.30 24.75 -23.75
N GLU B 167 5.00 24.48 -22.66
CA GLU B 167 6.18 25.26 -22.28
C GLU B 167 7.33 24.95 -23.25
N GLY B 168 7.19 23.85 -24.00
CA GLY B 168 8.17 23.48 -25.01
C GLY B 168 7.79 24.14 -26.32
N PHE B 169 6.47 24.29 -26.52
CA PHE B 169 5.92 24.94 -27.71
C PHE B 169 6.43 26.39 -27.79
N THR B 170 6.49 27.08 -26.65
CA THR B 170 6.96 28.47 -26.62
C THR B 170 8.45 28.58 -26.95
N VAL B 171 9.21 27.52 -26.66
CA VAL B 171 10.64 27.49 -26.98
C VAL B 171 10.81 27.38 -28.50
N VAL B 172 10.05 26.47 -29.11
CA VAL B 172 10.10 26.27 -30.56
C VAL B 172 9.71 27.55 -31.27
N MET B 173 8.67 28.22 -30.76
CA MET B 173 8.20 29.48 -31.35
C MET B 173 9.30 30.53 -31.31
N ALA B 174 10.05 30.57 -30.21
CA ALA B 174 11.15 31.52 -30.06
C ALA B 174 12.25 31.24 -31.06
N LEU B 175 12.50 29.96 -31.33
CA LEU B 175 13.54 29.54 -32.26
C LEU B 175 13.28 29.96 -33.72
N LEU B 176 12.05 30.35 -34.03
CA LEU B 176 11.70 30.80 -35.39
C LEU B 176 12.45 32.07 -35.76
N ASP B 177 12.69 32.93 -34.76
CA ASP B 177 13.41 34.21 -34.93
C ASP B 177 13.81 34.69 -33.52
N PRO B 178 14.86 34.09 -32.97
CA PRO B 178 15.29 34.40 -31.60
C PRO B 178 16.12 35.66 -31.43
N HIS B 179 16.07 36.20 -30.22
CA HIS B 179 16.84 37.36 -29.84
C HIS B 179 18.30 36.91 -29.76
N PRO B 180 19.24 37.76 -30.20
CA PRO B 180 20.67 37.41 -30.17
C PRO B 180 21.19 36.97 -28.79
N ALA B 181 20.48 37.33 -27.71
CA ALA B 181 20.90 36.95 -26.36
C ALA B 181 20.49 35.50 -26.00
N LEU B 182 19.61 34.91 -26.81
CA LEU B 182 19.21 33.51 -26.60
C LEU B 182 20.34 32.65 -27.14
N LYS B 183 21.14 32.09 -26.22
CA LYS B 183 22.33 31.33 -26.60
C LYS B 183 22.12 29.83 -26.77
N VAL B 184 21.06 29.29 -26.18
CA VAL B 184 20.81 27.85 -26.25
C VAL B 184 19.33 27.55 -25.94
N ALA B 185 18.84 26.43 -26.48
CA ALA B 185 17.45 26.05 -26.27
C ALA B 185 17.26 24.56 -26.06
N ALA B 186 16.28 24.22 -25.23
CA ALA B 186 15.96 22.83 -24.95
C ALA B 186 14.46 22.59 -24.89
N PRO B 187 13.84 22.42 -26.05
CA PRO B 187 12.41 22.12 -26.11
C PRO B 187 12.17 20.69 -25.60
N GLU B 188 11.30 20.55 -24.61
CA GLU B 188 11.00 19.24 -24.03
C GLU B 188 9.58 18.83 -24.38
N SER B 189 9.42 17.62 -24.96
CA SER B 189 8.11 17.12 -25.38
C SER B 189 7.23 18.25 -25.95
N PRO B 190 7.76 19.02 -26.91
CA PRO B 190 7.04 20.18 -27.42
C PRO B 190 5.84 19.85 -28.30
N MET B 191 4.82 20.72 -28.24
CA MET B 191 3.66 20.60 -29.09
C MET B 191 4.13 21.19 -30.41
N VAL B 192 4.25 20.33 -31.42
CA VAL B 192 4.77 20.75 -32.72
C VAL B 192 3.74 20.59 -33.85
N ASP B 193 3.06 19.45 -33.87
CA ASP B 193 2.03 19.19 -34.85
C ASP B 193 0.87 18.47 -34.17
N GLY B 194 -0.10 19.26 -33.70
CA GLY B 194 -1.24 18.74 -32.98
C GLY B 194 -2.18 17.82 -33.76
N TRP B 195 -2.01 17.77 -35.08
CA TRP B 195 -2.86 16.93 -35.93
C TRP B 195 -2.18 15.61 -36.30
N MET B 196 -0.91 15.69 -36.70
CA MET B 196 -0.18 14.49 -37.13
C MET B 196 0.06 13.48 -36.00
N GLY B 197 0.47 13.96 -34.82
CA GLY B 197 0.72 13.05 -33.74
C GLY B 197 1.01 13.61 -32.36
N ASP B 198 0.57 14.84 -32.10
CA ASP B 198 0.78 15.40 -30.78
C ASP B 198 -0.48 15.35 -29.90
N ASP B 199 -1.01 16.49 -29.49
CA ASP B 199 -2.15 16.52 -28.54
C ASP B 199 -3.57 16.28 -29.04
N TRP B 200 -3.94 16.87 -30.17
CA TRP B 200 -5.32 16.79 -30.66
C TRP B 200 -5.68 15.53 -31.47
N PHE B 201 -4.83 15.18 -32.42
CA PHE B 201 -5.06 14.01 -33.26
C PHE B 201 -3.78 13.21 -33.43
N HIS B 202 -3.95 11.95 -33.84
CA HIS B 202 -2.85 11.08 -34.20
C HIS B 202 -3.29 10.54 -35.55
N TYR B 203 -2.65 11.01 -36.62
CA TYR B 203 -3.01 10.60 -37.98
C TYR B 203 -4.51 10.81 -38.25
N GLY B 204 -5.07 11.89 -37.69
CA GLY B 204 -6.48 12.20 -37.89
C GLY B 204 -7.45 11.64 -36.87
N ALA B 205 -6.99 10.71 -36.03
CA ALA B 205 -7.85 10.14 -35.00
C ALA B 205 -7.87 11.10 -33.80
N PHE B 206 -9.06 11.60 -33.48
CA PHE B 206 -9.24 12.60 -32.41
C PHE B 206 -9.09 12.09 -30.98
N ARG B 207 -8.32 12.84 -30.18
CA ARG B 207 -8.06 12.52 -28.77
C ARG B 207 -9.06 13.25 -27.87
N GLN B 208 -9.98 12.49 -27.28
CA GLN B 208 -11.09 13.03 -26.48
C GLN B 208 -10.75 13.72 -25.15
N GLY B 209 -9.52 13.57 -24.69
CA GLY B 209 -9.10 14.22 -23.45
C GLY B 209 -8.94 15.72 -23.65
N ALA B 210 -8.97 16.15 -24.91
CA ALA B 210 -8.82 17.55 -25.27
C ALA B 210 -9.95 18.44 -24.74
N PHE B 211 -11.16 17.88 -24.65
CA PHE B 211 -12.32 18.64 -24.17
C PHE B 211 -12.10 19.22 -22.76
N ASP B 212 -11.61 18.39 -21.84
CA ASP B 212 -11.34 18.84 -20.47
C ASP B 212 -10.28 19.92 -20.48
N TYR B 213 -9.27 19.75 -21.33
CA TYR B 213 -8.18 20.73 -21.45
C TYR B 213 -8.72 22.06 -21.97
N PHE B 214 -9.63 22.01 -22.94
CA PHE B 214 -10.22 23.21 -23.51
C PHE B 214 -10.94 24.05 -22.44
N VAL B 215 -11.81 23.38 -21.69
CA VAL B 215 -12.59 24.04 -20.65
C VAL B 215 -11.72 24.52 -19.48
N SER B 216 -10.69 23.74 -19.17
CA SER B 216 -9.78 24.10 -18.08
C SER B 216 -8.90 25.31 -18.43
N GLN B 217 -8.45 25.39 -19.67
CA GLN B 217 -7.53 26.44 -20.10
C GLN B 217 -8.17 27.67 -20.76
N MET B 218 -9.38 27.53 -21.29
CA MET B 218 -10.00 28.66 -22.00
C MET B 218 -11.31 29.20 -21.42
N THR B 219 -11.66 28.77 -20.21
CA THR B 219 -12.89 29.28 -19.58
C THR B 219 -12.65 30.70 -19.05
N ALA B 220 -11.44 30.94 -18.58
CA ALA B 220 -11.08 32.26 -18.05
C ALA B 220 -9.60 32.54 -18.26
N ARG B 221 -9.22 33.80 -18.04
CA ARG B 221 -7.83 34.22 -18.16
C ARG B 221 -7.00 33.39 -17.18
N GLY B 222 -7.53 33.20 -15.98
CA GLY B 222 -6.87 32.43 -14.96
C GLY B 222 -7.30 30.97 -14.98
N GLY B 223 -7.51 30.40 -13.80
CA GLY B 223 -7.90 29.01 -13.68
C GLY B 223 -9.32 28.69 -14.10
N GLY B 224 -9.52 27.46 -14.57
CA GLY B 224 -10.82 26.98 -14.98
C GLY B 224 -11.12 25.66 -14.32
N ASN B 225 -12.18 25.00 -14.75
CA ASN B 225 -12.55 23.70 -14.19
C ASN B 225 -12.72 22.66 -15.27
N ASP B 226 -12.91 21.41 -14.86
CA ASP B 226 -13.13 20.32 -15.80
C ASP B 226 -14.62 20.22 -16.09
N ILE B 227 -14.97 19.36 -17.03
CA ILE B 227 -16.37 19.17 -17.39
C ILE B 227 -17.03 18.20 -16.41
N PRO B 228 -18.10 18.65 -15.75
CA PRO B 228 -18.85 17.81 -14.81
C PRO B 228 -19.29 16.52 -15.48
N ARG B 229 -19.08 15.39 -14.81
CA ARG B 229 -19.42 14.09 -15.39
C ARG B 229 -20.64 13.43 -14.78
N ARG B 230 -21.29 12.59 -15.57
CA ARG B 230 -22.45 11.85 -15.13
C ARG B 230 -21.99 10.55 -14.46
N ASP B 231 -21.04 9.87 -15.10
CA ASP B 231 -20.52 8.59 -14.62
C ASP B 231 -19.05 8.69 -14.23
N ALA B 232 -18.62 7.82 -13.31
CA ALA B 232 -17.23 7.80 -12.87
C ALA B 232 -16.32 7.27 -13.97
N ASP B 233 -16.90 6.51 -14.90
CA ASP B 233 -16.16 5.92 -16.02
C ASP B 233 -16.37 6.73 -17.30
N ASP B 234 -15.28 7.25 -17.88
CA ASP B 234 -15.38 8.01 -19.12
C ASP B 234 -15.66 7.12 -20.32
N TYR B 235 -15.37 5.83 -20.19
CA TYR B 235 -15.69 4.88 -21.23
C TYR B 235 -17.21 4.94 -21.37
N THR B 236 -17.89 4.96 -20.23
CA THR B 236 -19.35 5.06 -20.18
C THR B 236 -19.84 6.44 -20.65
N ASN B 237 -19.24 7.50 -20.10
CA ASN B 237 -19.63 8.88 -20.44
C ASN B 237 -19.58 9.20 -21.94
N PHE B 238 -18.49 8.81 -22.60
CA PHE B 238 -18.32 9.10 -24.02
C PHE B 238 -19.16 8.18 -24.91
N LEU B 239 -19.28 6.91 -24.52
CA LEU B 239 -20.08 5.95 -25.28
C LEU B 239 -21.55 6.37 -25.27
N LYS B 240 -22.04 6.79 -24.10
CA LYS B 240 -23.42 7.22 -23.93
C LYS B 240 -23.71 8.49 -24.71
N ALA B 241 -22.73 9.40 -24.76
CA ALA B 241 -22.89 10.65 -25.49
C ALA B 241 -22.90 10.41 -27.01
N GLY B 242 -22.24 9.35 -27.43
CA GLY B 242 -22.18 9.00 -28.84
C GLY B 242 -20.91 9.53 -29.51
N SER B 243 -21.08 10.55 -30.34
CA SER B 243 -19.94 11.15 -31.04
C SER B 243 -19.21 12.12 -30.13
N ALA B 244 -17.99 12.48 -30.54
CA ALA B 244 -17.19 13.44 -29.78
C ALA B 244 -17.88 14.81 -29.80
N GLY B 245 -18.45 15.18 -30.94
CA GLY B 245 -19.14 16.45 -31.11
C GLY B 245 -20.38 16.55 -30.22
N SER B 246 -21.02 15.41 -29.97
CA SER B 246 -22.19 15.37 -29.12
C SER B 246 -21.79 15.60 -27.66
N PHE B 247 -20.64 15.05 -27.27
CA PHE B 247 -20.14 15.25 -25.90
C PHE B 247 -19.79 16.73 -25.71
N ALA B 248 -19.10 17.29 -26.71
CA ALA B 248 -18.68 18.69 -26.68
C ALA B 248 -19.88 19.63 -26.54
N THR B 249 -20.94 19.37 -27.33
CA THR B 249 -22.15 20.18 -27.29
C THR B 249 -22.80 20.13 -25.91
N GLN B 250 -22.92 18.93 -25.36
CA GLN B 250 -23.51 18.73 -24.04
C GLN B 250 -22.67 19.36 -22.91
N ALA B 251 -21.37 19.56 -23.18
CA ALA B 251 -20.45 20.16 -22.21
C ALA B 251 -20.45 21.68 -22.29
N GLY B 252 -21.00 22.22 -23.38
CA GLY B 252 -21.05 23.66 -23.57
C GLY B 252 -19.88 24.21 -24.36
N LEU B 253 -19.16 23.32 -25.05
CA LEU B 253 -17.97 23.71 -25.81
C LEU B 253 -18.25 24.42 -27.14
N ASP B 254 -19.49 24.37 -27.62
CA ASP B 254 -19.84 25.01 -28.89
C ASP B 254 -19.65 26.54 -28.87
N GLN B 255 -19.56 27.11 -27.66
CA GLN B 255 -19.36 28.55 -27.52
C GLN B 255 -17.87 28.92 -27.41
N TYR B 256 -17.01 27.90 -27.42
CA TYR B 256 -15.55 28.12 -27.35
C TYR B 256 -14.96 28.22 -28.76
N PRO B 257 -14.45 29.41 -29.11
CA PRO B 257 -13.89 29.66 -30.46
C PRO B 257 -12.88 28.63 -30.96
N PHE B 258 -11.96 28.15 -30.11
CA PHE B 258 -10.98 27.16 -30.57
C PHE B 258 -11.63 25.84 -31.00
N TRP B 259 -12.64 25.40 -30.24
CA TRP B 259 -13.34 24.18 -30.60
C TRP B 259 -14.10 24.39 -31.90
N GLN B 260 -14.63 25.60 -32.10
CA GLN B 260 -15.35 25.93 -33.33
C GLN B 260 -14.42 25.79 -34.54
N ARG B 261 -13.16 26.19 -34.36
CA ARG B 261 -12.16 26.09 -35.42
C ARG B 261 -11.74 24.64 -35.65
N MET B 262 -11.49 23.91 -34.56
CA MET B 262 -11.08 22.51 -34.66
C MET B 262 -12.18 21.68 -35.33
N HIS B 263 -13.43 21.89 -34.89
CA HIS B 263 -14.58 21.18 -35.41
C HIS B 263 -14.74 21.40 -36.92
N ALA B 264 -14.40 22.60 -37.38
CA ALA B 264 -14.50 22.95 -38.80
C ALA B 264 -13.30 22.44 -39.60
N HIS B 265 -12.26 21.98 -38.92
CA HIS B 265 -11.06 21.48 -39.59
C HIS B 265 -10.64 20.09 -39.08
N PRO B 266 -11.44 19.06 -39.37
CA PRO B 266 -11.12 17.69 -38.94
C PRO B 266 -9.95 17.09 -39.73
N ALA B 267 -9.78 17.52 -40.99
CA ALA B 267 -8.70 17.02 -41.84
C ALA B 267 -7.46 17.91 -41.77
N TYR B 268 -6.35 17.40 -42.29
CA TYR B 268 -5.07 18.12 -42.28
C TYR B 268 -5.01 19.18 -43.37
N ASP B 269 -5.89 20.18 -43.30
CA ASP B 269 -5.92 21.24 -44.30
C ASP B 269 -4.96 22.38 -43.93
N ALA B 270 -5.16 23.54 -44.56
CA ALA B 270 -4.28 24.71 -44.34
C ALA B 270 -4.23 25.17 -42.87
N PHE B 271 -5.32 24.96 -42.14
CA PHE B 271 -5.37 25.37 -40.73
C PHE B 271 -4.34 24.63 -39.87
N TRP B 272 -4.17 23.34 -40.13
CA TRP B 272 -3.20 22.54 -39.38
C TRP B 272 -1.82 22.57 -40.00
N GLN B 273 -1.77 22.62 -41.34
CA GLN B 273 -0.49 22.66 -42.06
C GLN B 273 0.27 23.94 -41.72
N GLY B 274 -0.45 25.04 -41.53
CA GLY B 274 0.14 26.32 -41.18
C GLY B 274 0.60 26.38 -39.74
N GLN B 275 0.37 25.29 -39.00
CA GLN B 275 0.77 25.22 -37.59
C GLN B 275 1.80 24.11 -37.34
N ALA B 276 2.20 23.42 -38.40
CA ALA B 276 3.21 22.36 -38.29
C ALA B 276 4.57 23.01 -38.09
N LEU B 277 4.96 23.16 -36.82
CA LEU B 277 6.20 23.83 -36.44
C LEU B 277 7.49 23.18 -36.92
N ASP B 278 7.48 21.85 -37.09
CA ASP B 278 8.68 21.15 -37.55
C ASP B 278 9.08 21.58 -38.97
N LYS B 279 8.07 21.76 -39.82
CA LYS B 279 8.29 22.18 -41.20
C LYS B 279 8.66 23.66 -41.29
N ILE B 280 8.01 24.48 -40.46
CA ILE B 280 8.25 25.93 -40.45
C ILE B 280 9.64 26.28 -39.90
N LEU B 281 10.02 25.66 -38.78
CA LEU B 281 11.33 25.93 -38.17
C LEU B 281 12.48 25.51 -39.11
N ALA B 282 12.30 24.40 -39.80
CA ALA B 282 13.31 23.89 -40.72
C ALA B 282 13.57 24.84 -41.90
N GLN B 283 12.55 25.63 -42.25
CA GLN B 283 12.66 26.58 -43.35
C GLN B 283 13.37 27.88 -42.91
N ARG B 284 13.35 28.16 -41.62
CA ARG B 284 13.96 29.38 -41.07
C ARG B 284 15.49 29.32 -40.95
N LYS B 285 16.04 28.10 -41.00
CA LYS B 285 17.49 27.89 -40.88
C LYS B 285 18.04 28.55 -39.60
N PRO B 286 17.67 28.02 -38.44
CA PRO B 286 18.11 28.57 -37.15
C PRO B 286 19.57 28.25 -36.86
N THR B 287 20.22 29.07 -36.02
CA THR B 287 21.63 28.88 -35.68
C THR B 287 21.89 28.68 -34.18
N VAL B 288 20.81 28.69 -33.40
CA VAL B 288 20.92 28.50 -31.95
C VAL B 288 21.03 27.01 -31.61
N PRO B 289 22.05 26.64 -30.82
CA PRO B 289 22.24 25.24 -30.39
C PRO B 289 20.97 24.67 -29.76
N MET B 290 20.57 23.48 -30.19
CA MET B 290 19.33 22.88 -29.71
C MET B 290 19.50 21.48 -29.12
N LEU B 291 18.73 21.24 -28.07
CA LEU B 291 18.69 19.95 -27.40
C LEU B 291 17.21 19.55 -27.39
N TRP B 292 16.83 18.65 -28.30
CA TRP B 292 15.44 18.20 -28.38
C TRP B 292 15.22 16.98 -27.48
N GLU B 293 14.12 16.98 -26.74
CA GLU B 293 13.84 15.88 -25.82
C GLU B 293 12.39 15.44 -25.81
N GLN B 294 12.19 14.14 -25.63
CA GLN B 294 10.87 13.53 -25.48
C GLN B 294 11.03 12.16 -24.87
N GLY B 295 10.01 11.68 -24.17
CA GLY B 295 10.06 10.37 -23.56
C GLY B 295 9.80 9.31 -24.61
N LEU B 296 10.36 8.12 -24.42
CA LEU B 296 10.14 7.01 -25.35
C LEU B 296 8.67 6.58 -25.25
N TRP B 297 8.06 6.85 -24.09
CA TRP B 297 6.66 6.53 -23.86
C TRP B 297 5.87 7.82 -23.58
N ASP B 298 6.14 8.85 -24.38
CA ASP B 298 5.46 10.13 -24.25
C ASP B 298 4.00 10.00 -24.68
N GLN B 299 3.09 9.98 -23.70
CA GLN B 299 1.67 9.79 -23.97
C GLN B 299 0.89 11.05 -24.39
N GLU B 300 1.60 12.17 -24.59
CA GLU B 300 0.94 13.42 -24.99
C GLU B 300 1.57 14.10 -26.21
N ASP B 301 2.89 14.08 -26.31
CA ASP B 301 3.59 14.71 -27.45
C ASP B 301 4.66 13.81 -28.05
N MET B 302 4.23 12.71 -28.64
CA MET B 302 5.13 11.72 -29.24
C MET B 302 5.74 12.17 -30.58
N TRP B 303 5.03 13.02 -31.30
CA TRP B 303 5.45 13.49 -32.62
C TRP B 303 6.52 14.59 -32.59
N GLY B 304 6.25 15.62 -31.79
CA GLY B 304 7.06 16.83 -31.68
C GLY B 304 8.57 16.82 -31.82
N ALA B 305 9.27 16.46 -30.75
CA ALA B 305 10.73 16.51 -30.70
C ALA B 305 11.46 15.76 -31.83
N ILE B 306 11.13 14.49 -32.02
CA ILE B 306 11.81 13.69 -33.05
C ILE B 306 11.62 14.22 -34.47
N HIS B 307 10.41 14.69 -34.80
CA HIS B 307 10.14 15.20 -36.15
C HIS B 307 10.79 16.57 -36.39
N ALA B 308 10.81 17.41 -35.37
CA ALA B 308 11.42 18.72 -35.48
C ALA B 308 12.94 18.57 -35.63
N TRP B 309 13.51 17.67 -34.83
CA TRP B 309 14.94 17.41 -34.86
C TRP B 309 15.37 16.82 -36.21
N GLN B 310 14.54 15.92 -36.74
CA GLN B 310 14.83 15.27 -38.02
C GLN B 310 14.72 16.23 -39.20
N ALA B 311 13.70 17.10 -39.16
CA ALA B 311 13.51 18.09 -40.22
C ALA B 311 14.71 19.03 -40.31
N LEU B 312 15.24 19.41 -39.14
CA LEU B 312 16.40 20.28 -39.08
C LEU B 312 17.65 19.55 -39.56
N LYS B 313 17.72 18.25 -39.26
CA LYS B 313 18.84 17.43 -39.69
C LYS B 313 18.82 17.30 -41.21
N ASP B 314 17.61 17.13 -41.77
CA ASP B 314 17.43 17.01 -43.22
C ASP B 314 17.74 18.31 -43.94
N ALA B 315 17.59 19.43 -43.23
CA ALA B 315 17.84 20.75 -43.81
C ALA B 315 19.29 21.19 -43.58
N ASP B 316 20.10 20.27 -43.05
CA ASP B 316 21.52 20.54 -42.76
C ASP B 316 21.69 21.78 -41.89
N VAL B 317 21.00 21.80 -40.76
CA VAL B 317 21.06 22.94 -39.83
C VAL B 317 22.51 23.21 -39.38
N LYS B 318 22.89 24.49 -39.37
CA LYS B 318 24.23 24.88 -38.97
C LYS B 318 24.29 25.22 -37.49
N ALA B 319 24.02 24.22 -36.65
CA ALA B 319 24.02 24.39 -35.21
C ALA B 319 23.89 23.04 -34.53
N PRO B 320 24.42 22.91 -33.32
CA PRO B 320 24.25 21.67 -32.55
C PRO B 320 22.77 21.30 -32.53
N ASN B 321 22.48 20.06 -32.88
CA ASN B 321 21.10 19.58 -32.98
C ASN B 321 21.03 18.14 -32.51
N THR B 322 20.83 17.97 -31.20
CA THR B 322 20.82 16.65 -30.59
C THR B 322 19.46 16.24 -30.05
N LEU B 323 19.10 14.98 -30.31
CA LEU B 323 17.84 14.43 -29.82
C LEU B 323 18.10 13.52 -28.62
N VAL B 324 17.34 13.74 -27.55
CA VAL B 324 17.46 12.91 -26.35
C VAL B 324 16.12 12.24 -26.05
N MET B 325 16.15 10.92 -25.88
CA MET B 325 14.95 10.17 -25.55
C MET B 325 15.22 9.19 -24.41
N GLY B 326 14.54 9.41 -23.29
CA GLY B 326 14.70 8.56 -22.13
C GLY B 326 13.49 7.67 -21.91
N PRO B 327 13.58 6.77 -20.93
CA PRO B 327 12.50 5.83 -20.65
C PRO B 327 11.46 6.53 -19.79
N TRP B 328 10.87 7.58 -20.33
CA TRP B 328 9.95 8.41 -19.59
C TRP B 328 8.59 8.56 -20.23
N ARG B 329 7.63 8.98 -19.42
CA ARG B 329 6.32 9.32 -19.92
C ARG B 329 6.39 10.80 -20.25
N HIS B 330 5.26 11.40 -20.62
CA HIS B 330 5.23 12.82 -20.97
C HIS B 330 5.76 13.71 -19.84
N SER B 331 6.77 14.52 -20.18
CA SER B 331 7.40 15.46 -19.22
C SER B 331 8.15 14.74 -18.07
N GLY B 332 8.33 13.42 -18.20
CA GLY B 332 9.01 12.64 -17.19
C GLY B 332 10.45 13.06 -16.95
N VAL B 333 11.01 13.75 -17.93
CA VAL B 333 12.39 14.25 -17.87
C VAL B 333 12.60 15.23 -16.70
N ASN B 334 11.52 15.87 -16.25
CA ASN B 334 11.59 16.84 -15.17
C ASN B 334 11.24 16.28 -13.79
N TYR B 335 11.19 14.96 -13.67
CA TYR B 335 10.86 14.31 -12.40
C TYR B 335 11.82 13.15 -12.13
N ASN B 336 11.33 12.07 -11.54
CA ASN B 336 12.18 10.90 -11.28
C ASN B 336 12.00 9.86 -12.37
N GLY B 337 13.12 9.43 -12.97
CA GLY B 337 13.08 8.47 -14.06
C GLY B 337 13.56 7.07 -13.72
N SER B 338 13.34 6.64 -12.48
CA SER B 338 13.76 5.31 -12.03
C SER B 338 12.77 4.23 -12.43
N THR B 339 11.50 4.62 -12.55
CA THR B 339 10.43 3.69 -12.92
C THR B 339 9.40 4.32 -13.85
N LEU B 340 8.50 3.46 -14.34
CA LEU B 340 7.38 3.87 -15.18
C LEU B 340 6.44 2.68 -15.16
N GLY B 341 5.33 2.81 -14.43
CA GLY B 341 4.41 1.71 -14.27
C GLY B 341 5.15 0.64 -13.49
N PRO B 342 5.10 -0.60 -13.96
CA PRO B 342 5.79 -1.71 -13.30
C PRO B 342 7.26 -1.83 -13.73
N LEU B 343 7.69 -1.03 -14.70
CA LEU B 343 9.06 -1.08 -15.20
C LEU B 343 10.06 -0.43 -14.27
N GLU B 344 11.26 -1.01 -14.20
CA GLU B 344 12.32 -0.48 -13.37
C GLU B 344 13.57 -0.26 -14.22
N PHE B 345 14.10 0.96 -14.19
CA PHE B 345 15.28 1.29 -14.98
C PHE B 345 16.52 1.41 -14.10
N GLU B 346 17.67 1.58 -14.72
CA GLU B 346 18.92 1.67 -13.97
C GLU B 346 19.17 3.07 -13.40
N GLY B 347 18.59 3.32 -12.22
CA GLY B 347 18.75 4.58 -11.54
C GLY B 347 17.78 5.64 -12.04
N ASP B 348 17.90 6.84 -11.48
CA ASP B 348 17.06 7.96 -11.87
C ASP B 348 17.57 8.50 -13.21
N THR B 349 17.07 7.91 -14.29
CA THR B 349 17.49 8.29 -15.65
C THR B 349 17.26 9.75 -15.99
N ALA B 350 16.20 10.34 -15.43
CA ALA B 350 15.88 11.74 -15.68
C ALA B 350 16.93 12.65 -15.06
N HIS B 351 17.27 12.40 -13.79
CA HIS B 351 18.30 13.17 -13.12
C HIS B 351 19.66 12.98 -13.80
N GLN B 352 19.91 11.75 -14.27
CA GLN B 352 21.16 11.44 -14.96
C GLN B 352 21.33 12.36 -16.18
N TYR B 353 20.27 12.47 -16.98
CA TYR B 353 20.29 13.32 -18.17
C TYR B 353 20.44 14.79 -17.80
N ARG B 354 19.63 15.26 -16.84
CA ARG B 354 19.67 16.65 -16.40
C ARG B 354 21.07 17.05 -15.94
N ARG B 355 21.70 16.17 -15.18
CA ARG B 355 23.02 16.42 -14.62
C ARG B 355 24.19 16.23 -15.59
N ASP B 356 24.15 15.15 -16.38
CA ASP B 356 25.27 14.83 -17.28
C ASP B 356 25.21 15.41 -18.70
N VAL B 357 24.01 15.75 -19.17
CA VAL B 357 23.87 16.26 -20.54
C VAL B 357 23.27 17.68 -20.60
N PHE B 358 22.05 17.81 -20.09
CA PHE B 358 21.31 19.08 -20.08
C PHE B 358 22.12 20.25 -19.50
N ARG B 359 22.52 20.12 -18.24
CA ARG B 359 23.27 21.17 -17.54
C ARG B 359 24.61 21.59 -18.22
N PRO B 360 25.51 20.64 -18.51
CA PRO B 360 26.78 20.96 -19.18
C PRO B 360 26.59 21.59 -20.57
N PHE B 361 25.57 21.15 -21.29
CA PHE B 361 25.27 21.69 -22.62
C PHE B 361 24.88 23.16 -22.49
N PHE B 362 24.05 23.47 -21.50
CA PHE B 362 23.61 24.83 -21.27
C PHE B 362 24.74 25.71 -20.74
N ASP B 363 25.58 25.14 -19.86
CA ASP B 363 26.71 25.87 -19.29
C ASP B 363 27.71 26.33 -20.35
N GLU B 364 27.88 25.52 -21.39
CA GLU B 364 28.82 25.84 -22.47
C GLU B 364 28.54 27.19 -23.13
N TYR B 365 27.25 27.46 -23.37
CA TYR B 365 26.85 28.70 -24.04
C TYR B 365 26.38 29.80 -23.09
N LEU B 366 26.06 29.45 -21.86
CA LEU B 366 25.54 30.43 -20.90
C LEU B 366 26.55 30.87 -19.84
N LYS B 367 27.58 30.05 -19.63
CA LYS B 367 28.62 30.38 -18.65
C LYS B 367 29.99 30.36 -19.32
N PRO B 368 30.40 31.51 -19.87
CA PRO B 368 31.71 31.63 -20.55
C PRO B 368 32.85 31.04 -19.74
N GLY B 369 33.67 30.20 -20.37
CA GLY B 369 34.78 29.55 -19.70
C GLY B 369 34.48 28.10 -19.35
N SER B 370 33.22 27.70 -19.53
CA SER B 370 32.81 26.33 -19.23
C SER B 370 33.31 25.37 -20.29
N ALA B 371 33.51 24.12 -19.89
CA ALA B 371 33.99 23.08 -20.80
C ALA B 371 33.02 22.86 -21.94
N SER B 372 33.56 22.65 -23.13
CA SER B 372 32.74 22.41 -24.30
C SER B 372 32.32 20.96 -24.33
N VAL B 373 31.08 20.71 -24.75
CA VAL B 373 30.59 19.35 -24.88
C VAL B 373 30.36 19.03 -26.35
N HIS B 374 30.64 17.80 -26.73
CA HIS B 374 30.47 17.37 -28.11
C HIS B 374 29.43 16.27 -28.17
N LEU B 375 28.17 16.68 -28.25
CA LEU B 375 27.05 15.77 -28.26
C LEU B 375 26.88 15.09 -29.62
N PRO B 376 26.48 13.83 -29.61
CA PRO B 376 26.26 13.07 -30.83
C PRO B 376 24.89 13.42 -31.44
N ASP B 377 24.50 12.71 -32.50
CA ASP B 377 23.21 12.94 -33.14
C ASP B 377 22.08 12.69 -32.16
N ALA B 378 22.19 11.59 -31.42
CA ALA B 378 21.16 11.23 -30.47
C ALA B 378 21.68 10.49 -29.24
N ILE B 379 21.05 10.77 -28.10
CA ILE B 379 21.36 10.10 -26.85
C ILE B 379 20.06 9.43 -26.45
N ILE B 380 20.02 8.11 -26.54
CA ILE B 380 18.80 7.37 -26.25
C ILE B 380 19.01 6.23 -25.29
N TYR B 381 18.11 6.12 -24.31
CA TYR B 381 18.18 5.05 -23.35
C TYR B 381 17.72 3.77 -24.01
N ASN B 382 18.41 2.68 -23.71
CA ASN B 382 18.05 1.38 -24.28
C ASN B 382 17.13 0.66 -23.32
N THR B 383 15.88 0.48 -23.72
CA THR B 383 14.88 -0.18 -22.88
C THR B 383 15.06 -1.71 -22.81
N GLY B 384 16.11 -2.20 -23.48
CA GLY B 384 16.43 -3.62 -23.46
C GLY B 384 17.70 -3.85 -22.68
N ASP B 385 18.75 -3.11 -23.03
CA ASP B 385 20.07 -3.23 -22.37
C ASP B 385 20.13 -2.46 -21.04
N GLN B 386 19.17 -1.56 -20.82
CA GLN B 386 19.12 -0.74 -19.61
C GLN B 386 20.36 0.13 -19.45
N LYS B 387 20.67 0.90 -20.48
CA LYS B 387 21.82 1.79 -20.48
C LYS B 387 21.61 2.91 -21.49
N TRP B 388 22.39 3.97 -21.37
CA TRP B 388 22.31 5.09 -22.30
C TRP B 388 23.18 4.83 -23.53
N ASP B 389 22.57 4.97 -24.71
CA ASP B 389 23.30 4.79 -25.97
C ASP B 389 23.66 6.14 -26.57
N TYR B 390 24.90 6.28 -27.02
CA TYR B 390 25.37 7.51 -27.65
C TYR B 390 25.58 7.24 -29.13
N TYR B 391 24.67 7.73 -29.96
CA TYR B 391 24.73 7.49 -31.40
C TYR B 391 25.24 8.70 -32.17
N ARG B 392 26.48 8.60 -32.65
CA ARG B 392 27.09 9.68 -33.44
C ARG B 392 26.22 9.99 -34.65
N SER B 393 25.72 8.95 -35.29
CA SER B 393 24.84 9.08 -36.45
C SER B 393 23.58 8.26 -36.18
N TRP B 394 22.42 8.92 -36.12
CA TRP B 394 21.17 8.25 -35.84
C TRP B 394 20.01 8.82 -36.66
N PRO B 395 19.15 7.95 -37.20
CA PRO B 395 19.30 6.50 -37.07
C PRO B 395 20.26 5.94 -38.12
N SER B 396 20.68 4.69 -37.93
CA SER B 396 21.58 4.04 -38.88
C SER B 396 20.78 3.29 -39.93
N VAL B 397 19.49 3.08 -39.66
CA VAL B 397 18.61 2.39 -40.59
C VAL B 397 17.27 3.12 -40.72
N CYS B 398 16.78 3.22 -41.94
CA CYS B 398 15.48 3.83 -42.23
C CYS B 398 15.10 3.54 -43.68
N GLU B 399 14.00 4.11 -44.14
CA GLU B 399 13.51 3.86 -45.50
C GLU B 399 14.35 4.53 -46.60
N SER B 400 14.74 5.79 -46.38
CA SER B 400 15.51 6.52 -47.40
C SER B 400 16.67 7.35 -46.85
N ASN B 401 17.81 7.27 -47.53
CA ASN B 401 19.02 8.03 -47.17
C ASN B 401 19.70 7.63 -45.85
N CYS B 402 19.72 6.34 -45.56
CA CYS B 402 20.39 5.83 -44.37
C CYS B 402 21.41 4.79 -44.77
N THR B 403 22.33 4.47 -43.87
CA THR B 403 23.37 3.48 -44.14
C THR B 403 22.76 2.13 -44.53
N GLY B 404 21.68 1.76 -43.85
CA GLY B 404 20.98 0.52 -44.13
C GLY B 404 19.49 0.71 -44.20
N GLY B 405 18.77 -0.30 -44.67
CA GLY B 405 17.33 -0.24 -44.77
C GLY B 405 16.66 -0.93 -43.60
N LEU B 406 15.32 -0.89 -43.58
CA LEU B 406 14.56 -1.53 -42.52
C LEU B 406 14.42 -3.02 -42.79
N THR B 407 14.13 -3.79 -41.74
CA THR B 407 13.97 -5.23 -41.85
C THR B 407 12.53 -5.61 -41.55
N PRO B 408 11.82 -6.10 -42.56
CA PRO B 408 10.41 -6.46 -42.41
C PRO B 408 10.19 -7.70 -41.55
N LEU B 409 9.30 -7.57 -40.57
CA LEU B 409 8.89 -8.69 -39.74
C LEU B 409 7.48 -9.00 -40.19
N TYR B 410 7.36 -10.02 -41.02
CA TYR B 410 6.09 -10.40 -41.64
C TYR B 410 5.11 -11.14 -40.75
N LEU B 411 3.84 -10.83 -40.95
CA LEU B 411 2.76 -11.52 -40.28
C LEU B 411 2.66 -12.84 -41.06
N ALA B 412 2.35 -13.92 -40.37
CA ALA B 412 2.29 -15.23 -41.04
C ALA B 412 1.10 -16.06 -40.59
N ASP B 413 0.97 -17.25 -41.19
CA ASP B 413 -0.09 -18.17 -40.85
C ASP B 413 0.09 -18.67 -39.40
N GLY B 414 -0.99 -19.14 -38.80
CA GLY B 414 -0.94 -19.61 -37.42
C GLY B 414 -0.65 -18.47 -36.45
N HIS B 415 -1.06 -17.27 -36.85
CA HIS B 415 -0.84 -16.05 -36.04
C HIS B 415 0.61 -15.90 -35.62
N GLY B 416 1.52 -16.15 -36.56
CA GLY B 416 2.94 -16.04 -36.28
C GLY B 416 3.60 -14.82 -36.89
N LEU B 417 4.86 -14.61 -36.55
CA LEU B 417 5.65 -13.51 -37.09
C LEU B 417 6.97 -14.09 -37.56
N SER B 418 7.38 -13.73 -38.78
CA SER B 418 8.61 -14.27 -39.34
C SER B 418 9.38 -13.25 -40.15
N PHE B 419 10.71 -13.36 -40.11
CA PHE B 419 11.57 -12.46 -40.87
C PHE B 419 11.65 -12.96 -42.32
N THR B 420 11.08 -14.13 -42.56
CA THR B 420 11.04 -14.72 -43.90
C THR B 420 9.70 -14.40 -44.55
N HIS B 421 9.74 -13.83 -45.76
CA HIS B 421 8.53 -13.47 -46.48
C HIS B 421 7.73 -14.73 -46.83
N PRO B 422 6.50 -14.82 -46.33
CA PRO B 422 5.63 -15.96 -46.63
C PRO B 422 5.19 -15.93 -48.09
N ALA B 423 5.46 -17.00 -48.82
CA ALA B 423 5.10 -17.07 -50.23
C ALA B 423 3.60 -17.15 -50.46
N ALA B 424 2.91 -17.93 -49.64
CA ALA B 424 1.46 -18.11 -49.78
C ALA B 424 0.64 -16.94 -49.23
N ASP B 425 -0.47 -16.65 -49.90
CA ASP B 425 -1.38 -15.59 -49.48
C ASP B 425 -2.31 -16.11 -48.39
N GLY B 426 -2.62 -15.24 -47.44
CA GLY B 426 -3.51 -15.60 -46.35
C GLY B 426 -4.11 -14.38 -45.69
N ALA B 427 -5.08 -14.59 -44.80
CA ALA B 427 -5.73 -13.48 -44.11
C ALA B 427 -6.42 -13.92 -42.83
N ASP B 428 -6.42 -13.03 -41.84
CA ASP B 428 -7.10 -13.28 -40.58
C ASP B 428 -8.14 -12.20 -40.40
N SER B 429 -9.28 -12.56 -39.86
CA SER B 429 -10.36 -11.59 -39.68
C SER B 429 -10.77 -11.40 -38.24
N TYR B 430 -11.31 -10.22 -37.95
CA TYR B 430 -11.85 -9.90 -36.64
C TYR B 430 -12.98 -8.89 -36.83
N VAL B 431 -13.98 -8.94 -35.97
CA VAL B 431 -15.12 -8.05 -36.09
C VAL B 431 -14.97 -6.85 -35.16
N SER B 432 -15.10 -5.66 -35.73
CA SER B 432 -15.00 -4.41 -34.98
C SER B 432 -16.39 -3.85 -34.73
N ASP B 433 -16.81 -3.87 -33.47
CA ASP B 433 -18.14 -3.38 -33.09
C ASP B 433 -18.06 -2.09 -32.28
N PRO B 434 -18.50 -0.99 -32.89
CA PRO B 434 -18.49 0.34 -32.24
C PRO B 434 -19.30 0.41 -30.94
N ALA B 435 -20.24 -0.52 -30.75
CA ALA B 435 -21.03 -0.56 -29.52
C ALA B 435 -20.19 -1.15 -28.37
N HIS B 436 -19.10 -1.82 -28.73
CA HIS B 436 -18.19 -2.41 -27.75
C HIS B 436 -16.73 -2.15 -28.13
N PRO B 437 -16.30 -0.88 -28.06
CA PRO B 437 -14.93 -0.51 -28.42
C PRO B 437 -13.92 -1.03 -27.42
N VAL B 438 -12.69 -1.26 -27.88
CA VAL B 438 -11.63 -1.76 -27.03
C VAL B 438 -11.11 -0.66 -26.11
N PRO B 439 -11.16 -0.90 -24.81
CA PRO B 439 -10.64 0.06 -23.83
C PRO B 439 -9.14 0.21 -24.00
N PHE B 440 -8.65 1.45 -24.17
CA PHE B 440 -7.21 1.66 -24.35
C PHE B 440 -6.43 1.22 -23.10
N ILE B 441 -7.09 1.33 -21.94
CA ILE B 441 -6.61 0.79 -20.68
C ILE B 441 -7.86 0.27 -19.95
N SER B 442 -7.66 -0.62 -18.98
CA SER B 442 -8.76 -1.25 -18.24
C SER B 442 -9.80 -0.29 -17.66
N ARG B 443 -11.07 -0.70 -17.75
CA ARG B 443 -12.18 0.04 -17.18
C ARG B 443 -12.18 -0.20 -15.67
N PRO B 444 -12.65 0.77 -14.88
CA PRO B 444 -13.12 2.06 -15.40
C PRO B 444 -11.99 3.07 -15.52
N PHE B 445 -12.12 4.01 -16.43
CA PHE B 445 -11.13 5.05 -16.58
C PHE B 445 -11.76 6.41 -16.83
N ALA B 446 -11.27 7.41 -16.12
CA ALA B 446 -11.72 8.77 -16.28
C ALA B 446 -10.49 9.61 -16.57
N PHE B 447 -10.61 10.55 -17.49
CA PHE B 447 -9.50 11.42 -17.86
C PHE B 447 -8.93 12.18 -16.66
N ALA B 448 -9.70 12.26 -15.59
CA ALA B 448 -9.28 12.93 -14.36
C ALA B 448 -8.27 12.08 -13.56
N GLN B 449 -8.20 10.79 -13.87
CA GLN B 449 -7.28 9.88 -13.19
C GLN B 449 -5.87 9.98 -13.79
N SER B 450 -5.15 11.03 -13.42
CA SER B 450 -3.80 11.27 -13.95
C SER B 450 -2.82 10.12 -13.65
N SER B 451 -3.00 9.47 -12.51
CA SER B 451 -2.13 8.36 -12.11
C SER B 451 -2.24 7.16 -13.07
N ARG B 452 -3.38 7.02 -13.72
CA ARG B 452 -3.59 5.92 -14.67
C ARG B 452 -3.23 6.37 -16.08
N TRP B 453 -3.40 7.66 -16.35
CA TRP B 453 -3.12 8.23 -17.66
C TRP B 453 -1.62 8.31 -17.96
N LYS B 454 -0.85 8.82 -17.00
CA LYS B 454 0.59 9.02 -17.18
C LYS B 454 1.41 7.81 -17.71
N PRO B 455 1.27 6.63 -17.11
CA PRO B 455 2.01 5.44 -17.57
C PRO B 455 1.17 4.49 -18.43
N TRP B 456 0.15 4.98 -19.11
CA TRP B 456 -0.72 4.10 -19.89
C TRP B 456 -0.02 3.36 -21.05
N LEU B 457 1.01 3.97 -21.62
CA LEU B 457 1.73 3.37 -22.74
C LEU B 457 2.57 2.11 -22.40
N VAL B 458 2.78 1.84 -21.11
CA VAL B 458 3.56 0.66 -20.72
C VAL B 458 2.70 -0.45 -20.13
N GLN B 459 1.38 -0.24 -20.12
CA GLN B 459 0.45 -1.23 -19.56
C GLN B 459 0.42 -2.54 -20.36
N ASP B 460 0.13 -3.63 -19.64
CA ASP B 460 0.03 -4.97 -20.19
C ASP B 460 -1.07 -5.04 -21.25
N GLN B 461 -0.76 -5.60 -22.42
CA GLN B 461 -1.74 -5.71 -23.50
C GLN B 461 -2.46 -7.06 -23.54
N ARG B 462 -2.36 -7.84 -22.46
CA ARG B 462 -3.00 -9.15 -22.41
C ARG B 462 -4.54 -9.09 -22.42
N GLU B 463 -5.10 -8.01 -21.90
CA GLU B 463 -6.56 -7.83 -21.89
C GLU B 463 -7.07 -7.75 -23.32
N ALA B 464 -6.39 -6.95 -24.14
CA ALA B 464 -6.75 -6.78 -25.55
C ALA B 464 -6.59 -8.09 -26.31
N GLU B 465 -5.47 -8.79 -26.07
CA GLU B 465 -5.20 -10.06 -26.74
C GLU B 465 -6.34 -11.07 -26.55
N SER B 466 -6.95 -11.07 -25.36
CA SER B 466 -8.02 -11.98 -25.02
C SER B 466 -9.36 -11.68 -25.73
N ARG B 467 -9.43 -10.55 -26.41
CA ARG B 467 -10.66 -10.12 -27.10
C ARG B 467 -10.74 -10.60 -28.56
N PRO B 468 -11.94 -10.94 -29.02
CA PRO B 468 -12.14 -11.37 -30.41
C PRO B 468 -12.07 -10.21 -31.42
N ASP B 469 -12.13 -8.97 -30.94
CA ASP B 469 -12.04 -7.80 -31.83
C ASP B 469 -10.60 -7.26 -31.91
N VAL B 470 -9.65 -8.13 -31.57
CA VAL B 470 -8.23 -7.81 -31.61
C VAL B 470 -7.51 -9.01 -32.20
N VAL B 471 -6.64 -8.78 -33.16
CA VAL B 471 -5.87 -9.88 -33.75
C VAL B 471 -4.42 -9.79 -33.26
N THR B 472 -3.88 -10.94 -32.83
CA THR B 472 -2.54 -10.98 -32.25
C THR B 472 -1.60 -11.94 -32.97
N TYR B 473 -0.37 -11.48 -33.20
CA TYR B 473 0.66 -12.29 -33.84
C TYR B 473 1.90 -12.27 -32.98
N GLU B 474 2.67 -13.36 -33.01
CA GLU B 474 3.89 -13.43 -32.21
C GLU B 474 4.92 -14.37 -32.80
N THR B 475 6.20 -14.09 -32.50
CA THR B 475 7.27 -14.97 -32.95
C THR B 475 7.33 -16.09 -31.95
N GLU B 476 8.15 -17.09 -32.25
CA GLU B 476 8.37 -18.16 -31.31
C GLU B 476 9.25 -17.53 -30.23
N VAL B 477 9.44 -18.24 -29.11
CA VAL B 477 10.29 -17.73 -28.05
C VAL B 477 11.68 -17.53 -28.65
N LEU B 478 12.23 -16.34 -28.47
CA LEU B 478 13.53 -16.00 -29.06
C LEU B 478 14.73 -16.78 -28.51
N ASP B 479 15.52 -17.32 -29.43
CA ASP B 479 16.73 -18.06 -29.10
C ASP B 479 17.89 -17.07 -29.10
N GLU B 480 17.76 -16.04 -29.94
CA GLU B 480 18.78 -15.00 -30.08
C GLU B 480 18.11 -13.63 -29.94
N PRO B 481 18.80 -12.70 -29.29
CA PRO B 481 18.27 -11.34 -29.12
C PRO B 481 18.13 -10.59 -30.45
N VAL B 482 17.11 -9.73 -30.54
CA VAL B 482 16.88 -8.92 -31.72
C VAL B 482 17.00 -7.45 -31.31
N ARG B 483 17.99 -6.77 -31.87
CA ARG B 483 18.25 -5.38 -31.54
C ARG B 483 17.58 -4.41 -32.51
N VAL B 484 16.83 -3.46 -31.98
CA VAL B 484 16.16 -2.45 -32.81
C VAL B 484 16.47 -1.03 -32.35
N SER B 485 16.74 -0.15 -33.31
CA SER B 485 17.04 1.24 -33.02
C SER B 485 16.66 2.11 -34.20
N GLY B 486 15.58 2.86 -34.04
CA GLY B 486 15.10 3.72 -35.10
C GLY B 486 13.60 3.85 -35.10
N VAL B 487 13.02 4.13 -36.27
CA VAL B 487 11.59 4.30 -36.40
C VAL B 487 10.95 3.12 -37.14
N PRO B 488 10.12 2.36 -36.43
CA PRO B 488 9.41 1.23 -37.05
C PRO B 488 8.31 1.78 -37.95
N VAL B 489 8.01 1.06 -39.02
CA VAL B 489 6.98 1.49 -39.95
C VAL B 489 5.96 0.40 -40.16
N ALA B 490 4.70 0.73 -39.95
CA ALA B 490 3.62 -0.22 -40.17
C ALA B 490 3.33 -0.29 -41.67
N ASP B 491 3.56 -1.47 -42.27
CA ASP B 491 3.27 -1.70 -43.68
C ASP B 491 2.06 -2.61 -43.68
N LEU B 492 0.89 -1.99 -43.65
CA LEU B 492 -0.36 -2.72 -43.50
C LEU B 492 -1.22 -2.89 -44.75
N PHE B 493 -1.63 -4.13 -44.99
CA PHE B 493 -2.53 -4.47 -46.07
C PHE B 493 -3.79 -4.96 -45.40
N ALA B 494 -4.78 -4.07 -45.27
CA ALA B 494 -6.00 -4.40 -44.56
C ALA B 494 -7.27 -4.05 -45.31
N ALA B 495 -8.31 -4.83 -45.03
CA ALA B 495 -9.61 -4.63 -45.63
C ALA B 495 -10.66 -4.49 -44.55
N THR B 496 -11.70 -3.71 -44.85
CA THR B 496 -12.84 -3.57 -43.95
C THR B 496 -14.11 -3.69 -44.76
N SER B 497 -15.17 -4.23 -44.15
CA SER B 497 -16.45 -4.36 -44.84
C SER B 497 -17.17 -3.01 -44.87
N GLY B 498 -16.68 -2.05 -44.07
CA GLY B 498 -17.26 -0.72 -44.01
C GLY B 498 -16.62 0.21 -45.03
N THR B 499 -16.85 1.52 -44.88
CA THR B 499 -16.28 2.51 -45.80
C THR B 499 -15.30 3.46 -45.08
N ASP B 500 -14.95 3.10 -43.86
CA ASP B 500 -13.99 3.84 -43.04
C ASP B 500 -13.56 2.90 -41.93
N SER B 501 -12.44 3.22 -41.30
CA SER B 501 -11.91 2.39 -40.21
C SER B 501 -10.65 2.99 -39.63
N ASP B 502 -10.42 2.69 -38.36
CA ASP B 502 -9.20 3.10 -37.69
C ASP B 502 -8.35 1.85 -37.63
N TRP B 503 -7.03 2.02 -37.68
CA TRP B 503 -6.13 0.89 -37.59
C TRP B 503 -5.09 1.12 -36.50
N VAL B 504 -5.23 0.37 -35.41
CA VAL B 504 -4.31 0.46 -34.29
C VAL B 504 -3.28 -0.64 -34.43
N VAL B 505 -2.00 -0.27 -34.44
CA VAL B 505 -0.92 -1.23 -34.58
C VAL B 505 0.01 -1.15 -33.38
N LYS B 506 0.25 -2.29 -32.74
CA LYS B 506 1.12 -2.33 -31.56
C LYS B 506 2.32 -3.25 -31.74
N LEU B 507 3.50 -2.72 -31.42
CA LEU B 507 4.73 -3.51 -31.44
C LEU B 507 5.00 -3.84 -29.99
N ILE B 508 4.98 -5.12 -29.67
CA ILE B 508 5.10 -5.55 -28.28
C ILE B 508 6.29 -6.47 -27.98
N ASP B 509 6.83 -6.33 -26.77
CA ASP B 509 7.88 -7.19 -26.28
C ASP B 509 7.24 -8.07 -25.20
N VAL B 510 7.10 -9.36 -25.49
CA VAL B 510 6.54 -10.29 -24.52
C VAL B 510 7.65 -10.74 -23.60
N GLN B 511 7.52 -10.46 -22.31
CA GLN B 511 8.52 -10.85 -21.33
C GLN B 511 8.58 -12.38 -21.24
N PRO B 512 9.66 -12.93 -20.68
CA PRO B 512 9.80 -14.38 -20.54
C PRO B 512 8.56 -14.97 -19.85
N ALA B 513 8.12 -16.15 -20.29
CA ALA B 513 6.94 -16.81 -19.73
C ALA B 513 6.90 -16.71 -18.20
N MET B 514 8.06 -16.89 -17.58
CA MET B 514 8.19 -16.75 -16.13
C MET B 514 9.36 -15.83 -15.82
N THR B 515 9.16 -14.92 -14.87
CA THR B 515 10.23 -14.03 -14.41
C THR B 515 10.30 -14.20 -12.91
N PRO B 516 10.97 -15.27 -12.46
CA PRO B 516 11.04 -15.64 -11.04
C PRO B 516 11.54 -14.55 -10.07
N ASP B 517 12.37 -13.62 -10.54
CA ASP B 517 12.88 -12.56 -9.68
C ASP B 517 11.86 -11.42 -9.51
N ASP B 518 10.84 -11.42 -10.38
CA ASP B 518 9.76 -10.42 -10.36
C ASP B 518 8.56 -11.06 -11.03
N PRO B 519 7.91 -12.00 -10.32
CA PRO B 519 6.82 -12.83 -10.88
C PRO B 519 5.72 -12.13 -11.69
N LYS B 520 5.33 -10.92 -11.29
CA LYS B 520 4.26 -10.19 -11.98
C LYS B 520 4.56 -9.88 -13.46
N MET B 521 5.83 -9.93 -13.84
CA MET B 521 6.24 -9.61 -15.22
C MET B 521 6.19 -10.81 -16.19
N GLY B 522 5.92 -12.00 -15.67
CA GLY B 522 5.87 -13.20 -16.49
C GLY B 522 4.81 -13.16 -17.59
N GLY B 523 5.26 -13.22 -18.85
CA GLY B 523 4.36 -13.20 -20.00
C GLY B 523 3.75 -11.83 -20.28
N TYR B 524 4.19 -10.82 -19.52
CA TYR B 524 3.72 -9.45 -19.65
C TYR B 524 3.94 -8.96 -21.07
N GLU B 525 2.89 -8.41 -21.67
CA GLU B 525 2.96 -7.92 -23.03
C GLU B 525 3.19 -6.42 -23.03
N LEU B 526 4.47 -6.04 -23.03
CA LEU B 526 4.89 -4.65 -22.98
C LEU B 526 5.00 -4.02 -24.37
N PRO B 527 4.20 -3.01 -24.61
CA PRO B 527 4.24 -2.28 -25.89
C PRO B 527 5.40 -1.30 -25.90
N VAL B 528 6.31 -1.44 -26.85
CA VAL B 528 7.44 -0.52 -26.96
C VAL B 528 7.13 0.58 -27.96
N SER B 529 6.11 0.35 -28.79
CA SER B 529 5.72 1.31 -29.81
C SER B 529 4.35 0.98 -30.39
N MET B 530 3.42 1.94 -30.30
CA MET B 530 2.08 1.75 -30.87
C MET B 530 1.43 3.06 -31.29
N ASP B 531 0.57 2.98 -32.30
CA ASP B 531 -0.15 4.15 -32.78
C ASP B 531 -1.42 3.77 -33.53
N ILE B 532 -2.22 4.78 -33.84
CA ILE B 532 -3.48 4.60 -34.55
C ILE B 532 -3.48 5.43 -35.83
N PHE B 533 -4.12 4.89 -36.88
CA PHE B 533 -4.23 5.57 -38.15
C PHE B 533 -5.69 5.62 -38.58
N ARG B 534 -6.20 6.82 -38.87
CA ARG B 534 -7.59 6.98 -39.32
C ARG B 534 -7.63 6.72 -40.83
N GLY B 535 -8.22 5.58 -41.20
CA GLY B 535 -8.30 5.11 -42.58
C GLY B 535 -8.71 6.05 -43.70
N ARG B 536 -9.61 6.98 -43.41
CA ARG B 536 -10.08 7.93 -44.42
C ARG B 536 -8.95 8.79 -45.00
N TYR B 537 -7.83 8.86 -44.28
CA TYR B 537 -6.68 9.67 -44.71
C TYR B 537 -5.59 8.84 -45.40
N ARG B 538 -5.93 7.62 -45.78
CA ARG B 538 -4.98 6.71 -46.43
C ARG B 538 -4.22 7.31 -47.61
N LYS B 539 -4.95 7.98 -48.51
CA LYS B 539 -4.34 8.57 -49.70
C LYS B 539 -3.86 10.01 -49.49
N ASP B 540 -4.60 10.78 -48.68
CA ASP B 540 -4.27 12.17 -48.43
C ASP B 540 -4.80 12.63 -47.08
N PHE B 541 -3.91 13.17 -46.23
CA PHE B 541 -4.30 13.66 -44.92
C PHE B 541 -5.22 14.89 -45.03
N ALA B 542 -5.05 15.66 -46.12
CA ALA B 542 -5.84 16.87 -46.35
C ALA B 542 -7.19 16.61 -47.01
N LYS B 543 -7.29 15.51 -47.75
CA LYS B 543 -8.53 15.16 -48.44
C LYS B 543 -9.00 13.75 -48.11
N PRO B 544 -9.85 13.64 -47.09
CA PRO B 544 -10.39 12.34 -46.67
C PRO B 544 -11.20 11.67 -47.76
N GLU B 545 -11.11 10.35 -47.84
CA GLU B 545 -11.80 9.58 -48.86
C GLU B 545 -12.31 8.27 -48.28
N ALA B 546 -13.47 7.83 -48.76
CA ALA B 546 -14.07 6.58 -48.31
C ALA B 546 -13.23 5.37 -48.68
N LEU B 547 -13.24 4.36 -47.83
CA LEU B 547 -12.51 3.13 -48.09
C LEU B 547 -13.38 2.23 -48.95
N GLN B 548 -12.76 1.57 -49.93
CA GLN B 548 -13.49 0.65 -50.78
C GLN B 548 -13.82 -0.59 -49.94
N PRO B 549 -15.11 -0.88 -49.77
CA PRO B 549 -15.55 -2.00 -48.92
C PRO B 549 -14.99 -3.35 -49.35
N ASP B 550 -14.50 -4.12 -48.37
CA ASP B 550 -13.94 -5.47 -48.60
C ASP B 550 -12.67 -5.51 -49.46
N ALA B 551 -12.12 -4.35 -49.81
CA ALA B 551 -10.91 -4.29 -50.60
C ALA B 551 -9.68 -4.18 -49.72
N THR B 552 -8.65 -4.97 -50.05
CA THR B 552 -7.40 -4.92 -49.31
C THR B 552 -6.66 -3.66 -49.73
N LEU B 553 -6.48 -2.75 -48.80
CA LEU B 553 -5.81 -1.48 -49.08
C LEU B 553 -4.48 -1.36 -48.35
N HIS B 554 -3.54 -0.66 -48.98
CA HIS B 554 -2.20 -0.50 -48.43
C HIS B 554 -2.04 0.74 -47.55
N TYR B 555 -1.69 0.52 -46.29
CA TYR B 555 -1.45 1.60 -45.34
C TYR B 555 0.04 1.60 -45.00
N HIS B 556 0.62 2.79 -44.90
CA HIS B 556 2.04 2.93 -44.64
C HIS B 556 2.29 4.13 -43.74
N PHE B 557 2.59 3.86 -42.46
CA PHE B 557 2.80 4.95 -41.50
C PHE B 557 3.84 4.63 -40.43
N THR B 558 4.58 5.64 -40.00
CA THR B 558 5.60 5.48 -38.99
C THR B 558 5.00 5.36 -37.59
N LEU B 559 5.67 4.58 -36.75
CA LEU B 559 5.26 4.37 -35.36
C LEU B 559 6.30 5.04 -34.47
N PRO B 560 5.99 5.20 -33.17
CA PRO B 560 6.94 5.81 -32.21
C PRO B 560 8.30 5.11 -32.27
N ALA B 561 9.36 5.89 -32.12
CA ALA B 561 10.73 5.37 -32.19
C ALA B 561 11.05 4.33 -31.11
N VAL B 562 12.01 3.47 -31.42
CA VAL B 562 12.45 2.44 -30.49
C VAL B 562 13.97 2.38 -30.40
N ASN B 563 14.44 1.91 -29.25
CA ASN B 563 15.85 1.68 -28.98
C ASN B 563 15.78 0.59 -27.95
N HIS B 564 15.52 -0.61 -28.45
CA HIS B 564 15.25 -1.74 -27.60
C HIS B 564 15.99 -2.98 -28.04
N VAL B 565 15.99 -3.97 -27.16
CA VAL B 565 16.57 -5.26 -27.46
C VAL B 565 15.56 -6.31 -26.99
N PHE B 566 15.04 -7.11 -27.92
CA PHE B 566 14.13 -8.19 -27.56
C PHE B 566 15.07 -9.33 -27.18
N ALA B 567 15.20 -9.57 -25.88
CA ALA B 567 16.13 -10.57 -25.36
C ALA B 567 15.71 -12.02 -25.52
N LYS B 568 16.67 -12.91 -25.25
CA LYS B 568 16.42 -14.34 -25.30
C LYS B 568 15.34 -14.68 -24.29
N GLY B 569 14.39 -15.53 -24.68
CA GLY B 569 13.30 -15.89 -23.80
C GLY B 569 12.07 -15.04 -24.03
N HIS B 570 12.27 -13.88 -24.65
CA HIS B 570 11.17 -12.97 -24.97
C HIS B 570 10.56 -13.35 -26.31
N ARG B 571 9.56 -12.58 -26.72
CA ARG B 571 8.90 -12.75 -28.00
C ARG B 571 8.64 -11.39 -28.57
N ILE B 572 8.58 -11.28 -29.89
CA ILE B 572 8.17 -10.03 -30.50
C ILE B 572 6.70 -10.26 -30.82
N MET B 573 5.85 -9.29 -30.50
CA MET B 573 4.43 -9.44 -30.74
C MET B 573 3.82 -8.25 -31.45
N VAL B 574 2.82 -8.51 -32.27
CA VAL B 574 2.10 -7.47 -32.98
C VAL B 574 0.61 -7.64 -32.73
N GLN B 575 -0.06 -6.56 -32.33
CA GLN B 575 -1.50 -6.59 -32.12
C GLN B 575 -2.15 -5.54 -33.00
N ILE B 576 -3.25 -5.91 -33.64
CA ILE B 576 -3.99 -4.99 -34.49
C ILE B 576 -5.46 -4.96 -34.08
N GLN B 577 -6.00 -3.76 -33.94
CA GLN B 577 -7.40 -3.56 -33.56
C GLN B 577 -7.94 -2.32 -34.25
N SER B 578 -9.23 -2.06 -34.11
CA SER B 578 -9.84 -0.90 -34.79
C SER B 578 -10.50 0.15 -33.89
N SER B 579 -10.24 0.05 -32.59
CA SER B 579 -10.75 1.03 -31.63
C SER B 579 -9.77 1.16 -30.45
N TRP B 580 -9.83 2.29 -29.75
CA TRP B 580 -8.94 2.60 -28.63
C TRP B 580 -9.70 3.63 -27.79
N PHE B 581 -10.66 3.14 -26.99
CA PHE B 581 -11.61 3.98 -26.26
C PHE B 581 -11.36 4.07 -24.74
N PRO B 582 -11.68 5.22 -24.12
CA PRO B 582 -12.23 6.41 -24.81
C PRO B 582 -11.20 7.47 -25.23
N LEU B 583 -9.91 7.13 -25.23
CA LEU B 583 -8.88 8.10 -25.64
C LEU B 583 -9.20 8.65 -27.05
N TYR B 584 -9.43 7.75 -28.00
CA TYR B 584 -9.77 8.16 -29.36
C TYR B 584 -11.24 7.94 -29.63
N ASP B 585 -11.89 8.90 -30.29
CA ASP B 585 -13.29 8.75 -30.63
C ASP B 585 -13.44 7.58 -31.60
N ARG B 586 -14.59 6.90 -31.53
CA ARG B 586 -14.83 5.75 -32.37
C ARG B 586 -15.03 6.12 -33.82
N ASN B 587 -14.39 5.36 -34.71
CA ASN B 587 -14.60 5.52 -36.12
C ASN B 587 -15.93 4.83 -36.39
N PRO B 588 -16.89 5.55 -36.98
CA PRO B 588 -18.22 4.99 -37.27
C PRO B 588 -18.15 3.79 -38.20
N GLN B 589 -17.04 3.67 -38.93
CA GLN B 589 -16.80 2.59 -39.89
C GLN B 589 -17.71 2.67 -41.12
N LYS B 590 -18.31 3.84 -41.26
CA LYS B 590 -19.11 4.20 -42.40
C LYS B 590 -18.63 5.60 -42.67
N PHE B 591 -18.28 5.89 -43.92
CA PHE B 591 -17.75 7.22 -44.25
C PHE B 591 -18.78 8.33 -44.12
N VAL B 592 -18.55 9.22 -43.16
CA VAL B 592 -19.40 10.38 -42.94
C VAL B 592 -18.53 11.61 -43.20
N PRO B 593 -19.13 12.74 -43.60
CA PRO B 593 -18.37 13.96 -43.87
C PRO B 593 -17.48 14.42 -42.71
N ASN B 594 -18.02 14.39 -41.49
CA ASN B 594 -17.29 14.81 -40.29
C ASN B 594 -17.58 13.86 -39.13
N ILE B 595 -16.57 13.09 -38.73
CA ILE B 595 -16.74 12.10 -37.65
C ILE B 595 -17.15 12.73 -36.31
N PHE B 596 -16.83 14.01 -36.13
CA PHE B 596 -17.23 14.75 -34.92
C PHE B 596 -18.74 14.74 -34.80
N ASP B 597 -19.42 14.81 -35.94
CA ASP B 597 -20.89 14.87 -35.97
C ASP B 597 -21.58 13.58 -36.38
N ALA B 598 -20.91 12.46 -36.20
CA ALA B 598 -21.49 11.16 -36.53
C ALA B 598 -22.78 10.94 -35.71
N LYS B 599 -23.79 10.38 -36.36
CA LYS B 599 -25.08 10.12 -35.72
C LYS B 599 -25.15 8.67 -35.24
N PRO B 600 -26.04 8.38 -34.28
CA PRO B 600 -26.21 7.02 -33.75
C PRO B 600 -26.33 5.93 -34.82
N ALA B 601 -27.09 6.20 -35.88
CA ALA B 601 -27.28 5.21 -36.96
C ALA B 601 -26.05 5.05 -37.88
N ASP B 602 -25.07 5.97 -37.75
CA ASP B 602 -23.86 5.91 -38.57
C ASP B 602 -22.88 4.83 -38.13
N TYR B 603 -22.88 4.52 -36.83
CA TYR B 603 -21.97 3.51 -36.28
C TYR B 603 -22.30 2.12 -36.78
N THR B 604 -21.37 1.54 -37.53
CA THR B 604 -21.58 0.25 -38.16
C THR B 604 -20.59 -0.83 -37.76
N VAL B 605 -21.13 -2.03 -37.55
CA VAL B 605 -20.31 -3.19 -37.24
C VAL B 605 -19.60 -3.57 -38.53
N ALA B 606 -18.31 -3.86 -38.46
CA ALA B 606 -17.56 -4.22 -39.66
C ALA B 606 -16.63 -5.39 -39.43
N THR B 607 -16.39 -6.15 -40.50
CA THR B 607 -15.48 -7.28 -40.46
C THR B 607 -14.15 -6.80 -41.04
N GLN B 608 -13.10 -6.88 -40.23
CA GLN B 608 -11.78 -6.44 -40.64
C GLN B 608 -10.92 -7.63 -41.02
N SER B 609 -10.16 -7.50 -42.10
CA SER B 609 -9.29 -8.57 -42.56
C SER B 609 -7.87 -8.08 -42.77
N ILE B 610 -6.92 -8.75 -42.14
CA ILE B 610 -5.51 -8.40 -42.28
C ILE B 610 -4.84 -9.44 -43.16
N HIS B 611 -4.32 -9.01 -44.30
CA HIS B 611 -3.67 -9.92 -45.23
C HIS B 611 -2.21 -10.17 -44.87
N HIS B 612 -1.75 -11.39 -45.11
CA HIS B 612 -0.35 -11.73 -44.87
C HIS B 612 0.18 -12.60 -46.02
N GLY B 613 1.47 -12.44 -46.32
CA GLY B 613 2.11 -13.18 -47.39
C GLY B 613 1.82 -12.64 -48.77
N GLY B 614 2.46 -13.23 -49.79
CA GLY B 614 2.27 -12.84 -51.17
C GLY B 614 2.65 -11.40 -51.48
N LYS B 615 1.87 -10.77 -52.35
CA LYS B 615 2.11 -9.37 -52.77
C LYS B 615 1.52 -8.35 -51.80
N GLU B 616 0.74 -8.83 -50.83
CA GLU B 616 0.14 -7.94 -49.83
C GLU B 616 0.54 -8.43 -48.44
N ALA B 617 1.83 -8.66 -48.27
CA ALA B 617 2.39 -9.18 -47.03
C ALA B 617 2.55 -8.12 -45.94
N THR B 618 1.56 -8.05 -45.04
CA THR B 618 1.58 -7.11 -43.94
C THR B 618 2.80 -7.39 -43.06
N SER B 619 3.44 -6.32 -42.60
CA SER B 619 4.59 -6.45 -41.76
C SER B 619 4.88 -5.16 -41.03
N ILE B 620 5.79 -5.26 -40.06
CA ILE B 620 6.27 -4.10 -39.36
C ILE B 620 7.69 -3.96 -39.86
N LEU B 621 7.97 -2.86 -40.53
CA LEU B 621 9.33 -2.61 -41.01
C LEU B 621 10.14 -2.20 -39.78
N LEU B 622 10.92 -3.14 -39.26
CA LEU B 622 11.71 -2.92 -38.05
C LEU B 622 13.08 -2.35 -38.32
N PRO B 623 13.51 -1.40 -37.49
CA PRO B 623 14.85 -0.82 -37.60
C PRO B 623 15.87 -1.73 -36.93
N VAL B 624 16.02 -2.95 -37.46
CA VAL B 624 16.94 -3.93 -36.92
C VAL B 624 18.40 -3.52 -37.16
N VAL B 625 19.19 -3.55 -36.09
CA VAL B 625 20.61 -3.19 -36.17
C VAL B 625 21.45 -4.33 -35.58
N LYS B 626 22.75 -4.30 -35.86
CA LYS B 626 23.67 -5.32 -35.34
C LYS B 626 24.31 -4.88 -34.02
N HIS C 10 38.60 -34.58 27.74
CA HIS C 10 38.47 -33.19 27.19
C HIS C 10 37.30 -32.44 27.82
N ASP C 11 37.47 -31.12 27.95
CA ASP C 11 36.44 -30.26 28.55
C ASP C 11 35.25 -30.10 27.60
N PRO C 12 34.08 -30.60 28.01
CA PRO C 12 32.87 -30.52 27.18
C PRO C 12 32.37 -29.08 26.98
N LEU C 13 32.77 -28.16 27.85
CA LEU C 13 32.37 -26.77 27.74
C LEU C 13 33.18 -26.03 26.67
N SER C 14 34.19 -26.69 26.14
CA SER C 14 35.04 -26.12 25.09
C SER C 14 35.13 -27.04 23.87
N VAL C 15 35.32 -28.33 24.12
CA VAL C 15 35.48 -29.33 23.05
C VAL C 15 34.24 -30.19 22.85
N GLN C 16 33.63 -30.08 21.67
CA GLN C 16 32.45 -30.87 21.32
C GLN C 16 32.80 -31.89 20.25
N THR C 17 32.82 -33.17 20.64
CA THR C 17 33.11 -34.26 19.70
C THR C 17 31.85 -35.08 19.42
N GLY C 18 30.72 -34.58 19.91
CA GLY C 18 29.43 -35.22 19.72
C GLY C 18 28.52 -34.32 18.91
N SER C 19 27.23 -34.39 19.19
CA SER C 19 26.24 -33.58 18.47
C SER C 19 25.67 -32.46 19.34
N ASP C 20 25.42 -31.30 18.70
CA ASP C 20 24.85 -30.14 19.38
C ASP C 20 23.31 -30.23 19.43
N ILE C 21 22.77 -31.26 18.78
CA ILE C 21 21.33 -31.49 18.78
C ILE C 21 21.00 -32.42 19.94
N PRO C 22 20.17 -31.92 20.87
CA PRO C 22 19.78 -32.72 22.06
C PRO C 22 19.02 -33.98 21.67
N ALA C 23 19.27 -35.06 22.40
CA ALA C 23 18.60 -36.33 22.14
C ALA C 23 17.10 -36.22 22.38
N SER C 24 16.73 -35.55 23.48
CA SER C 24 15.34 -35.33 23.83
C SER C 24 15.15 -33.92 24.37
N VAL C 25 14.02 -33.31 24.02
CA VAL C 25 13.73 -31.94 24.46
C VAL C 25 12.51 -31.86 25.39
N HIS C 26 12.68 -31.16 26.50
CA HIS C 26 11.60 -30.95 27.47
C HIS C 26 11.64 -29.51 27.95
N MET C 27 11.26 -28.59 27.07
CA MET C 27 11.26 -27.16 27.35
C MET C 27 10.19 -26.74 28.37
N PRO C 28 10.56 -25.86 29.29
CA PRO C 28 9.64 -25.36 30.33
C PRO C 28 8.52 -24.46 29.78
N THR C 29 8.46 -24.29 28.46
CA THR C 29 7.42 -23.47 27.83
C THR C 29 6.08 -24.22 27.81
N ASP C 30 6.14 -25.53 28.07
CA ASP C 30 4.95 -26.37 28.10
C ASP C 30 4.17 -26.15 29.40
N GLN C 31 4.90 -25.81 30.46
CA GLN C 31 4.27 -25.55 31.77
C GLN C 31 3.74 -24.12 31.85
N GLN C 32 4.11 -23.30 30.86
CA GLN C 32 3.66 -21.91 30.78
C GLN C 32 2.44 -21.78 29.87
N ARG C 33 1.90 -22.92 29.44
CA ARG C 33 0.73 -22.95 28.57
C ARG C 33 -0.57 -22.97 29.38
N ASP C 34 -1.66 -22.55 28.76
CA ASP C 34 -2.96 -22.58 29.42
C ASP C 34 -3.80 -23.73 28.86
N TYR C 35 -3.12 -24.66 28.18
CA TYR C 35 -3.78 -25.82 27.58
C TYR C 35 -2.88 -27.04 27.58
N ILE C 36 -3.48 -28.18 27.30
CA ILE C 36 -2.76 -29.44 27.21
C ILE C 36 -3.05 -30.02 25.82
N LYS C 37 -2.01 -30.50 25.16
CA LYS C 37 -2.16 -31.10 23.84
C LYS C 37 -1.86 -32.58 23.87
N ARG C 38 -2.83 -33.39 23.46
CA ARG C 38 -2.69 -34.84 23.44
C ARG C 38 -2.73 -35.37 22.01
N GLU C 39 -1.77 -36.23 21.68
CA GLU C 39 -1.71 -36.86 20.35
C GLU C 39 -2.05 -38.33 20.52
N VAL C 40 -2.99 -38.83 19.74
CA VAL C 40 -3.39 -40.23 19.86
C VAL C 40 -3.82 -40.87 18.54
N MET C 41 -3.42 -42.13 18.36
CA MET C 41 -3.78 -42.89 17.19
C MET C 41 -5.05 -43.66 17.53
N VAL C 42 -6.20 -43.14 17.11
CA VAL C 42 -7.50 -43.77 17.39
C VAL C 42 -7.83 -44.87 16.38
N PRO C 43 -7.98 -46.09 16.87
CA PRO C 43 -8.28 -47.24 16.01
C PRO C 43 -9.74 -47.29 15.54
N MET C 44 -9.93 -47.53 14.24
CA MET C 44 -11.25 -47.65 13.68
C MET C 44 -11.66 -49.12 13.77
N ARG C 45 -12.90 -49.42 13.41
CA ARG C 45 -13.42 -50.80 13.48
C ARG C 45 -12.64 -51.83 12.65
N ASP C 46 -11.92 -51.38 11.63
CA ASP C 46 -11.13 -52.28 10.80
C ASP C 46 -9.65 -52.35 11.22
N GLY C 47 -9.30 -51.68 12.31
CA GLY C 47 -7.93 -51.69 12.82
C GLY C 47 -7.08 -50.52 12.37
N VAL C 48 -7.55 -49.80 11.36
CA VAL C 48 -6.84 -48.63 10.84
C VAL C 48 -6.88 -47.51 11.89
N LYS C 49 -5.71 -46.93 12.18
CA LYS C 49 -5.62 -45.88 13.20
C LYS C 49 -5.54 -44.47 12.60
N LEU C 50 -6.27 -43.54 13.22
CA LEU C 50 -6.31 -42.16 12.75
C LEU C 50 -5.64 -41.21 13.75
N TYR C 51 -4.76 -40.36 13.23
CA TYR C 51 -4.05 -39.38 14.05
C TYR C 51 -5.04 -38.34 14.56
N THR C 52 -5.12 -38.22 15.88
CA THR C 52 -6.07 -37.31 16.52
C THR C 52 -5.40 -36.35 17.51
N VAL C 53 -5.63 -35.05 17.32
CA VAL C 53 -5.07 -34.03 18.21
C VAL C 53 -6.16 -33.51 19.13
N ILE C 54 -5.93 -33.61 20.44
CA ILE C 54 -6.90 -33.16 21.42
C ILE C 54 -6.33 -32.01 22.24
N VAL C 55 -6.90 -30.82 22.07
CA VAL C 55 -6.46 -29.63 22.80
C VAL C 55 -7.40 -29.35 23.97
N ILE C 56 -6.91 -29.57 25.18
CA ILE C 56 -7.69 -29.41 26.40
C ILE C 56 -7.25 -28.21 27.23
N PRO C 57 -8.18 -27.32 27.55
CA PRO C 57 -7.88 -26.16 28.40
C PRO C 57 -7.42 -26.63 29.77
N LYS C 58 -6.47 -25.92 30.37
CA LYS C 58 -5.97 -26.29 31.69
C LYS C 58 -7.12 -26.24 32.71
N ASN C 59 -7.17 -27.25 33.56
CA ASN C 59 -8.20 -27.35 34.60
C ASN C 59 -9.62 -27.52 34.06
N ALA C 60 -9.74 -28.07 32.85
CA ALA C 60 -11.04 -28.31 32.25
C ALA C 60 -11.70 -29.50 32.93
N ARG C 61 -12.98 -29.34 33.25
CA ARG C 61 -13.76 -30.40 33.88
C ARG C 61 -15.14 -30.41 33.25
N ASN C 62 -15.57 -31.58 32.79
CA ASN C 62 -16.88 -31.74 32.14
C ASN C 62 -17.09 -30.73 31.00
N ALA C 63 -16.07 -30.60 30.16
CA ALA C 63 -16.11 -29.67 29.04
C ALA C 63 -16.59 -30.37 27.77
N PRO C 64 -17.38 -29.67 26.96
CA PRO C 64 -17.86 -30.21 25.69
C PRO C 64 -16.72 -30.31 24.68
N ILE C 65 -16.88 -31.17 23.68
CA ILE C 65 -15.86 -31.36 22.65
C ILE C 65 -16.31 -30.83 21.29
N LEU C 66 -15.43 -30.07 20.64
CA LEU C 66 -15.70 -29.59 19.28
C LEU C 66 -14.77 -30.38 18.37
N LEU C 67 -15.36 -31.17 17.48
CA LEU C 67 -14.59 -32.04 16.61
C LEU C 67 -14.62 -31.65 15.13
N THR C 68 -13.47 -31.78 14.48
CA THR C 68 -13.34 -31.53 13.05
C THR C 68 -12.43 -32.61 12.46
N ARG C 69 -12.89 -33.21 11.35
CA ARG C 69 -12.13 -34.26 10.66
C ARG C 69 -11.63 -33.64 9.35
N THR C 70 -10.32 -33.69 9.13
CA THR C 70 -9.72 -32.98 8.00
C THR C 70 -8.66 -33.73 7.17
N PRO C 71 -8.58 -33.39 5.87
CA PRO C 71 -7.53 -33.90 5.00
C PRO C 71 -6.40 -32.85 4.91
N TYR C 72 -6.45 -31.84 5.77
CA TYR C 72 -5.48 -30.73 5.72
C TYR C 72 -4.50 -30.67 6.90
N ASN C 73 -4.02 -31.84 7.34
CA ASN C 73 -3.01 -31.92 8.41
C ASN C 73 -3.50 -31.40 9.78
N ALA C 74 -4.12 -32.30 10.56
CA ALA C 74 -4.64 -31.98 11.89
C ALA C 74 -3.61 -31.34 12.82
N LYS C 75 -2.37 -31.83 12.76
CA LYS C 75 -1.29 -31.29 13.58
C LYS C 75 -1.07 -29.81 13.29
N GLY C 76 -1.18 -29.44 12.01
CA GLY C 76 -1.01 -28.06 11.58
C GLY C 76 -2.22 -27.20 11.88
N ARG C 77 -3.42 -27.79 11.72
CA ARG C 77 -4.68 -27.07 11.98
C ARG C 77 -4.77 -26.62 13.44
N ALA C 78 -4.26 -27.46 14.34
CA ALA C 78 -4.26 -27.15 15.77
C ALA C 78 -2.96 -26.45 16.17
N ASN C 79 -2.30 -25.84 15.18
CA ASN C 79 -1.05 -25.12 15.41
C ASN C 79 -1.01 -23.82 14.60
N ARG C 80 -2.10 -23.04 14.66
CA ARG C 80 -2.17 -21.76 13.93
C ARG C 80 -0.87 -21.00 14.21
N VAL C 81 -0.56 -20.86 15.49
CA VAL C 81 0.72 -20.31 15.92
C VAL C 81 1.37 -21.53 16.57
N PRO C 82 2.37 -22.10 15.88
CA PRO C 82 3.05 -23.33 16.34
C PRO C 82 3.51 -23.31 17.81
N ASN C 83 3.03 -24.29 18.58
CA ASN C 83 3.36 -24.43 20.01
C ASN C 83 3.16 -23.15 20.83
N ALA C 84 2.10 -22.41 20.51
CA ALA C 84 1.79 -21.16 21.19
C ALA C 84 1.61 -21.34 22.70
N LEU C 85 1.78 -20.26 23.44
CA LEU C 85 1.63 -20.30 24.90
C LEU C 85 0.16 -20.31 25.31
N THR C 86 -0.72 -19.80 24.45
CA THR C 86 -2.16 -19.79 24.75
C THR C 86 -2.96 -20.58 23.73
N MET C 87 -4.08 -21.15 24.18
CA MET C 87 -4.98 -21.93 23.35
C MET C 87 -5.57 -21.08 22.24
N ARG C 88 -5.78 -19.81 22.55
CA ARG C 88 -6.35 -18.86 21.60
C ARG C 88 -5.48 -18.73 20.33
N GLU C 89 -4.16 -18.71 20.49
CA GLU C 89 -3.23 -18.59 19.35
C GLU C 89 -3.06 -19.93 18.63
N VAL C 90 -3.01 -21.01 19.41
CA VAL C 90 -2.77 -22.34 18.86
C VAL C 90 -3.93 -22.83 17.95
N LEU C 91 -5.14 -22.38 18.26
CA LEU C 91 -6.31 -22.77 17.47
C LEU C 91 -6.67 -21.68 16.46
N PRO C 92 -7.33 -22.08 15.37
CA PRO C 92 -7.72 -21.13 14.30
C PRO C 92 -8.60 -19.99 14.80
N GLN C 93 -8.66 -18.92 14.00
CA GLN C 93 -9.47 -17.75 14.31
C GLN C 93 -10.96 -18.11 14.48
N GLY C 94 -11.44 -19.05 13.65
CA GLY C 94 -12.83 -19.49 13.71
C GLY C 94 -13.23 -20.22 14.98
N ASP C 95 -12.23 -20.65 15.75
CA ASP C 95 -12.46 -21.36 17.00
C ASP C 95 -12.53 -20.41 18.20
N ASP C 96 -12.36 -19.11 17.92
CA ASP C 96 -12.33 -18.08 18.98
C ASP C 96 -13.42 -18.19 20.06
N VAL C 97 -14.68 -18.26 19.63
CA VAL C 97 -15.80 -18.33 20.56
C VAL C 97 -15.83 -19.62 21.39
N PHE C 98 -15.24 -20.68 20.85
CA PHE C 98 -15.22 -21.96 21.56
C PHE C 98 -14.06 -22.03 22.54
N VAL C 99 -13.00 -21.29 22.26
CA VAL C 99 -11.87 -21.22 23.18
C VAL C 99 -12.35 -20.42 24.38
N GLU C 100 -13.08 -19.34 24.11
CA GLU C 100 -13.65 -18.47 25.13
C GLU C 100 -14.67 -19.24 25.99
N GLY C 101 -15.28 -20.27 25.39
CA GLY C 101 -16.27 -21.07 26.07
C GLY C 101 -15.72 -22.27 26.83
N GLY C 102 -14.40 -22.43 26.81
CA GLY C 102 -13.75 -23.53 27.51
C GLY C 102 -13.98 -24.90 26.89
N TYR C 103 -14.19 -24.92 25.58
CA TYR C 103 -14.42 -26.17 24.86
C TYR C 103 -13.12 -26.94 24.68
N ILE C 104 -13.23 -28.24 24.52
CA ILE C 104 -12.08 -29.07 24.21
C ILE C 104 -12.08 -29.17 22.68
N ARG C 105 -10.95 -28.88 22.06
CA ARG C 105 -10.87 -28.93 20.60
C ARG C 105 -10.21 -30.19 20.08
N VAL C 106 -10.80 -30.79 19.06
CA VAL C 106 -10.26 -31.99 18.47
C VAL C 106 -10.15 -31.88 16.95
N PHE C 107 -8.95 -32.12 16.42
CA PHE C 107 -8.71 -32.14 14.98
C PHE C 107 -8.17 -33.52 14.65
N GLN C 108 -8.75 -34.17 13.65
CA GLN C 108 -8.33 -35.51 13.28
C GLN C 108 -8.05 -35.65 11.79
N ASP C 109 -6.93 -36.29 11.46
CA ASP C 109 -6.59 -36.56 10.07
C ASP C 109 -7.50 -37.66 9.60
N ILE C 110 -8.20 -37.44 8.49
CA ILE C 110 -9.08 -38.46 7.95
C ILE C 110 -8.26 -39.64 7.43
N ARG C 111 -8.93 -40.76 7.23
CA ARG C 111 -8.30 -41.98 6.74
C ARG C 111 -7.44 -41.74 5.50
N GLY C 112 -6.18 -42.15 5.57
CA GLY C 112 -5.26 -42.05 4.45
C GLY C 112 -4.50 -40.74 4.28
N LYS C 113 -4.68 -39.81 5.20
CA LYS C 113 -3.99 -38.52 5.08
C LYS C 113 -3.09 -38.19 6.27
N TYR C 114 -1.94 -37.61 5.95
CA TYR C 114 -0.93 -37.18 6.93
C TYR C 114 -0.55 -38.22 8.00
N GLY C 115 -0.95 -37.99 9.24
CA GLY C 115 -0.60 -38.89 10.34
C GLY C 115 -1.44 -40.16 10.42
N SER C 116 -2.51 -40.22 9.63
CA SER C 116 -3.41 -41.38 9.65
C SER C 116 -3.01 -42.51 8.72
N GLN C 117 -3.40 -43.73 9.10
CA GLN C 117 -3.14 -44.91 8.28
C GLN C 117 -4.30 -45.11 7.31
N GLY C 118 -4.25 -46.19 6.53
CA GLY C 118 -5.30 -46.52 5.59
C GLY C 118 -5.15 -45.92 4.21
N ASP C 119 -6.07 -46.28 3.32
CA ASP C 119 -6.07 -45.80 1.94
C ASP C 119 -6.88 -44.52 1.84
N TYR C 120 -6.40 -43.57 1.04
CA TYR C 120 -7.12 -42.32 0.86
C TYR C 120 -7.93 -42.35 -0.44
N VAL C 121 -9.20 -42.03 -0.32
CA VAL C 121 -10.09 -41.93 -1.47
C VAL C 121 -10.69 -40.54 -1.46
N MET C 122 -10.48 -39.79 -2.55
CA MET C 122 -11.01 -38.43 -2.66
C MET C 122 -12.51 -38.44 -2.40
N THR C 123 -12.94 -37.61 -1.45
CA THR C 123 -14.35 -37.54 -1.04
C THR C 123 -14.95 -38.93 -1.02
N ARG C 124 -14.34 -39.82 -0.23
CA ARG C 124 -14.77 -41.21 -0.13
C ARG C 124 -16.29 -41.34 -0.04
N PRO C 125 -16.87 -42.02 -1.03
CA PRO C 125 -18.32 -42.23 -1.09
C PRO C 125 -18.84 -43.02 0.10
N PRO C 126 -20.11 -42.81 0.46
CA PRO C 126 -20.73 -43.53 1.57
C PRO C 126 -20.90 -45.00 1.19
N HIS C 127 -21.15 -45.85 2.19
CA HIS C 127 -21.35 -47.27 1.92
C HIS C 127 -22.46 -47.44 0.88
N GLY C 128 -22.18 -48.25 -0.13
CA GLY C 128 -23.14 -48.48 -1.20
C GLY C 128 -22.43 -48.99 -2.44
N PRO C 129 -23.05 -48.78 -3.61
CA PRO C 129 -22.49 -49.24 -4.89
C PRO C 129 -21.09 -48.66 -5.21
N LEU C 130 -20.75 -47.51 -4.62
CA LEU C 130 -19.44 -46.89 -4.87
C LEU C 130 -18.43 -47.18 -3.75
N ASN C 131 -18.89 -47.89 -2.71
CA ASN C 131 -18.03 -48.25 -1.57
C ASN C 131 -18.61 -49.49 -0.88
N PRO C 132 -18.17 -50.67 -1.34
CA PRO C 132 -18.66 -51.94 -0.79
C PRO C 132 -17.90 -52.43 0.45
N THR C 133 -16.95 -51.63 0.96
CA THR C 133 -16.20 -52.03 2.14
C THR C 133 -17.02 -51.84 3.41
N LYS C 134 -16.44 -52.18 4.55
CA LYS C 134 -17.14 -52.06 5.83
C LYS C 134 -16.98 -50.68 6.48
N THR C 135 -16.13 -49.83 5.88
CA THR C 135 -15.92 -48.48 6.43
C THR C 135 -16.13 -47.36 5.42
N ASP C 136 -16.37 -46.17 5.95
CA ASP C 136 -16.54 -44.95 5.18
C ASP C 136 -16.35 -43.78 6.13
N GLU C 137 -16.53 -42.56 5.66
CA GLU C 137 -16.35 -41.38 6.51
C GLU C 137 -17.38 -41.32 7.65
N THR C 138 -18.51 -42.01 7.47
CA THR C 138 -19.57 -42.06 8.47
C THR C 138 -19.15 -42.93 9.67
N THR C 139 -18.68 -44.15 9.38
CA THR C 139 -18.24 -45.07 10.42
C THR C 139 -16.97 -44.58 11.11
N ASP C 140 -16.11 -43.89 10.35
CA ASP C 140 -14.87 -43.34 10.90
C ASP C 140 -15.19 -42.27 11.94
N ALA C 141 -16.19 -41.44 11.64
CA ALA C 141 -16.62 -40.40 12.56
C ALA C 141 -17.30 -41.05 13.77
N TRP C 142 -18.08 -42.09 13.52
CA TRP C 142 -18.79 -42.82 14.57
C TRP C 142 -17.77 -43.40 15.57
N ASP C 143 -16.77 -44.10 15.04
CA ASP C 143 -15.74 -44.73 15.86
C ASP C 143 -14.92 -43.69 16.63
N THR C 144 -14.75 -42.51 16.01
CA THR C 144 -13.99 -41.43 16.63
C THR C 144 -14.73 -40.85 17.83
N VAL C 145 -16.01 -40.54 17.63
CA VAL C 145 -16.83 -39.97 18.71
C VAL C 145 -16.92 -40.95 19.87
N ASP C 146 -17.08 -42.23 19.55
CA ASP C 146 -17.18 -43.27 20.58
C ASP C 146 -15.91 -43.35 21.43
N TRP C 147 -14.75 -43.25 20.76
CA TRP C 147 -13.48 -43.28 21.47
C TRP C 147 -13.31 -42.06 22.36
N LEU C 148 -13.68 -40.90 21.83
CA LEU C 148 -13.54 -39.63 22.56
C LEU C 148 -14.34 -39.60 23.86
N VAL C 149 -15.60 -40.02 23.82
CA VAL C 149 -16.46 -39.99 25.01
C VAL C 149 -16.09 -41.05 26.05
N HIS C 150 -15.21 -41.98 25.69
CA HIS C 150 -14.77 -43.03 26.59
C HIS C 150 -13.29 -42.88 27.00
N ASN C 151 -12.57 -41.93 26.39
CA ASN C 151 -11.14 -41.75 26.68
C ASN C 151 -10.68 -40.32 27.00
N VAL C 152 -11.61 -39.39 27.18
CA VAL C 152 -11.27 -38.00 27.53
C VAL C 152 -12.00 -37.63 28.83
N PRO C 153 -11.35 -37.90 29.97
CA PRO C 153 -11.94 -37.66 31.30
C PRO C 153 -12.34 -36.21 31.59
N GLU C 154 -11.66 -35.27 30.95
CA GLU C 154 -11.93 -33.85 31.14
C GLU C 154 -13.21 -33.40 30.43
N SER C 155 -13.73 -34.26 29.56
CA SER C 155 -14.93 -33.96 28.78
C SER C 155 -16.23 -34.39 29.48
N ASN C 156 -17.35 -33.88 29.00
CA ASN C 156 -18.67 -34.23 29.54
C ASN C 156 -19.37 -35.30 28.72
N GLY C 157 -18.65 -35.85 27.74
CA GLY C 157 -19.19 -36.90 26.89
C GLY C 157 -20.10 -36.40 25.76
N ARG C 158 -20.11 -35.08 25.56
CA ARG C 158 -20.93 -34.49 24.50
C ARG C 158 -20.03 -33.93 23.41
N VAL C 159 -20.31 -34.31 22.17
CA VAL C 159 -19.50 -33.88 21.04
C VAL C 159 -20.29 -33.07 20.01
N GLY C 160 -19.69 -31.98 19.56
CA GLY C 160 -20.28 -31.15 18.53
C GLY C 160 -19.35 -31.23 17.33
N MET C 161 -19.91 -31.21 16.13
CA MET C 161 -19.09 -31.32 14.93
C MET C 161 -19.21 -30.12 14.00
N THR C 162 -18.08 -29.66 13.49
CA THR C 162 -18.07 -28.54 12.57
C THR C 162 -16.88 -28.63 11.62
N GLY C 163 -16.82 -27.70 10.67
CA GLY C 163 -15.75 -27.67 9.69
C GLY C 163 -16.23 -27.08 8.39
N SER C 164 -15.31 -26.47 7.64
CA SER C 164 -15.65 -25.85 6.37
C SER C 164 -15.06 -26.61 5.19
N ALA C 165 -15.80 -26.61 4.07
CA ALA C 165 -15.38 -27.28 2.83
C ALA C 165 -15.26 -28.80 3.01
N TYR C 166 -14.05 -29.34 2.81
CA TYR C 166 -13.81 -30.76 3.00
C TYR C 166 -14.05 -31.09 4.48
N GLU C 167 -13.74 -30.14 5.35
CA GLU C 167 -13.97 -30.32 6.78
C GLU C 167 -15.48 -30.27 7.08
N GLY C 168 -16.25 -29.72 6.14
CA GLY C 168 -17.70 -29.67 6.25
C GLY C 168 -18.29 -30.93 5.66
N PHE C 169 -17.59 -31.49 4.67
CA PHE C 169 -17.98 -32.72 4.00
C PHE C 169 -18.01 -33.87 5.02
N THR C 170 -17.01 -33.90 5.92
CA THR C 170 -16.93 -34.94 6.95
C THR C 170 -18.07 -34.82 7.99
N VAL C 171 -18.57 -33.60 8.18
CA VAL C 171 -19.68 -33.38 9.10
C VAL C 171 -20.95 -33.97 8.48
N VAL C 172 -21.14 -33.70 7.19
CA VAL C 172 -22.31 -34.20 6.46
C VAL C 172 -22.31 -35.74 6.47
N MET C 173 -21.13 -36.32 6.25
CA MET C 173 -20.98 -37.77 6.25
C MET C 173 -21.36 -38.36 7.61
N ALA C 174 -20.98 -37.65 8.68
CA ALA C 174 -21.29 -38.09 10.04
C ALA C 174 -22.80 -38.04 10.29
N LEU C 175 -23.47 -37.06 9.68
CA LEU C 175 -24.91 -36.89 9.84
C LEU C 175 -25.75 -38.03 9.21
N LEU C 176 -25.11 -38.83 8.35
CA LEU C 176 -25.79 -39.97 7.72
C LEU C 176 -26.16 -41.05 8.75
N ASP C 177 -25.30 -41.21 9.76
CA ASP C 177 -25.53 -42.16 10.85
C ASP C 177 -24.62 -41.73 12.02
N PRO C 178 -25.06 -40.73 12.77
CA PRO C 178 -24.26 -40.17 13.86
C PRO C 178 -24.30 -40.95 15.15
N HIS C 179 -23.19 -40.88 15.90
CA HIS C 179 -23.07 -41.52 17.19
C HIS C 179 -24.00 -40.78 18.15
N PRO C 180 -24.66 -41.50 19.06
CA PRO C 180 -25.57 -40.89 20.04
C PRO C 180 -24.97 -39.68 20.79
N ALA C 181 -23.66 -39.66 20.97
CA ALA C 181 -22.99 -38.57 21.67
C ALA C 181 -22.80 -37.30 20.82
N LEU C 182 -23.02 -37.42 19.50
CA LEU C 182 -22.95 -36.26 18.61
C LEU C 182 -24.25 -35.51 18.78
N LYS C 183 -24.22 -34.45 19.58
CA LYS C 183 -25.43 -33.68 19.92
C LYS C 183 -25.81 -32.56 18.98
N VAL C 184 -24.83 -32.05 18.21
CA VAL C 184 -25.10 -30.93 17.31
C VAL C 184 -24.07 -30.86 16.18
N ALA C 185 -24.48 -30.37 15.01
CA ALA C 185 -23.60 -30.29 13.86
C ALA C 185 -23.69 -28.94 13.13
N ALA C 186 -22.56 -28.49 12.59
CA ALA C 186 -22.52 -27.24 11.85
C ALA C 186 -21.63 -27.34 10.61
N PRO C 187 -22.17 -27.90 9.53
CA PRO C 187 -21.43 -28.00 8.27
C PRO C 187 -21.29 -26.63 7.63
N GLU C 188 -20.06 -26.20 7.38
CA GLU C 188 -19.78 -24.91 6.78
C GLU C 188 -19.27 -25.10 5.35
N SER C 189 -19.91 -24.41 4.40
CA SER C 189 -19.57 -24.52 2.96
C SER C 189 -19.16 -25.95 2.59
N PRO C 190 -20.01 -26.94 2.92
CA PRO C 190 -19.66 -28.35 2.71
C PRO C 190 -19.68 -28.79 1.26
N MET C 191 -18.81 -29.73 0.91
CA MET C 191 -18.79 -30.32 -0.41
C MET C 191 -19.93 -31.32 -0.39
N VAL C 192 -20.99 -31.02 -1.12
CA VAL C 192 -22.18 -31.86 -1.13
C VAL C 192 -22.43 -32.53 -2.49
N ASP C 193 -22.34 -31.75 -3.56
CA ASP C 193 -22.51 -32.26 -4.91
C ASP C 193 -21.49 -31.61 -5.82
N GLY C 194 -20.34 -32.28 -5.97
CA GLY C 194 -19.25 -31.78 -6.78
C GLY C 194 -19.53 -31.62 -8.27
N TRP C 195 -20.64 -32.16 -8.74
CA TRP C 195 -20.99 -32.08 -10.16
C TRP C 195 -22.02 -30.99 -10.46
N MET C 196 -23.06 -30.93 -9.64
CA MET C 196 -24.14 -29.95 -9.84
C MET C 196 -23.70 -28.50 -9.65
N GLY C 197 -22.95 -28.23 -8.57
CA GLY C 197 -22.53 -26.87 -8.32
C GLY C 197 -21.51 -26.62 -7.24
N ASP C 198 -20.75 -27.64 -6.85
CA ASP C 198 -19.73 -27.43 -5.83
C ASP C 198 -18.31 -27.27 -6.43
N ASP C 199 -17.39 -28.16 -6.09
CA ASP C 199 -15.97 -28.02 -6.51
C ASP C 199 -15.55 -28.40 -7.93
N TRP C 200 -16.05 -29.52 -8.45
CA TRP C 200 -15.59 -30.01 -9.76
C TRP C 200 -16.30 -29.43 -10.99
N PHE C 201 -17.63 -29.37 -10.95
CA PHE C 201 -18.41 -28.83 -12.06
C PHE C 201 -19.53 -27.94 -11.53
N HIS C 202 -20.05 -27.11 -12.42
CA HIS C 202 -21.23 -26.29 -12.16
C HIS C 202 -22.12 -26.59 -13.36
N TYR C 203 -23.20 -27.34 -13.12
CA TYR C 203 -24.12 -27.75 -14.19
C TYR C 203 -23.37 -28.44 -15.34
N GLY C 204 -22.34 -29.22 -15.00
CA GLY C 204 -21.56 -29.94 -15.99
C GLY C 204 -20.36 -29.23 -16.57
N ALA C 205 -20.20 -27.94 -16.26
CA ALA C 205 -19.06 -27.18 -16.76
C ALA C 205 -17.87 -27.39 -15.81
N PHE C 206 -16.79 -27.98 -16.33
CA PHE C 206 -15.61 -28.33 -15.54
C PHE C 206 -14.79 -27.16 -14.99
N ARG C 207 -14.44 -27.25 -13.71
CA ARG C 207 -13.64 -26.22 -13.03
C ARG C 207 -12.15 -26.62 -13.02
N GLN C 208 -11.38 -25.97 -13.88
CA GLN C 208 -9.95 -26.29 -14.09
C GLN C 208 -8.98 -26.13 -12.92
N GLY C 209 -9.42 -25.48 -11.84
CA GLY C 209 -8.58 -25.31 -10.68
C GLY C 209 -8.44 -26.61 -9.90
N ALA C 210 -9.27 -27.60 -10.25
CA ALA C 210 -9.26 -28.90 -9.59
C ALA C 210 -7.95 -29.67 -9.81
N PHE C 211 -7.30 -29.44 -10.95
CA PHE C 211 -6.06 -30.13 -11.28
C PHE C 211 -4.96 -29.93 -10.22
N ASP C 212 -4.73 -28.67 -9.83
CA ASP C 212 -3.73 -28.37 -8.80
C ASP C 212 -4.10 -29.03 -7.49
N TYR C 213 -5.39 -29.00 -7.16
CA TYR C 213 -5.89 -29.62 -5.95
C TYR C 213 -5.62 -31.14 -5.94
N PHE C 214 -5.85 -31.78 -7.10
CA PHE C 214 -5.63 -33.23 -7.23
C PHE C 214 -4.19 -33.62 -6.93
N VAL C 215 -3.25 -32.93 -7.59
CA VAL C 215 -1.84 -33.21 -7.42
C VAL C 215 -1.33 -32.81 -6.03
N SER C 216 -1.91 -31.74 -5.48
CA SER C 216 -1.51 -31.28 -4.15
C SER C 216 -1.98 -32.22 -3.04
N GLN C 217 -3.18 -32.76 -3.19
CA GLN C 217 -3.77 -33.62 -2.15
C GLN C 217 -3.59 -35.13 -2.35
N MET C 218 -3.27 -35.57 -3.56
CA MET C 218 -3.15 -37.01 -3.82
C MET C 218 -1.79 -37.54 -4.31
N THR C 219 -0.76 -36.71 -4.24
CA THR C 219 0.58 -37.15 -4.66
C THR C 219 1.21 -38.01 -3.56
N ALA C 220 0.87 -37.70 -2.31
CA ALA C 220 1.40 -38.44 -1.17
C ALA C 220 0.42 -38.42 0.00
N ARG C 221 0.69 -39.26 1.00
CA ARG C 221 -0.13 -39.32 2.20
C ARG C 221 -0.12 -37.94 2.86
N GLY C 222 1.06 -37.32 2.89
CA GLY C 222 1.23 -36.00 3.45
C GLY C 222 1.13 -34.91 2.39
N GLY C 223 1.96 -33.88 2.55
CA GLY C 223 1.96 -32.74 1.63
C GLY C 223 2.41 -33.03 0.22
N GLY C 224 1.87 -32.25 -0.71
CA GLY C 224 2.22 -32.36 -2.12
C GLY C 224 2.42 -30.97 -2.70
N ASN C 225 2.72 -30.91 -3.99
CA ASN C 225 2.93 -29.62 -4.65
C ASN C 225 1.95 -29.40 -5.79
N ASP C 226 1.91 -28.17 -6.30
CA ASP C 226 1.05 -27.84 -7.43
C ASP C 226 1.74 -28.28 -8.71
N ILE C 227 1.04 -28.18 -9.82
CA ILE C 227 1.59 -28.55 -11.12
C ILE C 227 2.51 -27.42 -11.60
N PRO C 228 3.77 -27.74 -11.91
CA PRO C 228 4.74 -26.75 -12.41
C PRO C 228 4.18 -26.09 -13.66
N ARG C 229 4.30 -24.76 -13.74
CA ARG C 229 3.74 -24.02 -14.87
C ARG C 229 4.78 -23.44 -15.82
N ARG C 230 4.38 -23.29 -17.07
CA ARG C 230 5.23 -22.71 -18.09
C ARG C 230 5.10 -21.19 -18.05
N ASP C 231 3.86 -20.71 -18.03
CA ASP C 231 3.57 -19.28 -18.02
C ASP C 231 3.03 -18.81 -16.68
N ALA C 232 3.22 -17.53 -16.39
CA ALA C 232 2.73 -16.94 -15.15
C ALA C 232 1.19 -16.80 -15.19
N ASP C 233 0.65 -16.76 -16.41
CA ASP C 233 -0.79 -16.61 -16.63
C ASP C 233 -1.44 -17.95 -16.98
N ASP C 234 -2.43 -18.35 -16.17
CA ASP C 234 -3.13 -19.62 -16.43
C ASP C 234 -4.11 -19.52 -17.59
N TYR C 235 -4.45 -18.30 -17.97
CA TYR C 235 -5.31 -18.08 -19.12
C TYR C 235 -4.49 -18.58 -20.30
N THR C 236 -3.20 -18.23 -20.30
CA THR C 236 -2.27 -18.66 -21.34
C THR C 236 -1.98 -20.17 -21.25
N ASN C 237 -1.65 -20.65 -20.05
CA ASN C 237 -1.32 -22.06 -19.83
C ASN C 237 -2.39 -23.04 -20.33
N PHE C 238 -3.64 -22.77 -19.98
CA PHE C 238 -4.74 -23.64 -20.35
C PHE C 238 -5.15 -23.50 -21.82
N LEU C 239 -5.13 -22.27 -22.33
CA LEU C 239 -5.48 -22.04 -23.73
C LEU C 239 -4.47 -22.71 -24.66
N LYS C 240 -3.18 -22.63 -24.29
CA LYS C 240 -2.12 -23.24 -25.09
C LYS C 240 -2.21 -24.76 -25.08
N ALA C 241 -2.57 -25.33 -23.93
CA ALA C 241 -2.71 -26.78 -23.81
C ALA C 241 -3.92 -27.28 -24.61
N GLY C 242 -4.93 -26.42 -24.74
CA GLY C 242 -6.13 -26.77 -25.49
C GLY C 242 -7.26 -27.20 -24.58
N SER C 243 -7.56 -28.49 -24.59
CA SER C 243 -8.61 -29.04 -23.75
C SER C 243 -8.12 -29.25 -22.32
N ALA C 244 -9.06 -29.48 -21.41
CA ALA C 244 -8.72 -29.73 -20.02
C ALA C 244 -7.98 -31.06 -19.89
N GLY C 245 -8.40 -32.05 -20.69
CA GLY C 245 -7.79 -33.37 -20.68
C GLY C 245 -6.36 -33.32 -21.19
N SER C 246 -6.09 -32.40 -22.10
CA SER C 246 -4.75 -32.23 -22.64
C SER C 246 -3.82 -31.66 -21.57
N PHE C 247 -4.33 -30.70 -20.79
CA PHE C 247 -3.55 -30.12 -19.70
C PHE C 247 -3.26 -31.18 -18.64
N ALA C 248 -4.30 -31.94 -18.28
CA ALA C 248 -4.17 -33.01 -17.29
C ALA C 248 -3.13 -34.06 -17.70
N THR C 249 -3.17 -34.45 -18.98
CA THR C 249 -2.22 -35.43 -19.50
C THR C 249 -0.77 -34.92 -19.43
N GLN C 250 -0.57 -33.65 -19.80
CA GLN C 250 0.76 -33.03 -19.76
C GLN C 250 1.25 -32.86 -18.32
N ALA C 251 0.30 -32.79 -17.39
CA ALA C 251 0.61 -32.63 -15.98
C ALA C 251 0.92 -33.97 -15.31
N GLY C 252 0.54 -35.07 -15.96
CA GLY C 252 0.78 -36.40 -15.43
C GLY C 252 -0.38 -36.94 -14.63
N LEU C 253 -1.54 -36.31 -14.76
CA LEU C 253 -2.73 -36.72 -14.01
C LEU C 253 -3.39 -38.02 -14.48
N ASP C 254 -2.99 -38.51 -15.66
CA ASP C 254 -3.56 -39.75 -16.19
C ASP C 254 -3.21 -40.95 -15.31
N GLN C 255 -2.21 -40.79 -14.44
CA GLN C 255 -1.81 -41.86 -13.55
C GLN C 255 -2.44 -41.71 -12.15
N TYR C 256 -3.31 -40.72 -11.99
CA TYR C 256 -4.01 -40.49 -10.72
C TYR C 256 -5.41 -41.10 -10.81
N PRO C 257 -5.67 -42.13 -9.99
CA PRO C 257 -6.95 -42.84 -10.00
C PRO C 257 -8.22 -41.95 -9.95
N PHE C 258 -8.23 -40.89 -9.13
CA PHE C 258 -9.41 -40.03 -9.07
C PHE C 258 -9.70 -39.30 -10.38
N TRP C 259 -8.65 -38.84 -11.05
CA TRP C 259 -8.83 -38.16 -12.33
C TRP C 259 -9.31 -39.17 -13.37
N GLN C 260 -8.81 -40.40 -13.27
CA GLN C 260 -9.22 -41.47 -14.18
C GLN C 260 -10.72 -41.69 -14.09
N ARG C 261 -11.25 -41.67 -12.86
CA ARG C 261 -12.68 -41.85 -12.64
C ARG C 261 -13.47 -40.64 -13.13
N MET C 262 -13.00 -39.44 -12.80
CA MET C 262 -13.66 -38.20 -13.21
C MET C 262 -13.74 -38.09 -14.73
N HIS C 263 -12.61 -38.37 -15.40
CA HIS C 263 -12.54 -38.31 -16.86
C HIS C 263 -13.51 -39.29 -17.50
N ALA C 264 -13.73 -40.42 -16.83
CA ALA C 264 -14.64 -41.45 -17.33
C ALA C 264 -16.10 -41.09 -17.08
N HIS C 265 -16.34 -40.10 -16.22
CA HIS C 265 -17.70 -39.69 -15.89
C HIS C 265 -17.93 -38.17 -16.03
N PRO C 266 -17.90 -37.65 -17.26
CA PRO C 266 -18.12 -36.22 -17.48
C PRO C 266 -19.56 -35.80 -17.22
N ALA C 267 -20.51 -36.71 -17.45
CA ALA C 267 -21.92 -36.42 -17.23
C ALA C 267 -22.39 -36.82 -15.83
N TYR C 268 -23.58 -36.38 -15.45
CA TYR C 268 -24.16 -36.66 -14.12
C TYR C 268 -24.75 -38.07 -14.06
N ASP C 269 -23.90 -39.08 -14.22
CA ASP C 269 -24.36 -40.46 -14.19
C ASP C 269 -24.39 -41.03 -12.76
N ALA C 270 -24.44 -42.36 -12.64
CA ALA C 270 -24.50 -43.03 -11.34
C ALA C 270 -23.31 -42.70 -10.42
N PHE C 271 -22.14 -42.45 -11.02
CA PHE C 271 -20.95 -42.12 -10.25
C PHE C 271 -21.12 -40.84 -9.44
N TRP C 272 -21.77 -39.85 -10.04
CA TRP C 272 -21.99 -38.57 -9.36
C TRP C 272 -23.30 -38.56 -8.56
N GLN C 273 -24.32 -39.23 -9.08
CA GLN C 273 -25.62 -39.31 -8.40
C GLN C 273 -25.49 -40.05 -7.07
N GLY C 274 -24.61 -41.06 -7.02
CA GLY C 274 -24.37 -41.83 -5.81
C GLY C 274 -23.52 -41.07 -4.81
N GLN C 275 -23.18 -39.83 -5.15
CA GLN C 275 -22.35 -38.98 -4.28
C GLN C 275 -23.06 -37.66 -3.94
N ALA C 276 -24.31 -37.51 -4.40
CA ALA C 276 -25.08 -36.31 -4.11
C ALA C 276 -25.58 -36.39 -2.68
N LEU C 277 -24.81 -35.83 -1.75
CA LEU C 277 -25.10 -35.90 -0.33
C LEU C 277 -26.40 -35.22 0.14
N ASP C 278 -26.85 -34.21 -0.60
CA ASP C 278 -28.10 -33.54 -0.23
C ASP C 278 -29.29 -34.50 -0.37
N LYS C 279 -29.27 -35.31 -1.41
CA LYS C 279 -30.33 -36.29 -1.65
C LYS C 279 -30.24 -37.47 -0.68
N ILE C 280 -29.01 -37.93 -0.45
CA ILE C 280 -28.78 -39.07 0.45
C ILE C 280 -29.11 -38.72 1.92
N LEU C 281 -28.74 -37.52 2.35
CA LEU C 281 -29.02 -37.09 3.71
C LEU C 281 -30.53 -36.90 3.93
N ALA C 282 -31.22 -36.41 2.91
CA ALA C 282 -32.66 -36.19 2.98
C ALA C 282 -33.42 -37.51 3.14
N GLN C 283 -32.85 -38.59 2.58
CA GLN C 283 -33.46 -39.92 2.68
C GLN C 283 -33.29 -40.49 4.08
N ARG C 284 -32.19 -40.11 4.74
CA ARG C 284 -31.91 -40.60 6.09
C ARG C 284 -32.63 -39.80 7.17
N LYS C 285 -33.02 -38.56 6.84
CA LYS C 285 -33.72 -37.66 7.77
C LYS C 285 -33.08 -37.61 9.16
N PRO C 286 -31.94 -36.91 9.26
CA PRO C 286 -31.21 -36.81 10.53
C PRO C 286 -32.05 -36.16 11.65
N THR C 287 -31.76 -36.53 12.89
CA THR C 287 -32.48 -36.00 14.05
C THR C 287 -31.59 -35.07 14.87
N VAL C 288 -30.35 -34.94 14.45
CA VAL C 288 -29.38 -34.09 15.12
C VAL C 288 -29.56 -32.63 14.68
N PRO C 289 -29.66 -31.70 15.65
CA PRO C 289 -29.82 -30.27 15.34
C PRO C 289 -28.72 -29.81 14.39
N MET C 290 -29.10 -29.09 13.34
CA MET C 290 -28.13 -28.65 12.33
C MET C 290 -28.13 -27.17 12.05
N LEU C 291 -26.94 -26.65 11.81
CA LEU C 291 -26.74 -25.27 11.45
C LEU C 291 -25.97 -25.30 10.14
N TRP C 292 -26.64 -25.02 9.03
CA TRP C 292 -26.00 -25.03 7.72
C TRP C 292 -25.50 -23.63 7.37
N GLU C 293 -24.29 -23.55 6.85
CA GLU C 293 -23.70 -22.25 6.53
C GLU C 293 -22.93 -22.24 5.22
N GLN C 294 -22.99 -21.10 4.54
CA GLN C 294 -22.24 -20.86 3.32
C GLN C 294 -22.22 -19.35 3.10
N GLY C 295 -21.22 -18.87 2.36
CA GLY C 295 -21.15 -17.45 2.06
C GLY C 295 -22.01 -17.14 0.86
N LEU C 296 -22.56 -15.93 0.81
CA LEU C 296 -23.38 -15.50 -0.32
C LEU C 296 -22.52 -15.44 -1.58
N TRP C 297 -21.21 -15.26 -1.36
CA TRP C 297 -20.25 -15.22 -2.46
C TRP C 297 -19.24 -16.37 -2.34
N ASP C 298 -19.75 -17.55 -2.00
CA ASP C 298 -18.94 -18.75 -1.86
C ASP C 298 -18.43 -19.19 -3.23
N GLN C 299 -17.14 -18.94 -3.48
CA GLN C 299 -16.54 -19.25 -4.78
C GLN C 299 -16.08 -20.71 -4.97
N GLU C 300 -16.35 -21.57 -3.99
CA GLU C 300 -15.93 -22.98 -4.09
C GLU C 300 -17.07 -23.98 -3.83
N ASP C 301 -17.95 -23.66 -2.88
CA ASP C 301 -19.07 -24.55 -2.56
C ASP C 301 -20.39 -23.80 -2.42
N MET C 302 -20.88 -23.28 -3.55
CA MET C 302 -22.12 -22.50 -3.59
C MET C 302 -23.39 -23.35 -3.51
N TRP C 303 -23.30 -24.58 -3.99
CA TRP C 303 -24.44 -25.50 -4.04
C TRP C 303 -24.76 -26.15 -2.69
N GLY C 304 -23.71 -26.69 -2.06
CA GLY C 304 -23.79 -27.43 -0.81
C GLY C 304 -24.82 -27.13 0.27
N ALA C 305 -24.52 -26.16 1.12
CA ALA C 305 -25.37 -25.83 2.27
C ALA C 305 -26.83 -25.57 1.97
N ILE C 306 -27.10 -24.66 1.03
CA ILE C 306 -28.48 -24.31 0.71
C ILE C 306 -29.31 -25.49 0.17
N HIS C 307 -28.71 -26.31 -0.69
CA HIS C 307 -29.43 -27.45 -1.26
C HIS C 307 -29.64 -28.58 -0.25
N ALA C 308 -28.66 -28.78 0.63
CA ALA C 308 -28.78 -29.81 1.66
C ALA C 308 -29.85 -29.40 2.67
N TRP C 309 -29.81 -28.12 3.08
CA TRP C 309 -30.78 -27.58 4.03
C TRP C 309 -32.20 -27.63 3.46
N GLN C 310 -32.34 -27.26 2.18
CA GLN C 310 -33.66 -27.26 1.50
C GLN C 310 -34.22 -28.68 1.34
N ALA C 311 -33.34 -29.62 1.02
CA ALA C 311 -33.74 -31.02 0.86
C ALA C 311 -34.28 -31.57 2.18
N LEU C 312 -33.64 -31.18 3.28
CA LEU C 312 -34.07 -31.61 4.61
C LEU C 312 -35.41 -31.00 4.98
N LYS C 313 -35.61 -29.74 4.57
CA LYS C 313 -36.87 -29.04 4.82
C LYS C 313 -38.00 -29.71 4.05
N ASP C 314 -37.72 -30.13 2.81
CA ASP C 314 -38.70 -30.80 1.96
C ASP C 314 -39.01 -32.20 2.48
N ALA C 315 -38.06 -32.77 3.23
CA ALA C 315 -38.23 -34.11 3.80
C ALA C 315 -38.91 -34.05 5.18
N ASP C 316 -39.22 -32.84 5.63
CA ASP C 316 -39.88 -32.61 6.93
C ASP C 316 -39.11 -33.15 8.13
N VAL C 317 -37.86 -32.71 8.28
CA VAL C 317 -37.03 -33.15 9.41
C VAL C 317 -37.57 -32.60 10.73
N LYS C 318 -37.55 -33.44 11.77
CA LYS C 318 -38.04 -33.03 13.09
C LYS C 318 -36.89 -32.64 14.00
N ALA C 319 -36.02 -31.78 13.49
CA ALA C 319 -34.86 -31.31 14.23
C ALA C 319 -34.52 -29.92 13.75
N PRO C 320 -33.93 -29.11 14.62
CA PRO C 320 -33.50 -27.76 14.25
C PRO C 320 -32.69 -27.82 12.95
N ASN C 321 -33.11 -27.05 11.96
CA ASN C 321 -32.47 -27.03 10.65
C ASN C 321 -32.46 -25.60 10.12
N THR C 322 -31.40 -24.88 10.45
CA THR C 322 -31.28 -23.47 10.09
C THR C 322 -30.17 -23.20 9.08
N LEU C 323 -30.48 -22.35 8.10
CA LEU C 323 -29.51 -21.96 7.10
C LEU C 323 -28.97 -20.57 7.43
N VAL C 324 -27.66 -20.43 7.37
CA VAL C 324 -27.02 -19.14 7.63
C VAL C 324 -26.15 -18.76 6.45
N MET C 325 -26.38 -17.56 5.91
CA MET C 325 -25.57 -17.07 4.80
C MET C 325 -25.16 -15.63 5.05
N GLY C 326 -23.86 -15.41 5.16
CA GLY C 326 -23.32 -14.07 5.38
C GLY C 326 -22.65 -13.53 4.15
N PRO C 327 -22.19 -12.28 4.21
CA PRO C 327 -21.53 -11.64 3.08
C PRO C 327 -20.08 -12.09 3.01
N TRP C 328 -19.87 -13.39 2.79
CA TRP C 328 -18.54 -13.95 2.81
C TRP C 328 -18.16 -14.74 1.57
N ARG C 329 -16.85 -14.93 1.41
CA ARG C 329 -16.33 -15.76 0.36
C ARG C 329 -16.27 -17.17 0.96
N HIS C 330 -15.70 -18.11 0.21
CA HIS C 330 -15.60 -19.50 0.69
C HIS C 330 -14.85 -19.58 2.03
N SER C 331 -15.51 -20.19 3.03
CA SER C 331 -14.93 -20.37 4.38
C SER C 331 -14.70 -19.05 5.12
N GLY C 332 -15.25 -17.95 4.60
CA GLY C 332 -15.10 -16.63 5.21
C GLY C 332 -15.67 -16.55 6.63
N VAL C 333 -16.58 -17.46 6.93
CA VAL C 333 -17.23 -17.53 8.24
C VAL C 333 -16.22 -17.73 9.39
N ASN C 334 -15.07 -18.31 9.09
CA ASN C 334 -14.06 -18.59 10.10
C ASN C 334 -12.96 -17.53 10.20
N TYR C 335 -13.17 -16.40 9.56
CA TYR C 335 -12.19 -15.31 9.59
C TYR C 335 -12.86 -13.97 9.87
N ASN C 336 -12.41 -12.91 9.23
CA ASN C 336 -13.00 -11.58 9.44
C ASN C 336 -13.98 -11.26 8.30
N GLY C 337 -15.22 -10.94 8.66
CA GLY C 337 -16.24 -10.66 7.66
C GLY C 337 -16.68 -9.22 7.54
N SER C 338 -15.76 -8.28 7.77
CA SER C 338 -16.10 -6.86 7.67
C SER C 338 -15.99 -6.34 6.25
N THR C 339 -15.23 -7.05 5.41
CA THR C 339 -15.03 -6.67 4.01
C THR C 339 -14.94 -7.87 3.07
N LEU C 340 -15.03 -7.59 1.77
CA LEU C 340 -14.88 -8.59 0.71
C LEU C 340 -14.61 -7.80 -0.56
N GLY C 341 -13.37 -7.86 -1.04
CA GLY C 341 -12.99 -7.09 -2.21
C GLY C 341 -13.08 -5.62 -1.80
N PRO C 342 -13.74 -4.81 -2.63
CA PRO C 342 -13.94 -3.39 -2.33
C PRO C 342 -15.18 -3.14 -1.46
N LEU C 343 -15.93 -4.19 -1.16
CA LEU C 343 -17.16 -4.05 -0.37
C LEU C 343 -16.89 -3.93 1.12
N GLU C 344 -17.71 -3.13 1.79
CA GLU C 344 -17.59 -2.92 3.22
C GLU C 344 -18.94 -3.20 3.87
N PHE C 345 -18.93 -4.09 4.85
CA PHE C 345 -20.15 -4.46 5.55
C PHE C 345 -20.20 -3.86 6.94
N GLU C 346 -21.31 -4.04 7.64
CA GLU C 346 -21.47 -3.46 8.97
C GLU C 346 -20.84 -4.30 10.09
N GLY C 347 -19.53 -4.10 10.28
CA GLY C 347 -18.80 -4.80 11.31
C GLY C 347 -18.32 -6.18 10.88
N ASP C 348 -17.63 -6.87 11.78
CA ASP C 348 -17.14 -8.21 11.51
C ASP C 348 -18.32 -9.18 11.57
N THR C 349 -18.99 -9.33 10.43
CA THR C 349 -20.17 -10.20 10.32
C THR C 349 -19.90 -11.65 10.66
N ALA C 350 -18.67 -12.11 10.37
CA ALA C 350 -18.29 -13.48 10.66
C ALA C 350 -18.25 -13.70 12.19
N HIS C 351 -17.56 -12.80 12.89
CA HIS C 351 -17.47 -12.89 14.35
C HIS C 351 -18.86 -12.71 14.97
N GLN C 352 -19.68 -11.85 14.37
CA GLN C 352 -21.03 -11.61 14.85
C GLN C 352 -21.84 -12.91 14.87
N TYR C 353 -21.78 -13.65 13.77
CA TYR C 353 -22.49 -14.93 13.65
C TYR C 353 -21.94 -15.97 14.64
N ARG C 354 -20.61 -16.07 14.70
CA ARG C 354 -19.96 -17.03 15.57
C ARG C 354 -20.34 -16.82 17.04
N ARG C 355 -20.37 -15.55 17.45
CA ARG C 355 -20.68 -15.19 18.82
C ARG C 355 -22.17 -15.19 19.18
N ASP C 356 -23.00 -14.66 18.29
CA ASP C 356 -24.44 -14.53 18.57
C ASP C 356 -25.33 -15.71 18.16
N VAL C 357 -24.86 -16.54 17.23
CA VAL C 357 -25.68 -17.67 16.76
C VAL C 357 -25.00 -19.03 16.94
N PHE C 358 -23.85 -19.19 16.30
CA PHE C 358 -23.08 -20.44 16.33
C PHE C 358 -22.83 -20.94 17.77
N ARG C 359 -22.15 -20.12 18.57
CA ARG C 359 -21.82 -20.48 19.95
C ARG C 359 -23.03 -20.83 20.87
N PRO C 360 -24.04 -19.95 20.94
CA PRO C 360 -25.23 -20.23 21.76
C PRO C 360 -25.98 -21.49 21.31
N PHE C 361 -26.05 -21.73 20.00
CA PHE C 361 -26.70 -22.91 19.44
C PHE C 361 -26.02 -24.18 19.92
N PHE C 362 -24.68 -24.18 19.87
CA PHE C 362 -23.90 -25.33 20.29
C PHE C 362 -23.97 -25.54 21.80
N ASP C 363 -23.93 -24.44 22.55
CA ASP C 363 -24.00 -24.49 24.01
C ASP C 363 -25.28 -25.17 24.50
N GLU C 364 -26.39 -24.90 23.81
CA GLU C 364 -27.68 -25.48 24.18
C GLU C 364 -27.66 -27.01 24.27
N TYR C 365 -26.95 -27.65 23.34
CA TYR C 365 -26.89 -29.10 23.29
C TYR C 365 -25.61 -29.71 23.88
N LEU C 366 -24.57 -28.89 24.04
CA LEU C 366 -23.29 -29.40 24.54
C LEU C 366 -22.99 -29.02 26.00
N LYS C 367 -23.63 -27.96 26.48
CA LYS C 367 -23.44 -27.51 27.86
C LYS C 367 -24.77 -27.53 28.60
N PRO C 368 -25.04 -28.61 29.33
CA PRO C 368 -26.28 -28.77 30.09
C PRO C 368 -26.57 -27.56 31.00
N GLY C 369 -27.77 -27.02 30.90
CA GLY C 369 -28.16 -25.88 31.71
C GLY C 369 -28.11 -24.56 30.94
N SER C 370 -27.59 -24.61 29.71
CA SER C 370 -27.48 -23.42 28.87
C SER C 370 -28.84 -22.98 28.35
N ALA C 371 -28.98 -21.69 28.04
CA ALA C 371 -30.22 -21.14 27.53
C ALA C 371 -30.58 -21.74 26.18
N SER C 372 -31.87 -21.90 25.94
CA SER C 372 -32.35 -22.44 24.69
C SER C 372 -32.48 -21.33 23.65
N VAL C 373 -32.11 -21.65 22.41
CA VAL C 373 -32.25 -20.68 21.33
C VAL C 373 -33.32 -21.17 20.35
N HIS C 374 -34.07 -20.24 19.80
CA HIS C 374 -35.11 -20.57 18.85
C HIS C 374 -34.82 -19.89 17.53
N LEU C 375 -33.98 -20.56 16.73
CA LEU C 375 -33.56 -20.04 15.45
C LEU C 375 -34.65 -20.20 14.39
N PRO C 376 -34.73 -19.23 13.48
CA PRO C 376 -35.70 -19.26 12.40
C PRO C 376 -35.23 -20.18 11.27
N ASP C 377 -35.97 -20.21 10.16
CA ASP C 377 -35.62 -21.02 9.00
C ASP C 377 -34.25 -20.63 8.49
N ALA C 378 -34.04 -19.32 8.36
CA ALA C 378 -32.79 -18.82 7.84
C ALA C 378 -32.38 -17.48 8.43
N ILE C 379 -31.07 -17.31 8.58
CA ILE C 379 -30.49 -16.07 9.06
C ILE C 379 -29.57 -15.62 7.94
N ILE C 380 -29.97 -14.58 7.22
CA ILE C 380 -29.19 -14.12 6.06
C ILE C 380 -28.89 -12.64 6.10
N TYR C 381 -27.64 -12.30 5.81
CA TYR C 381 -27.23 -10.91 5.78
C TYR C 381 -27.81 -10.26 4.54
N ASN C 382 -28.29 -9.03 4.69
CA ASN C 382 -28.81 -8.29 3.55
C ASN C 382 -27.71 -7.44 2.95
N THR C 383 -27.33 -7.76 1.72
CA THR C 383 -26.25 -7.04 1.05
C THR C 383 -26.68 -5.68 0.51
N GLY C 384 -27.94 -5.33 0.72
CA GLY C 384 -28.46 -4.04 0.31
C GLY C 384 -28.69 -3.16 1.53
N ASP C 385 -29.42 -3.70 2.51
CA ASP C 385 -29.73 -2.97 3.75
C ASP C 385 -28.55 -2.96 4.74
N GLN C 386 -27.61 -3.87 4.53
CA GLN C 386 -26.43 -4.00 5.41
C GLN C 386 -26.80 -4.35 6.85
N LYS C 387 -27.58 -5.43 7.00
CA LYS C 387 -28.01 -5.91 8.31
C LYS C 387 -28.41 -7.38 8.23
N TRP C 388 -28.50 -8.03 9.39
CA TRP C 388 -28.87 -9.43 9.46
C TRP C 388 -30.39 -9.60 9.43
N ASP C 389 -30.88 -10.42 8.50
CA ASP C 389 -32.31 -10.68 8.38
C ASP C 389 -32.65 -12.02 9.01
N TYR C 390 -33.69 -12.03 9.85
CA TYR C 390 -34.15 -13.25 10.50
C TYR C 390 -35.48 -13.66 9.86
N TYR C 391 -35.44 -14.74 9.07
CA TYR C 391 -36.63 -15.19 8.35
C TYR C 391 -37.23 -16.45 8.96
N ARG C 392 -38.39 -16.30 9.63
CA ARG C 392 -39.08 -17.44 10.25
C ARG C 392 -39.36 -18.53 9.21
N SER C 393 -39.81 -18.10 8.04
CA SER C 393 -40.08 -19.00 6.93
C SER C 393 -39.35 -18.47 5.71
N TRP C 394 -38.45 -19.27 5.15
CA TRP C 394 -37.66 -18.86 4.00
C TRP C 394 -37.44 -20.01 3.02
N PRO C 395 -37.55 -19.73 1.71
CA PRO C 395 -37.90 -18.40 1.20
C PRO C 395 -39.42 -18.18 1.18
N SER C 396 -39.84 -16.94 1.04
CA SER C 396 -41.26 -16.61 0.99
C SER C 396 -41.76 -16.68 -0.45
N VAL C 397 -40.82 -16.66 -1.39
CA VAL C 397 -41.16 -16.74 -2.81
C VAL C 397 -40.26 -17.73 -3.53
N CYS C 398 -40.87 -18.51 -4.42
CA CYS C 398 -40.16 -19.49 -5.24
C CYS C 398 -41.09 -20.04 -6.31
N GLU C 399 -40.59 -20.96 -7.12
CA GLU C 399 -41.38 -21.53 -8.22
C GLU C 399 -42.55 -22.43 -7.78
N SER C 400 -42.34 -23.25 -6.75
CA SER C 400 -43.39 -24.17 -6.30
C SER C 400 -43.45 -24.39 -4.78
N ASN C 401 -44.67 -24.39 -4.25
CA ASN C 401 -44.93 -24.61 -2.82
C ASN C 401 -44.43 -23.49 -1.90
N CYS C 402 -44.66 -22.25 -2.32
CA CYS C 402 -44.28 -21.08 -1.53
C CYS C 402 -45.46 -20.14 -1.44
N THR C 403 -45.41 -19.22 -0.48
CA THR C 403 -46.49 -18.24 -0.30
C THR C 403 -46.76 -17.45 -1.58
N GLY C 404 -45.68 -17.06 -2.26
CA GLY C 404 -45.79 -16.32 -3.50
C GLY C 404 -44.86 -16.87 -4.56
N GLY C 405 -45.06 -16.45 -5.80
CA GLY C 405 -44.23 -16.89 -6.90
C GLY C 405 -43.12 -15.90 -7.20
N LEU C 406 -42.30 -16.23 -8.18
CA LEU C 406 -41.19 -15.36 -8.58
C LEU C 406 -41.68 -14.25 -9.51
N THR C 407 -40.90 -13.19 -9.62
CA THR C 407 -41.24 -12.05 -10.48
C THR C 407 -40.22 -11.92 -11.60
N PRO C 408 -40.63 -12.21 -12.83
CA PRO C 408 -39.73 -12.15 -13.98
C PRO C 408 -39.27 -10.73 -14.33
N LEU C 409 -37.98 -10.59 -14.57
CA LEU C 409 -37.41 -9.34 -15.03
C LEU C 409 -36.96 -9.64 -16.45
N TYR C 410 -37.78 -9.23 -17.40
CA TYR C 410 -37.56 -9.52 -18.81
C TYR C 410 -36.51 -8.69 -19.53
N LEU C 411 -35.79 -9.34 -20.44
CA LEU C 411 -34.85 -8.67 -21.31
C LEU C 411 -35.73 -7.94 -22.32
N ALA C 412 -35.30 -6.78 -22.78
CA ALA C 412 -36.12 -5.99 -23.72
C ALA C 412 -35.29 -5.35 -24.82
N ASP C 413 -35.98 -4.64 -25.71
CA ASP C 413 -35.35 -3.93 -26.81
C ASP C 413 -34.45 -2.81 -26.26
N GLY C 414 -33.45 -2.43 -27.05
CA GLY C 414 -32.52 -1.39 -26.63
C GLY C 414 -31.68 -1.82 -25.43
N HIS C 415 -31.46 -3.13 -25.32
CA HIS C 415 -30.68 -3.72 -24.23
C HIS C 415 -31.19 -3.28 -22.84
N GLY C 416 -32.50 -3.30 -22.68
CA GLY C 416 -33.12 -2.91 -21.43
C GLY C 416 -33.67 -4.08 -20.65
N LEU C 417 -34.18 -3.78 -19.47
CA LEU C 417 -34.79 -4.78 -18.61
C LEU C 417 -36.09 -4.18 -18.10
N SER C 418 -37.17 -4.97 -18.12
CA SER C 418 -38.46 -4.47 -17.68
C SER C 418 -39.26 -5.54 -16.94
N PHE C 419 -40.03 -5.12 -15.96
CA PHE C 419 -40.89 -6.02 -15.20
C PHE C 419 -42.19 -6.28 -15.98
N THR C 420 -42.36 -5.56 -17.09
CA THR C 420 -43.52 -5.73 -17.95
C THR C 420 -43.12 -6.63 -19.12
N HIS C 421 -43.89 -7.70 -19.33
CA HIS C 421 -43.64 -8.63 -20.43
C HIS C 421 -43.72 -7.91 -21.76
N PRO C 422 -42.59 -7.83 -22.46
CA PRO C 422 -42.54 -7.16 -23.77
C PRO C 422 -43.26 -7.98 -24.81
N ALA C 423 -44.21 -7.36 -25.51
CA ALA C 423 -44.97 -8.05 -26.54
C ALA C 423 -44.13 -8.20 -27.80
N ALA C 424 -43.28 -7.22 -28.07
CA ALA C 424 -42.41 -7.22 -29.24
C ALA C 424 -41.37 -8.33 -29.19
N ASP C 425 -41.22 -9.05 -30.30
CA ASP C 425 -40.25 -10.13 -30.41
C ASP C 425 -38.95 -9.61 -31.00
N GLY C 426 -37.84 -10.01 -30.41
CA GLY C 426 -36.53 -9.58 -30.90
C GLY C 426 -35.42 -10.48 -30.39
N ALA C 427 -34.21 -10.27 -30.90
CA ALA C 427 -33.07 -11.05 -30.49
C ALA C 427 -31.77 -10.26 -30.61
N ASP C 428 -30.85 -10.48 -29.69
CA ASP C 428 -29.55 -9.84 -29.72
C ASP C 428 -28.50 -10.90 -29.91
N SER C 429 -27.58 -10.67 -30.83
CA SER C 429 -26.55 -11.65 -31.14
C SER C 429 -25.16 -11.23 -30.69
N TYR C 430 -24.35 -12.24 -30.38
CA TYR C 430 -22.96 -12.04 -30.03
C TYR C 430 -22.19 -13.26 -30.49
N VAL C 431 -20.96 -13.04 -30.94
CA VAL C 431 -20.15 -14.12 -31.44
C VAL C 431 -19.26 -14.69 -30.33
N SER C 432 -19.30 -16.01 -30.16
CA SER C 432 -18.49 -16.68 -29.15
C SER C 432 -17.33 -17.39 -29.82
N ASP C 433 -16.13 -16.89 -29.57
CA ASP C 433 -14.92 -17.42 -30.19
C ASP C 433 -14.03 -18.12 -29.16
N PRO C 434 -13.94 -19.46 -29.25
CA PRO C 434 -13.13 -20.26 -28.31
C PRO C 434 -11.64 -19.89 -28.30
N ALA C 435 -11.16 -19.26 -29.37
CA ALA C 435 -9.76 -18.84 -29.42
C ALA C 435 -9.54 -17.58 -28.57
N HIS C 436 -10.64 -16.90 -28.24
CA HIS C 436 -10.59 -15.70 -27.41
C HIS C 436 -11.68 -15.74 -26.33
N PRO C 437 -11.54 -16.65 -25.38
CA PRO C 437 -12.55 -16.80 -24.31
C PRO C 437 -12.53 -15.62 -23.34
N VAL C 438 -13.68 -15.35 -22.72
CA VAL C 438 -13.82 -14.25 -21.78
C VAL C 438 -13.14 -14.59 -20.44
N PRO C 439 -12.19 -13.76 -20.03
CA PRO C 439 -11.50 -13.95 -18.75
C PRO C 439 -12.50 -13.82 -17.60
N PHE C 440 -12.59 -14.82 -16.71
CA PHE C 440 -13.55 -14.75 -15.59
C PHE C 440 -13.20 -13.59 -14.64
N ILE C 441 -11.89 -13.31 -14.55
CA ILE C 441 -11.36 -12.11 -13.87
C ILE C 441 -10.21 -11.65 -14.74
N SER C 442 -9.86 -10.37 -14.65
CA SER C 442 -8.82 -9.80 -15.53
C SER C 442 -7.49 -10.55 -15.55
N ARG C 443 -6.88 -10.59 -16.74
CA ARG C 443 -5.57 -11.22 -16.95
C ARG C 443 -4.48 -10.30 -16.39
N PRO C 444 -3.35 -10.85 -15.96
CA PRO C 444 -3.13 -12.31 -15.94
C PRO C 444 -3.63 -12.94 -14.65
N PHE C 445 -4.03 -14.21 -14.71
CA PHE C 445 -4.48 -14.89 -13.51
C PHE C 445 -3.96 -16.31 -13.43
N ALA C 446 -3.43 -16.68 -12.27
CA ALA C 446 -2.96 -18.02 -12.03
C ALA C 446 -3.72 -18.55 -10.83
N PHE C 447 -4.08 -19.84 -10.86
CA PHE C 447 -4.82 -20.44 -9.76
C PHE C 447 -4.06 -20.36 -8.44
N ALA C 448 -2.75 -20.14 -8.52
CA ALA C 448 -1.90 -20.01 -7.35
C ALA C 448 -2.12 -18.68 -6.63
N GLN C 449 -2.71 -17.71 -7.33
CA GLN C 449 -2.96 -16.39 -6.75
C GLN C 449 -4.22 -16.41 -5.87
N SER C 450 -4.06 -16.88 -4.64
CA SER C 450 -5.16 -16.98 -3.67
C SER C 450 -5.85 -15.63 -3.41
N SER C 451 -5.05 -14.57 -3.34
CA SER C 451 -5.56 -13.22 -3.08
C SER C 451 -6.55 -12.72 -4.16
N ARG C 452 -6.41 -13.24 -5.38
CA ARG C 452 -7.29 -12.86 -6.48
C ARG C 452 -8.47 -13.81 -6.62
N TRP C 453 -8.24 -15.07 -6.26
CA TRP C 453 -9.27 -16.10 -6.35
C TRP C 453 -10.38 -15.93 -5.32
N LYS C 454 -9.99 -15.72 -4.06
CA LYS C 454 -10.95 -15.58 -2.94
C LYS C 454 -12.14 -14.62 -3.15
N PRO C 455 -11.89 -13.35 -3.53
CA PRO C 455 -12.98 -12.40 -3.73
C PRO C 455 -13.38 -12.21 -5.21
N TRP C 456 -13.14 -13.21 -6.05
CA TRP C 456 -13.45 -13.06 -7.48
C TRP C 456 -14.92 -12.80 -7.80
N LEU C 457 -15.82 -13.36 -6.99
CA LEU C 457 -17.26 -13.21 -7.23
C LEU C 457 -17.84 -11.80 -7.02
N VAL C 458 -17.05 -10.89 -6.43
CA VAL C 458 -17.52 -9.51 -6.21
C VAL C 458 -16.83 -8.50 -7.13
N GLN C 459 -16.01 -8.98 -8.06
CA GLN C 459 -15.28 -8.11 -8.97
C GLN C 459 -16.19 -7.40 -9.99
N ASP C 460 -15.76 -6.21 -10.41
CA ASP C 460 -16.46 -5.37 -11.37
C ASP C 460 -16.59 -6.09 -12.72
N GLN C 461 -17.80 -6.11 -13.27
CA GLN C 461 -18.05 -6.79 -14.56
C GLN C 461 -18.00 -5.85 -15.76
N ARG C 462 -17.44 -4.64 -15.57
CA ARG C 462 -17.35 -3.67 -16.66
C ARG C 462 -16.44 -4.11 -17.81
N GLU C 463 -15.40 -4.90 -17.48
CA GLU C 463 -14.49 -5.41 -18.50
C GLU C 463 -15.24 -6.30 -19.49
N ALA C 464 -16.04 -7.22 -18.96
CA ALA C 464 -16.83 -8.12 -19.77
C ALA C 464 -17.84 -7.35 -20.64
N GLU C 465 -18.49 -6.35 -20.02
CA GLU C 465 -19.48 -5.52 -20.72
C GLU C 465 -18.90 -4.86 -21.98
N SER C 466 -17.63 -4.48 -21.90
CA SER C 466 -16.94 -3.80 -23.01
C SER C 466 -16.62 -4.71 -24.19
N ARG C 467 -16.87 -6.02 -24.03
CA ARG C 467 -16.54 -6.99 -25.08
C ARG C 467 -17.72 -7.31 -26.01
N PRO C 468 -17.43 -7.54 -27.29
CA PRO C 468 -18.46 -7.91 -28.27
C PRO C 468 -18.99 -9.34 -28.09
N ASP C 469 -18.29 -10.17 -27.31
CA ASP C 469 -18.72 -11.54 -27.06
C ASP C 469 -19.50 -11.67 -25.75
N VAL C 470 -20.04 -10.54 -25.29
CA VAL C 470 -20.84 -10.48 -24.08
C VAL C 470 -22.03 -9.56 -24.37
N VAL C 471 -23.22 -9.98 -23.98
CA VAL C 471 -24.40 -9.13 -24.18
C VAL C 471 -24.90 -8.60 -22.82
N THR C 472 -25.14 -7.30 -22.76
CA THR C 472 -25.51 -6.64 -21.51
C THR C 472 -26.86 -5.92 -21.56
N TYR C 473 -27.66 -6.12 -20.51
CA TYR C 473 -28.97 -5.50 -20.38
C TYR C 473 -29.06 -4.80 -19.04
N GLU C 474 -29.81 -3.70 -18.98
CA GLU C 474 -29.96 -2.96 -17.73
C GLU C 474 -31.28 -2.19 -17.64
N THR C 475 -31.78 -2.02 -16.41
CA THR C 475 -32.99 -1.24 -16.20
C THR C 475 -32.58 0.21 -16.22
N GLU C 476 -33.56 1.11 -16.19
CA GLU C 476 -33.30 2.52 -16.10
C GLU C 476 -32.82 2.73 -14.68
N VAL C 477 -32.30 3.92 -14.39
CA VAL C 477 -31.85 4.22 -13.03
C VAL C 477 -33.08 4.11 -12.11
N LEU C 478 -32.95 3.28 -11.07
CA LEU C 478 -34.05 3.02 -10.13
C LEU C 478 -34.57 4.26 -9.37
N ASP C 479 -35.88 4.44 -9.40
CA ASP C 479 -36.54 5.54 -8.69
C ASP C 479 -37.08 5.03 -7.37
N GLU C 480 -37.29 3.72 -7.29
CA GLU C 480 -37.77 3.05 -6.09
C GLU C 480 -36.95 1.78 -5.91
N PRO C 481 -36.64 1.42 -4.67
CA PRO C 481 -35.84 0.23 -4.39
C PRO C 481 -36.56 -1.08 -4.74
N VAL C 482 -35.79 -2.09 -5.13
CA VAL C 482 -36.32 -3.40 -5.44
C VAL C 482 -35.68 -4.41 -4.49
N ARG C 483 -36.50 -5.03 -3.65
CA ARG C 483 -36.02 -6.00 -2.68
C ARG C 483 -36.15 -7.44 -3.18
N VAL C 484 -35.06 -8.19 -3.09
CA VAL C 484 -35.05 -9.58 -3.51
C VAL C 484 -34.55 -10.46 -2.37
N SER C 485 -35.21 -11.60 -2.18
CA SER C 485 -34.83 -12.55 -1.14
C SER C 485 -35.26 -13.95 -1.53
N GLY C 486 -34.30 -14.75 -1.99
CA GLY C 486 -34.59 -16.11 -2.39
C GLY C 486 -33.65 -16.58 -3.47
N VAL C 487 -34.12 -17.52 -4.29
CA VAL C 487 -33.30 -18.08 -5.36
C VAL C 487 -33.76 -17.62 -6.75
N PRO C 488 -32.93 -16.83 -7.42
CA PRO C 488 -33.24 -16.37 -8.77
C PRO C 488 -33.11 -17.52 -9.75
N VAL C 489 -33.94 -17.52 -10.79
CA VAL C 489 -33.89 -18.57 -11.79
C VAL C 489 -33.72 -17.99 -13.18
N ALA C 490 -32.73 -18.49 -13.89
CA ALA C 490 -32.49 -18.05 -15.25
C ALA C 490 -33.49 -18.74 -16.18
N ASP C 491 -34.34 -17.96 -16.82
CA ASP C 491 -35.30 -18.49 -17.79
C ASP C 491 -34.80 -18.01 -19.13
N LEU C 492 -33.88 -18.78 -19.70
CA LEU C 492 -33.18 -18.40 -20.92
C LEU C 492 -33.65 -19.07 -22.21
N PHE C 493 -33.89 -18.23 -23.23
CA PHE C 493 -34.27 -18.69 -24.55
C PHE C 493 -33.13 -18.26 -25.46
N ALA C 494 -32.23 -19.20 -25.75
CA ALA C 494 -31.04 -18.89 -26.52
C ALA C 494 -30.75 -19.86 -27.64
N ALA C 495 -30.14 -19.34 -28.69
CA ALA C 495 -29.77 -20.13 -29.85
C ALA C 495 -28.28 -20.01 -30.10
N THR C 496 -27.70 -21.07 -30.65
CA THR C 496 -26.30 -21.06 -31.04
C THR C 496 -26.19 -21.69 -32.42
N SER C 497 -25.27 -21.18 -33.23
CA SER C 497 -25.06 -21.73 -34.57
C SER C 497 -24.31 -23.06 -34.49
N GLY C 498 -23.80 -23.38 -33.31
CA GLY C 498 -23.07 -24.62 -33.08
C GLY C 498 -23.99 -25.73 -32.59
N THR C 499 -23.40 -26.85 -32.17
CA THR C 499 -24.19 -27.99 -31.67
C THR C 499 -23.98 -28.21 -30.17
N ASP C 500 -23.35 -27.24 -29.53
CA ASP C 500 -23.11 -27.23 -28.09
C ASP C 500 -22.76 -25.80 -27.71
N SER C 501 -22.88 -25.47 -26.43
CA SER C 501 -22.57 -24.13 -25.93
C SER C 501 -22.74 -24.03 -24.44
N ASP C 502 -21.99 -23.13 -23.82
CA ASP C 502 -22.12 -22.86 -22.40
C ASP C 502 -22.90 -21.56 -22.30
N TRP C 503 -23.66 -21.40 -21.25
CA TRP C 503 -24.42 -20.17 -21.05
C TRP C 503 -24.16 -19.59 -19.66
N VAL C 504 -23.49 -18.44 -19.64
CA VAL C 504 -23.18 -17.76 -18.39
C VAL C 504 -24.19 -16.63 -18.19
N VAL C 505 -24.85 -16.64 -17.04
CA VAL C 505 -25.85 -15.62 -16.73
C VAL C 505 -25.47 -14.91 -15.44
N LYS C 506 -25.41 -13.57 -15.50
CA LYS C 506 -25.04 -12.78 -14.34
C LYS C 506 -26.11 -11.79 -13.93
N LEU C 507 -26.46 -11.80 -12.65
CA LEU C 507 -27.40 -10.84 -12.10
C LEU C 507 -26.54 -9.80 -11.39
N ILE C 508 -26.63 -8.55 -11.85
CA ILE C 508 -25.76 -7.50 -11.34
C ILE C 508 -26.46 -6.29 -10.76
N ASP C 509 -25.84 -5.71 -9.72
CA ASP C 509 -26.31 -4.49 -9.11
C ASP C 509 -25.34 -3.40 -9.56
N VAL C 510 -25.82 -2.48 -10.39
CA VAL C 510 -24.98 -1.38 -10.84
C VAL C 510 -25.07 -0.27 -9.82
N GLN C 511 -23.93 0.09 -9.23
CA GLN C 511 -23.89 1.15 -8.24
C GLN C 511 -24.22 2.50 -8.90
N PRO C 512 -24.61 3.50 -8.11
CA PRO C 512 -24.92 4.83 -8.64
C PRO C 512 -23.81 5.33 -9.57
N ALA C 513 -24.18 6.01 -10.65
CA ALA C 513 -23.22 6.54 -11.63
C ALA C 513 -22.01 7.17 -10.95
N MET C 514 -22.27 7.88 -9.86
CA MET C 514 -21.23 8.50 -9.05
C MET C 514 -21.47 8.14 -7.59
N THR C 515 -20.41 7.79 -6.88
CA THR C 515 -20.48 7.50 -5.45
C THR C 515 -19.41 8.39 -4.80
N PRO C 516 -19.76 9.65 -4.56
CA PRO C 516 -18.80 10.65 -4.07
C PRO C 516 -18.15 10.33 -2.71
N ASP C 517 -18.77 9.50 -1.89
CA ASP C 517 -18.19 9.14 -0.59
C ASP C 517 -17.11 8.05 -0.75
N ASP C 518 -17.13 7.39 -1.91
CA ASP C 518 -16.17 6.33 -2.25
C ASP C 518 -16.12 6.27 -3.78
N PRO C 519 -15.44 7.26 -4.38
CA PRO C 519 -15.39 7.43 -5.85
C PRO C 519 -15.19 6.17 -6.71
N LYS C 520 -14.34 5.24 -6.27
CA LYS C 520 -14.05 4.04 -7.05
C LYS C 520 -15.26 3.14 -7.34
N MET C 521 -16.32 3.29 -6.55
CA MET C 521 -17.52 2.46 -6.72
C MET C 521 -18.52 3.01 -7.74
N GLY C 522 -18.22 4.17 -8.33
CA GLY C 522 -19.12 4.80 -9.30
C GLY C 522 -19.34 3.95 -10.54
N GLY C 523 -20.59 3.53 -10.75
CA GLY C 523 -20.96 2.72 -11.92
C GLY C 523 -20.46 1.29 -11.86
N TYR C 524 -19.89 0.92 -10.72
CA TYR C 524 -19.35 -0.42 -10.48
C TYR C 524 -20.43 -1.47 -10.70
N GLU C 525 -20.11 -2.48 -11.51
CA GLU C 525 -21.07 -3.54 -11.81
C GLU C 525 -20.84 -4.75 -10.90
N LEU C 526 -21.52 -4.73 -9.75
CA LEU C 526 -21.40 -5.77 -8.74
C LEU C 526 -22.36 -6.94 -8.95
N PRO C 527 -21.80 -8.11 -9.21
CA PRO C 527 -22.61 -9.31 -9.38
C PRO C 527 -23.06 -9.87 -8.04
N VAL C 528 -24.36 -10.01 -7.85
CA VAL C 528 -24.90 -10.56 -6.62
C VAL C 528 -25.17 -12.05 -6.79
N SER C 529 -25.28 -12.49 -8.05
CA SER C 529 -25.57 -13.88 -8.35
C SER C 529 -25.25 -14.23 -9.81
N MET C 530 -24.39 -15.23 -10.02
CA MET C 530 -24.05 -15.66 -11.38
C MET C 530 -23.62 -17.13 -11.45
N ASP C 531 -23.90 -17.76 -12.60
CA ASP C 531 -23.53 -19.15 -12.81
C ASP C 531 -23.45 -19.51 -14.29
N ILE C 532 -22.94 -20.70 -14.56
CA ILE C 532 -22.79 -21.20 -15.92
C ILE C 532 -23.56 -22.51 -16.09
N PHE C 533 -24.10 -22.73 -17.27
CA PHE C 533 -24.83 -23.94 -17.59
C PHE C 533 -24.26 -24.54 -18.86
N ARG C 534 -23.90 -25.82 -18.82
CA ARG C 534 -23.35 -26.50 -20.00
C ARG C 534 -24.51 -27.03 -20.86
N GLY C 535 -24.76 -26.35 -21.99
CA GLY C 535 -25.87 -26.63 -22.89
C GLY C 535 -26.23 -28.05 -23.26
N ARG C 536 -25.23 -28.93 -23.39
CA ARG C 536 -25.49 -30.32 -23.74
C ARG C 536 -26.39 -31.04 -22.72
N TYR C 537 -26.51 -30.47 -21.52
CA TYR C 537 -27.31 -31.05 -20.45
C TYR C 537 -28.71 -30.43 -20.31
N ARG C 538 -29.12 -29.65 -21.32
CA ARG C 538 -30.41 -28.96 -21.31
C ARG C 538 -31.60 -29.87 -20.98
N LYS C 539 -31.65 -31.04 -21.61
CA LYS C 539 -32.76 -31.98 -21.38
C LYS C 539 -32.51 -32.96 -20.23
N ASP C 540 -31.27 -33.40 -20.08
CA ASP C 540 -30.91 -34.37 -19.05
C ASP C 540 -29.46 -34.25 -18.63
N PHE C 541 -29.22 -34.09 -17.33
CA PHE C 541 -27.86 -33.98 -16.80
C PHE C 541 -27.07 -35.28 -16.99
N ALA C 542 -27.79 -36.41 -16.98
CA ALA C 542 -27.17 -37.73 -17.12
C ALA C 542 -26.98 -38.15 -18.58
N LYS C 543 -27.73 -37.53 -19.49
CA LYS C 543 -27.66 -37.87 -20.91
C LYS C 543 -27.46 -36.65 -21.79
N PRO C 544 -26.20 -36.29 -22.05
CA PRO C 544 -25.87 -35.14 -22.89
C PRO C 544 -26.43 -35.30 -24.30
N GLU C 545 -26.87 -34.19 -24.88
CA GLU C 545 -27.47 -34.20 -26.22
C GLU C 545 -27.02 -32.99 -27.01
N ALA C 546 -26.81 -33.18 -28.30
CA ALA C 546 -26.40 -32.10 -29.19
C ALA C 546 -27.51 -31.07 -29.34
N LEU C 547 -27.12 -29.81 -29.47
CA LEU C 547 -28.10 -28.75 -29.67
C LEU C 547 -28.32 -28.59 -31.17
N GLN C 548 -29.52 -28.13 -31.54
CA GLN C 548 -29.83 -27.90 -32.93
C GLN C 548 -29.34 -26.50 -33.30
N PRO C 549 -28.53 -26.40 -34.35
CA PRO C 549 -27.98 -25.12 -34.78
C PRO C 549 -29.05 -24.07 -35.08
N ASP C 550 -28.87 -22.87 -34.54
CA ASP C 550 -29.79 -21.73 -34.74
C ASP C 550 -31.19 -21.87 -34.12
N ALA C 551 -31.40 -22.95 -33.37
CA ALA C 551 -32.69 -23.17 -32.72
C ALA C 551 -32.74 -22.46 -31.38
N THR C 552 -33.78 -21.67 -31.15
CA THR C 552 -33.96 -20.99 -29.89
C THR C 552 -34.41 -22.03 -28.88
N LEU C 553 -33.53 -22.35 -27.93
CA LEU C 553 -33.83 -23.39 -26.95
C LEU C 553 -34.04 -22.83 -25.55
N HIS C 554 -34.90 -23.50 -24.79
CA HIS C 554 -35.27 -23.10 -23.45
C HIS C 554 -34.37 -23.70 -22.37
N TYR C 555 -33.67 -22.85 -21.64
CA TYR C 555 -32.81 -23.26 -20.54
C TYR C 555 -33.44 -22.72 -19.26
N HIS C 556 -33.46 -23.55 -18.22
CA HIS C 556 -34.09 -23.18 -16.96
C HIS C 556 -33.25 -23.70 -15.79
N PHE C 557 -32.56 -22.80 -15.10
CA PHE C 557 -31.70 -23.21 -13.99
C PHE C 557 -31.57 -22.17 -12.88
N THR C 558 -31.49 -22.65 -11.64
CA THR C 558 -31.36 -21.79 -10.49
C THR C 558 -29.99 -21.16 -10.39
N LEU C 559 -29.96 -19.94 -9.86
CA LEU C 559 -28.72 -19.19 -9.66
C LEU C 559 -28.47 -19.07 -8.15
N PRO C 560 -27.25 -18.70 -7.76
CA PRO C 560 -26.94 -18.50 -6.34
C PRO C 560 -27.97 -17.61 -5.65
N ALA C 561 -28.32 -17.94 -4.42
CA ALA C 561 -29.32 -17.21 -3.64
C ALA C 561 -28.94 -15.74 -3.41
N VAL C 562 -29.97 -14.90 -3.26
CA VAL C 562 -29.78 -13.48 -3.00
C VAL C 562 -30.65 -13.03 -1.84
N ASN C 563 -30.21 -11.96 -1.19
CA ASN C 563 -30.91 -11.30 -0.10
C ASN C 563 -30.36 -9.91 -0.21
N HIS C 564 -30.87 -9.18 -1.18
CA HIS C 564 -30.34 -7.89 -1.55
C HIS C 564 -31.43 -6.86 -1.77
N VAL C 565 -31.02 -5.60 -1.85
CA VAL C 565 -31.93 -4.51 -2.13
C VAL C 565 -31.25 -3.62 -3.17
N PHE C 566 -31.82 -3.55 -4.37
CA PHE C 566 -31.31 -2.67 -5.40
C PHE C 566 -31.89 -1.30 -5.05
N ALA C 567 -31.05 -0.43 -4.50
CA ALA C 567 -31.49 0.88 -4.03
C ALA C 567 -31.67 1.94 -5.11
N LYS C 568 -32.24 3.09 -4.71
CA LYS C 568 -32.44 4.23 -5.61
C LYS C 568 -31.09 4.67 -6.14
N GLY C 569 -31.04 5.02 -7.42
CA GLY C 569 -29.80 5.45 -8.05
C GLY C 569 -29.07 4.29 -8.70
N HIS C 570 -29.38 3.08 -8.27
CA HIS C 570 -28.75 1.88 -8.81
C HIS C 570 -29.53 1.39 -10.04
N ARG C 571 -29.02 0.32 -10.66
CA ARG C 571 -29.66 -0.32 -11.79
C ARG C 571 -29.56 -1.81 -11.57
N ILE C 572 -30.49 -2.56 -12.15
CA ILE C 572 -30.38 -4.00 -12.13
C ILE C 572 -29.82 -4.33 -13.50
N MET C 573 -28.83 -5.20 -13.55
CA MET C 573 -28.20 -5.54 -14.82
C MET C 573 -28.08 -7.04 -15.03
N VAL C 574 -28.16 -7.45 -16.29
CA VAL C 574 -28.01 -8.85 -16.65
C VAL C 574 -26.95 -8.95 -17.75
N GLN C 575 -26.00 -9.85 -17.57
CA GLN C 575 -24.96 -10.10 -18.56
C GLN C 575 -24.98 -11.56 -18.95
N ILE C 576 -24.86 -11.82 -20.25
CA ILE C 576 -24.84 -13.19 -20.76
C ILE C 576 -23.65 -13.37 -21.70
N GLN C 577 -22.92 -14.46 -21.50
CA GLN C 577 -21.76 -14.78 -22.33
C GLN C 577 -21.66 -16.29 -22.46
N SER C 578 -20.69 -16.78 -23.22
CA SER C 578 -20.55 -18.22 -23.45
C SER C 578 -19.21 -18.85 -23.06
N SER C 579 -18.39 -18.08 -22.34
CA SER C 579 -17.10 -18.58 -21.84
C SER C 579 -16.76 -17.87 -20.53
N TRP C 580 -15.90 -18.50 -19.72
CA TRP C 580 -15.52 -18.00 -18.40
C TRP C 580 -14.15 -18.65 -18.08
N PHE C 581 -13.11 -18.12 -18.73
CA PHE C 581 -11.75 -18.69 -18.70
C PHE C 581 -10.75 -17.98 -17.77
N PRO C 582 -9.81 -18.74 -17.18
CA PRO C 582 -9.69 -20.19 -17.34
C PRO C 582 -10.39 -21.03 -16.26
N LEU C 583 -11.24 -20.43 -15.44
CA LEU C 583 -11.93 -21.20 -14.39
C LEU C 583 -12.67 -22.41 -14.97
N TYR C 584 -13.43 -22.17 -16.04
CA TYR C 584 -14.16 -23.24 -16.70
C TYR C 584 -13.54 -23.57 -18.04
N ASP C 585 -13.43 -24.86 -18.34
CA ASP C 585 -12.88 -25.24 -19.63
C ASP C 585 -13.83 -24.77 -20.74
N ARG C 586 -13.28 -24.48 -21.90
CA ARG C 586 -14.08 -23.97 -23.01
C ARG C 586 -14.96 -25.03 -23.65
N ASN C 587 -16.21 -24.65 -23.92
CA ASN C 587 -17.11 -25.50 -24.65
C ASN C 587 -16.67 -25.34 -26.10
N PRO C 588 -16.33 -26.45 -26.76
CA PRO C 588 -15.87 -26.39 -28.16
C PRO C 588 -16.94 -25.85 -29.11
N GLN C 589 -18.19 -25.84 -28.64
CA GLN C 589 -19.33 -25.34 -29.42
C GLN C 589 -19.70 -26.25 -30.59
N LYS C 590 -19.18 -27.47 -30.51
CA LYS C 590 -19.46 -28.54 -31.44
C LYS C 590 -19.64 -29.73 -30.53
N PHE C 591 -20.73 -30.45 -30.68
CA PHE C 591 -21.01 -31.59 -29.80
C PHE C 591 -20.03 -32.75 -29.96
N VAL C 592 -19.26 -33.00 -28.91
CA VAL C 592 -18.32 -34.10 -28.87
C VAL C 592 -18.72 -34.99 -27.69
N PRO C 593 -18.38 -36.29 -27.74
CA PRO C 593 -18.75 -37.22 -26.66
C PRO C 593 -18.19 -36.82 -25.28
N ASN C 594 -16.95 -36.33 -25.27
CA ASN C 594 -16.29 -35.93 -24.03
C ASN C 594 -15.49 -34.65 -24.25
N ILE C 595 -15.96 -33.55 -23.66
CA ILE C 595 -15.29 -32.24 -23.81
C ILE C 595 -13.85 -32.24 -23.23
N PHE C 596 -13.58 -33.17 -22.32
CA PHE C 596 -12.22 -33.31 -21.76
C PHE C 596 -11.23 -33.64 -22.87
N ASP C 597 -11.70 -34.43 -23.86
CA ASP C 597 -10.85 -34.89 -24.96
C ASP C 597 -10.98 -34.10 -26.25
N ALA C 598 -11.55 -32.91 -26.18
CA ALA C 598 -11.73 -32.07 -27.37
C ALA C 598 -10.39 -31.82 -28.09
N LYS C 599 -10.42 -31.90 -29.42
CA LYS C 599 -9.24 -31.68 -30.25
C LYS C 599 -9.27 -30.27 -30.83
N PRO C 600 -8.10 -29.75 -31.23
CA PRO C 600 -8.01 -28.39 -31.82
C PRO C 600 -9.09 -28.07 -32.86
N ALA C 601 -9.38 -29.03 -33.76
CA ALA C 601 -10.37 -28.82 -34.81
C ALA C 601 -11.83 -28.84 -34.33
N ASP C 602 -12.06 -29.24 -33.07
CA ASP C 602 -13.41 -29.28 -32.52
C ASP C 602 -13.92 -27.90 -32.13
N TYR C 603 -12.99 -27.03 -31.71
CA TYR C 603 -13.33 -25.68 -31.28
C TYR C 603 -13.85 -24.85 -32.43
N THR C 604 -15.10 -24.44 -32.32
CA THR C 604 -15.79 -23.72 -33.38
C THR C 604 -16.35 -22.38 -32.96
N VAL C 605 -16.12 -21.37 -33.80
CA VAL C 605 -16.66 -20.05 -33.57
C VAL C 605 -18.16 -20.16 -33.83
N ALA C 606 -18.97 -19.57 -32.94
CA ALA C 606 -20.41 -19.64 -33.10
C ALA C 606 -21.08 -18.30 -32.84
N THR C 607 -22.24 -18.12 -33.46
CA THR C 607 -23.02 -16.92 -33.26
C THR C 607 -24.15 -17.26 -32.30
N GLN C 608 -24.20 -16.55 -31.18
CA GLN C 608 -25.22 -16.77 -30.17
C GLN C 608 -26.32 -15.71 -30.27
N SER C 609 -27.56 -16.12 -30.05
CA SER C 609 -28.68 -15.20 -30.11
C SER C 609 -29.60 -15.39 -28.91
N ILE C 610 -29.81 -14.31 -28.17
CA ILE C 610 -30.68 -14.34 -26.99
C ILE C 610 -32.00 -13.69 -27.37
N HIS C 611 -33.08 -14.45 -27.27
CA HIS C 611 -34.40 -13.93 -27.62
C HIS C 611 -35.05 -13.18 -26.46
N HIS C 612 -35.72 -12.08 -26.78
CA HIS C 612 -36.44 -11.32 -25.78
C HIS C 612 -37.86 -11.01 -26.25
N GLY C 613 -38.81 -11.04 -25.32
CA GLY C 613 -40.20 -10.76 -25.63
C GLY C 613 -40.95 -11.94 -26.21
N GLY C 614 -42.26 -11.77 -26.38
CA GLY C 614 -43.11 -12.81 -26.94
C GLY C 614 -43.18 -14.09 -26.12
N LYS C 615 -43.33 -15.22 -26.82
CA LYS C 615 -43.44 -16.53 -26.18
C LYS C 615 -42.09 -17.09 -25.70
N GLU C 616 -41.00 -16.50 -26.17
CA GLU C 616 -39.66 -16.92 -25.77
C GLU C 616 -38.95 -15.74 -25.11
N ALA C 617 -39.64 -15.13 -24.15
CA ALA C 617 -39.14 -13.97 -23.45
C ALA C 617 -38.13 -14.31 -22.36
N THR C 618 -36.85 -14.16 -22.68
CA THR C 618 -35.78 -14.42 -21.73
C THR C 618 -35.91 -13.48 -20.55
N SER C 619 -35.69 -14.01 -19.35
CA SER C 619 -35.78 -13.21 -18.15
C SER C 619 -35.08 -13.89 -16.99
N ILE C 620 -34.93 -13.15 -15.91
CA ILE C 620 -34.42 -13.69 -14.68
C ILE C 620 -35.62 -13.72 -13.76
N LEU C 621 -36.01 -14.90 -13.31
CA LEU C 621 -37.11 -15.01 -12.39
C LEU C 621 -36.59 -14.57 -11.03
N LEU C 622 -36.92 -13.33 -10.65
CA LEU C 622 -36.43 -12.74 -9.41
C LEU C 622 -37.33 -13.01 -8.20
N PRO C 623 -36.71 -13.33 -7.07
CA PRO C 623 -37.45 -13.54 -5.83
C PRO C 623 -37.79 -12.19 -5.17
N VAL C 624 -38.57 -11.38 -5.88
CA VAL C 624 -38.97 -10.06 -5.39
C VAL C 624 -39.91 -10.16 -4.20
N VAL C 625 -39.59 -9.44 -3.13
CA VAL C 625 -40.41 -9.41 -1.92
C VAL C 625 -40.78 -7.97 -1.56
N LYS C 626 -41.76 -7.82 -0.68
CA LYS C 626 -42.19 -6.50 -0.24
C LYS C 626 -41.44 -6.05 1.02
N HIS D 10 -11.67 38.52 -43.03
CA HIS D 10 -11.00 37.20 -42.82
C HIS D 10 -11.99 36.14 -42.31
N ASP D 11 -11.63 34.87 -42.50
CA ASP D 11 -12.47 33.75 -42.05
C ASP D 11 -12.18 33.43 -40.58
N PRO D 12 -13.18 33.63 -39.72
CA PRO D 12 -13.04 33.38 -38.27
C PRO D 12 -12.87 31.90 -37.93
N LEU D 13 -13.19 31.01 -38.86
CA LEU D 13 -13.05 29.57 -38.63
C LEU D 13 -11.60 29.12 -38.83
N SER D 14 -10.76 30.05 -39.28
CA SER D 14 -9.34 29.77 -39.50
C SER D 14 -8.44 30.84 -38.86
N VAL D 15 -8.87 32.10 -38.98
CA VAL D 15 -8.10 33.23 -38.46
C VAL D 15 -8.71 33.84 -37.21
N GLN D 16 -8.00 33.73 -36.10
CA GLN D 16 -8.45 34.30 -34.83
C GLN D 16 -7.60 35.51 -34.44
N THR D 17 -8.18 36.70 -34.55
CA THR D 17 -7.48 37.94 -34.18
C THR D 17 -8.02 38.48 -32.86
N GLY D 18 -8.91 37.71 -32.23
CA GLY D 18 -9.50 38.08 -30.95
C GLY D 18 -9.07 37.12 -29.86
N SER D 19 -9.97 36.85 -28.92
CA SER D 19 -9.68 35.96 -27.79
C SER D 19 -10.46 34.63 -27.87
N ASP D 20 -9.80 33.55 -27.46
CA ASP D 20 -10.41 32.22 -27.45
C ASP D 20 -11.21 31.97 -26.17
N ILE D 21 -11.13 32.92 -25.24
CA ILE D 21 -11.86 32.84 -24.00
C ILE D 21 -13.21 33.54 -24.18
N PRO D 22 -14.31 32.78 -24.07
CA PRO D 22 -15.65 33.34 -24.27
C PRO D 22 -15.98 34.38 -23.21
N ALA D 23 -16.64 35.46 -23.62
CA ALA D 23 -17.02 36.53 -22.71
C ALA D 23 -18.06 36.06 -21.69
N SER D 24 -19.00 35.25 -22.17
CA SER D 24 -20.06 34.70 -21.33
C SER D 24 -20.15 33.19 -21.51
N VAL D 25 -20.32 32.47 -20.40
CA VAL D 25 -20.42 31.01 -20.45
C VAL D 25 -21.79 30.51 -20.00
N HIS D 26 -22.62 30.11 -20.96
CA HIS D 26 -23.95 29.58 -20.68
C HIS D 26 -23.92 28.06 -20.86
N MET D 27 -23.42 27.36 -19.84
CA MET D 27 -23.31 25.91 -19.87
C MET D 27 -24.67 25.19 -19.80
N PRO D 28 -24.88 24.23 -20.70
CA PRO D 28 -26.12 23.45 -20.75
C PRO D 28 -26.16 22.34 -19.69
N THR D 29 -25.08 22.23 -18.90
CA THR D 29 -25.02 21.23 -17.84
C THR D 29 -25.80 21.68 -16.62
N ASP D 30 -26.35 22.90 -16.68
CA ASP D 30 -27.14 23.47 -15.59
C ASP D 30 -28.53 22.85 -15.51
N GLN D 31 -29.11 22.53 -16.67
CA GLN D 31 -30.44 21.91 -16.72
C GLN D 31 -30.32 20.38 -16.66
N GLN D 32 -29.10 19.90 -16.48
CA GLN D 32 -28.82 18.47 -16.37
C GLN D 32 -28.68 18.06 -14.90
N ARG D 33 -28.81 19.04 -14.00
CA ARG D 33 -28.69 18.79 -12.56
C ARG D 33 -30.03 18.48 -11.91
N ASP D 34 -29.99 17.92 -10.70
CA ASP D 34 -31.20 17.62 -9.95
C ASP D 34 -31.36 18.62 -8.80
N TYR D 35 -30.69 19.76 -8.93
CA TYR D 35 -30.75 20.81 -7.92
C TYR D 35 -30.57 22.19 -8.53
N ILE D 36 -30.94 23.21 -7.76
CA ILE D 36 -30.80 24.59 -8.16
C ILE D 36 -29.89 25.26 -7.13
N LYS D 37 -28.94 26.07 -7.60
CA LYS D 37 -28.03 26.77 -6.71
C LYS D 37 -28.24 28.27 -6.80
N ARG D 38 -28.50 28.90 -5.66
CA ARG D 38 -28.74 30.35 -5.59
C ARG D 38 -27.68 31.06 -4.76
N GLU D 39 -27.11 32.13 -5.33
CA GLU D 39 -26.11 32.93 -4.64
C GLU D 39 -26.73 34.28 -4.28
N VAL D 40 -26.78 34.60 -2.99
CA VAL D 40 -27.38 35.85 -2.55
C VAL D 40 -26.57 36.54 -1.45
N MET D 41 -26.53 37.86 -1.51
CA MET D 41 -25.85 38.66 -0.51
C MET D 41 -26.90 39.11 0.50
N VAL D 42 -27.01 38.36 1.60
CA VAL D 42 -27.99 38.66 2.64
C VAL D 42 -27.52 39.78 3.58
N PRO D 43 -28.29 40.88 3.61
CA PRO D 43 -27.94 42.04 4.44
C PRO D 43 -28.27 41.84 5.92
N MET D 44 -27.35 42.23 6.79
CA MET D 44 -27.55 42.14 8.23
C MET D 44 -28.17 43.45 8.71
N ARG D 45 -28.51 43.52 10.00
CA ARG D 45 -29.14 44.72 10.57
C ARG D 45 -28.29 45.99 10.48
N ASP D 46 -26.98 45.83 10.31
CA ASP D 46 -26.08 46.99 10.21
C ASP D 46 -25.71 47.34 8.76
N GLY D 47 -26.32 46.64 7.81
CA GLY D 47 -26.06 46.90 6.40
C GLY D 47 -25.01 46.00 5.75
N VAL D 48 -24.28 45.26 6.57
CA VAL D 48 -23.25 44.36 6.07
C VAL D 48 -23.89 43.13 5.40
N LYS D 49 -23.44 42.81 4.19
CA LYS D 49 -23.99 41.69 3.44
C LYS D 49 -23.16 40.43 3.56
N LEU D 50 -23.83 39.28 3.72
CA LEU D 50 -23.15 38.00 3.84
C LEU D 50 -23.43 37.09 2.65
N TYR D 51 -22.38 36.48 2.12
CA TYR D 51 -22.50 35.58 0.98
C TYR D 51 -23.22 34.31 1.40
N THR D 52 -24.33 34.01 0.73
CA THR D 52 -25.15 32.86 1.08
C THR D 52 -25.44 31.95 -0.11
N VAL D 53 -25.13 30.67 0.04
CA VAL D 53 -25.38 29.69 -1.01
C VAL D 53 -26.56 28.81 -0.63
N ILE D 54 -27.58 28.79 -1.47
CA ILE D 54 -28.78 28.00 -1.21
C ILE D 54 -28.92 26.89 -2.26
N VAL D 55 -28.83 25.66 -1.79
CA VAL D 55 -28.95 24.50 -2.67
C VAL D 55 -30.34 23.86 -2.51
N ILE D 56 -31.17 24.02 -3.53
CA ILE D 56 -32.54 23.53 -3.51
C ILE D 56 -32.73 22.37 -4.49
N PRO D 57 -33.25 21.24 -3.99
CA PRO D 57 -33.53 20.09 -4.84
C PRO D 57 -34.57 20.47 -5.90
N LYS D 58 -34.45 19.93 -7.10
CA LYS D 58 -35.41 20.24 -8.16
C LYS D 58 -36.82 19.83 -7.76
N ASN D 59 -37.79 20.69 -8.06
CA ASN D 59 -39.20 20.44 -7.74
C ASN D 59 -39.50 20.35 -6.23
N ALA D 60 -38.64 20.97 -5.42
CA ALA D 60 -38.84 20.98 -3.97
C ALA D 60 -39.99 21.89 -3.61
N ARG D 61 -40.85 21.40 -2.72
CA ARG D 61 -42.00 22.17 -2.26
C ARG D 61 -42.15 21.99 -0.76
N ASN D 62 -42.22 23.11 -0.03
CA ASN D 62 -42.36 23.09 1.43
C ASN D 62 -41.31 22.21 2.11
N ALA D 63 -40.06 22.38 1.70
CA ALA D 63 -38.95 21.60 2.24
C ALA D 63 -38.27 22.36 3.38
N PRO D 64 -37.80 21.63 4.38
CA PRO D 64 -37.09 22.23 5.51
C PRO D 64 -35.71 22.73 5.09
N ILE D 65 -35.12 23.63 5.88
CA ILE D 65 -33.82 24.20 5.57
C ILE D 65 -32.75 23.79 6.58
N LEU D 66 -31.62 23.32 6.06
CA LEU D 66 -30.48 22.96 6.90
C LEU D 66 -29.42 24.04 6.71
N LEU D 67 -29.15 24.82 7.75
CA LEU D 67 -28.22 25.94 7.67
C LEU D 67 -26.90 25.75 8.42
N THR D 68 -25.82 26.17 7.79
CA THR D 68 -24.49 26.14 8.39
C THR D 68 -23.78 27.46 8.06
N ARG D 69 -23.22 28.11 9.09
CA ARG D 69 -22.49 29.35 8.92
C ARG D 69 -20.99 29.02 9.11
N THR D 70 -20.18 29.38 8.11
CA THR D 70 -18.78 28.96 8.11
C THR D 70 -17.72 30.01 7.73
N PRO D 71 -16.52 29.86 8.30
CA PRO D 71 -15.38 30.69 7.93
C PRO D 71 -14.50 29.95 6.91
N TYR D 72 -15.00 28.82 6.39
CA TYR D 72 -14.23 27.99 5.45
C TYR D 72 -14.72 27.98 4.00
N ASN D 73 -15.16 29.15 3.51
CA ASN D 73 -15.60 29.30 2.12
C ASN D 73 -16.88 28.54 1.76
N ALA D 74 -18.02 29.19 1.97
CA ALA D 74 -19.34 28.60 1.69
C ALA D 74 -19.48 28.08 0.26
N LYS D 75 -18.93 28.83 -0.69
CA LYS D 75 -18.97 28.45 -2.11
C LYS D 75 -18.30 27.10 -2.30
N GLY D 76 -17.16 26.90 -1.63
CA GLY D 76 -16.41 25.66 -1.71
C GLY D 76 -17.07 24.53 -0.92
N ARG D 77 -17.66 24.88 0.23
CA ARG D 77 -18.35 23.89 1.08
C ARG D 77 -19.52 23.26 0.33
N ALA D 78 -20.21 24.06 -0.47
CA ALA D 78 -21.34 23.60 -1.26
C ALA D 78 -20.88 23.15 -2.65
N ASN D 79 -19.61 22.81 -2.77
CA ASN D 79 -19.03 22.34 -4.03
C ASN D 79 -18.04 21.19 -3.78
N ARG D 80 -18.45 20.21 -2.97
CA ARG D 80 -17.59 19.06 -2.68
C ARG D 80 -17.01 18.52 -3.98
N VAL D 81 -17.89 18.35 -4.96
CA VAL D 81 -17.51 18.00 -6.32
C VAL D 81 -17.99 19.24 -7.09
N PRO D 82 -17.06 20.09 -7.50
CA PRO D 82 -17.37 21.35 -8.18
C PRO D 82 -18.39 21.24 -9.32
N ASN D 83 -19.48 22.00 -9.19
CA ASN D 83 -20.56 22.04 -10.19
C ASN D 83 -21.06 20.66 -10.62
N ALA D 84 -21.15 19.75 -9.66
CA ALA D 84 -21.60 18.37 -9.93
C ALA D 84 -23.00 18.31 -10.51
N LEU D 85 -23.32 17.19 -11.15
CA LEU D 85 -24.63 17.02 -11.76
C LEU D 85 -25.70 16.61 -10.73
N THR D 86 -25.26 16.09 -9.59
CA THR D 86 -26.20 15.71 -8.53
C THR D 86 -25.93 16.45 -7.23
N MET D 87 -27.00 16.68 -6.47
CA MET D 87 -26.90 17.37 -5.18
C MET D 87 -26.08 16.55 -4.19
N ARG D 88 -26.16 15.23 -4.33
CA ARG D 88 -25.43 14.31 -3.48
C ARG D 88 -23.91 14.53 -3.56
N GLU D 89 -23.40 14.76 -4.78
CA GLU D 89 -21.96 15.00 -4.98
C GLU D 89 -21.57 16.41 -4.58
N VAL D 90 -22.42 17.38 -4.91
CA VAL D 90 -22.14 18.79 -4.64
C VAL D 90 -22.05 19.13 -3.15
N LEU D 91 -22.78 18.38 -2.33
CA LEU D 91 -22.77 18.60 -0.89
C LEU D 91 -21.83 17.62 -0.19
N PRO D 92 -21.38 17.98 1.02
CA PRO D 92 -20.47 17.12 1.79
C PRO D 92 -21.07 15.75 2.15
N GLN D 93 -20.20 14.83 2.52
CA GLN D 93 -20.59 13.48 2.91
C GLN D 93 -21.56 13.49 4.10
N GLY D 94 -21.31 14.39 5.06
CA GLY D 94 -22.14 14.51 6.25
C GLY D 94 -23.57 14.95 6.00
N ASP D 95 -23.83 15.48 4.80
CA ASP D 95 -25.16 15.95 4.43
C ASP D 95 -25.98 14.86 3.75
N ASP D 96 -25.37 13.70 3.54
CA ASP D 96 -26.02 12.57 2.83
C ASP D 96 -27.48 12.30 3.22
N VAL D 97 -27.73 12.13 4.52
CA VAL D 97 -29.08 11.82 5.00
C VAL D 97 -30.08 12.96 4.75
N PHE D 98 -29.58 14.19 4.68
CA PHE D 98 -30.43 15.34 4.43
C PHE D 98 -30.73 15.53 2.94
N VAL D 99 -29.79 15.08 2.10
CA VAL D 99 -29.99 15.13 0.65
C VAL D 99 -31.07 14.09 0.32
N GLU D 100 -30.99 12.93 0.98
CA GLU D 100 -31.95 11.86 0.80
C GLU D 100 -33.33 12.29 1.31
N GLY D 101 -33.35 13.20 2.27
CA GLY D 101 -34.60 13.68 2.85
C GLY D 101 -35.22 14.88 2.15
N GLY D 102 -34.60 15.32 1.06
CA GLY D 102 -35.11 16.45 0.29
C GLY D 102 -35.00 17.79 0.97
N TYR D 103 -34.00 17.93 1.85
CA TYR D 103 -33.78 19.18 2.57
C TYR D 103 -33.16 20.23 1.66
N ILE D 104 -33.39 21.50 1.98
CA ILE D 104 -32.75 22.59 1.27
C ILE D 104 -31.48 22.88 2.07
N ARG D 105 -30.33 22.91 1.41
CA ARG D 105 -29.07 23.15 2.11
C ARG D 105 -28.56 24.57 1.93
N VAL D 106 -28.20 25.19 3.04
CA VAL D 106 -27.68 26.55 3.03
C VAL D 106 -26.31 26.66 3.71
N PHE D 107 -25.34 27.19 2.99
CA PHE D 107 -24.02 27.44 3.52
C PHE D 107 -23.78 28.93 3.39
N GLN D 108 -23.36 29.57 4.49
CA GLN D 108 -23.15 31.01 4.47
C GLN D 108 -21.80 31.40 5.05
N ASP D 109 -21.10 32.31 4.35
CA ASP D 109 -19.82 32.82 4.83
C ASP D 109 -20.13 33.76 5.97
N ILE D 110 -19.44 33.57 7.10
CA ILE D 110 -19.64 34.45 8.25
C ILE D 110 -19.05 35.82 7.96
N ARG D 111 -19.44 36.80 8.77
CA ARG D 111 -18.98 38.16 8.65
C ARG D 111 -17.45 38.26 8.53
N GLY D 112 -16.98 38.94 7.48
CA GLY D 112 -15.56 39.15 7.27
C GLY D 112 -14.78 38.06 6.54
N LYS D 113 -15.45 36.97 6.16
CA LYS D 113 -14.77 35.88 5.47
C LYS D 113 -15.25 35.63 4.05
N TYR D 114 -14.29 35.36 3.17
CA TYR D 114 -14.52 35.04 1.74
C TYR D 114 -15.45 36.01 0.98
N GLY D 115 -16.65 35.55 0.64
CA GLY D 115 -17.59 36.38 -0.12
C GLY D 115 -18.38 37.39 0.71
N SER D 116 -18.25 37.31 2.03
CA SER D 116 -18.98 38.21 2.92
C SER D 116 -18.25 39.52 3.17
N GLN D 117 -19.03 40.56 3.49
CA GLN D 117 -18.47 41.87 3.81
C GLN D 117 -18.25 41.95 5.32
N GLY D 118 -17.78 43.11 5.79
CA GLY D 118 -17.56 43.33 7.21
C GLY D 118 -16.17 42.98 7.74
N ASP D 119 -15.95 43.27 9.01
CA ASP D 119 -14.69 42.97 9.68
C ASP D 119 -14.72 41.58 10.26
N TYR D 120 -13.60 40.86 10.16
CA TYR D 120 -13.51 39.53 10.72
C TYR D 120 -12.83 39.52 12.08
N VAL D 121 -13.47 38.89 13.05
CA VAL D 121 -12.92 38.76 14.39
C VAL D 121 -12.90 37.27 14.72
N MET D 122 -11.71 36.75 15.02
CA MET D 122 -11.57 35.33 15.37
C MET D 122 -12.53 34.98 16.48
N THR D 123 -13.36 33.94 16.25
CA THR D 123 -14.40 33.52 17.21
C THR D 123 -15.03 34.73 17.87
N ARG D 124 -15.59 35.62 17.05
CA ARG D 124 -16.21 36.86 17.52
C ARG D 124 -17.01 36.65 18.80
N PRO D 125 -16.61 37.35 19.87
CA PRO D 125 -17.29 37.25 21.16
C PRO D 125 -18.72 37.76 21.08
N PRO D 126 -19.60 37.19 21.92
CA PRO D 126 -21.00 37.62 21.96
C PRO D 126 -21.09 39.04 22.48
N HIS D 127 -22.22 39.71 22.25
CA HIS D 127 -22.40 41.07 22.74
C HIS D 127 -22.13 41.12 24.23
N GLY D 128 -21.28 42.06 24.64
CA GLY D 128 -20.92 42.21 26.03
C GLY D 128 -19.63 43.00 26.19
N PRO D 129 -18.89 42.72 27.26
CA PRO D 129 -17.62 43.43 27.55
C PRO D 129 -16.56 43.28 26.46
N LEU D 130 -16.63 42.21 25.68
CA LEU D 130 -15.66 41.97 24.61
C LEU D 130 -16.20 42.32 23.21
N ASN D 131 -17.46 42.76 23.18
CA ASN D 131 -18.12 43.16 21.93
C ASN D 131 -19.24 44.18 22.21
N PRO D 132 -18.88 45.46 22.21
CA PRO D 132 -19.83 46.54 22.49
C PRO D 132 -20.62 47.01 21.26
N THR D 133 -20.44 46.36 20.11
CA THR D 133 -21.15 46.74 18.89
C THR D 133 -22.60 46.23 18.92
N LYS D 134 -23.34 46.52 17.86
CA LYS D 134 -24.73 46.13 17.77
C LYS D 134 -24.90 44.73 17.14
N THR D 135 -23.81 44.16 16.64
CA THR D 135 -23.88 42.84 16.00
C THR D 135 -22.88 41.82 16.57
N ASP D 136 -23.19 40.55 16.32
CA ASP D 136 -22.35 39.43 16.71
C ASP D 136 -22.81 38.21 15.90
N GLU D 137 -22.24 37.04 16.21
CA GLU D 137 -22.63 35.82 15.50
C GLU D 137 -24.08 35.41 15.77
N THR D 138 -24.63 35.89 16.89
CA THR D 138 -26.01 35.59 17.26
C THR D 138 -27.00 36.38 16.39
N THR D 139 -26.79 37.69 16.28
CA THR D 139 -27.66 38.55 15.47
C THR D 139 -27.52 38.25 13.98
N ASP D 140 -26.31 37.88 13.57
CA ASP D 140 -26.04 37.53 12.17
C ASP D 140 -26.85 36.31 11.76
N ALA D 141 -26.92 35.33 12.66
CA ALA D 141 -27.69 34.11 12.41
C ALA D 141 -29.18 34.44 12.45
N TRP D 142 -29.56 35.34 13.36
CA TRP D 142 -30.95 35.76 13.50
C TRP D 142 -31.44 36.42 12.20
N ASP D 143 -30.65 37.36 11.70
CA ASP D 143 -30.97 38.06 10.46
C ASP D 143 -30.97 37.13 9.25
N THR D 144 -30.09 36.13 9.29
CA THR D 144 -29.99 35.15 8.22
C THR D 144 -31.23 34.28 8.14
N VAL D 145 -31.65 33.75 9.28
CA VAL D 145 -32.84 32.90 9.36
C VAL D 145 -34.08 33.69 8.94
N ASP D 146 -34.17 34.93 9.40
CA ASP D 146 -35.30 35.80 9.07
C ASP D 146 -35.42 36.02 7.56
N TRP D 147 -34.27 36.21 6.91
CA TRP D 147 -34.24 36.42 5.46
C TRP D 147 -34.67 35.15 4.72
N LEU D 148 -34.11 34.02 5.15
CA LEU D 148 -34.41 32.73 4.52
C LEU D 148 -35.89 32.36 4.52
N VAL D 149 -36.55 32.55 5.66
CA VAL D 149 -37.97 32.20 5.77
C VAL D 149 -38.90 33.16 5.03
N HIS D 150 -38.36 34.29 4.57
CA HIS D 150 -39.14 35.28 3.84
C HIS D 150 -38.72 35.41 2.37
N ASN D 151 -37.67 34.69 1.97
CA ASN D 151 -37.17 34.78 0.60
C ASN D 151 -36.93 33.44 -0.14
N VAL D 152 -37.32 32.32 0.48
CA VAL D 152 -37.17 31.00 -0.15
C VAL D 152 -38.55 30.31 -0.24
N PRO D 153 -39.26 30.55 -1.33
CA PRO D 153 -40.62 30.02 -1.54
C PRO D 153 -40.71 28.49 -1.53
N GLU D 154 -39.63 27.81 -1.90
CA GLU D 154 -39.62 26.35 -1.93
C GLU D 154 -39.52 25.73 -0.53
N SER D 155 -39.26 26.57 0.47
CA SER D 155 -39.12 26.10 1.85
C SER D 155 -40.43 26.18 2.63
N ASN D 156 -40.47 25.49 3.77
CA ASN D 156 -41.65 25.48 4.62
C ASN D 156 -41.54 26.47 5.80
N GLY D 157 -40.47 27.26 5.81
CA GLY D 157 -40.26 28.26 6.84
C GLY D 157 -39.59 27.74 8.11
N ARG D 158 -39.20 26.47 8.12
CA ARG D 158 -38.53 25.88 9.28
C ARG D 158 -37.06 25.68 9.01
N VAL D 159 -36.21 26.20 9.89
CA VAL D 159 -34.77 26.11 9.74
C VAL D 159 -34.10 25.29 10.83
N GLY D 160 -33.18 24.42 10.43
CA GLY D 160 -32.40 23.61 11.34
C GLY D 160 -30.95 24.02 11.19
N MET D 161 -30.21 24.07 12.30
CA MET D 161 -28.81 24.47 12.25
C MET D 161 -27.85 23.39 12.70
N THR D 162 -26.76 23.22 11.94
CA THR D 162 -25.73 22.25 12.28
C THR D 162 -24.36 22.73 11.79
N GLY D 163 -23.32 21.96 12.07
CA GLY D 163 -21.98 22.31 11.67
C GLY D 163 -20.97 21.81 12.68
N SER D 164 -19.74 21.56 12.23
CA SER D 164 -18.70 21.05 13.12
C SER D 164 -17.58 22.06 13.35
N ALA D 165 -17.01 22.02 14.56
CA ALA D 165 -15.91 22.91 14.95
C ALA D 165 -16.32 24.37 14.94
N TYR D 166 -15.72 25.16 14.04
CA TYR D 166 -16.06 26.57 13.91
C TYR D 166 -17.49 26.68 13.41
N GLU D 167 -17.89 25.73 12.55
CA GLU D 167 -19.24 25.70 12.02
C GLU D 167 -20.21 25.27 13.13
N GLY D 168 -19.67 24.67 14.19
CA GLY D 168 -20.44 24.27 15.34
C GLY D 168 -20.52 25.44 16.31
N PHE D 169 -19.48 26.26 16.29
CA PHE D 169 -19.40 27.45 17.13
C PHE D 169 -20.50 28.44 16.76
N THR D 170 -20.80 28.53 15.45
CA THR D 170 -21.85 29.43 14.98
C THR D 170 -23.24 28.97 15.40
N VAL D 171 -23.41 27.65 15.56
CA VAL D 171 -24.69 27.10 16.01
C VAL D 171 -24.91 27.47 17.48
N VAL D 172 -23.87 27.32 18.30
CA VAL D 172 -23.93 27.65 19.72
C VAL D 172 -24.24 29.13 19.90
N MET D 173 -23.62 29.97 19.07
CA MET D 173 -23.83 31.42 19.13
C MET D 173 -25.28 31.76 18.80
N ALA D 174 -25.85 31.03 17.84
CA ALA D 174 -27.24 31.25 17.44
C ALA D 174 -28.19 30.86 18.57
N LEU D 175 -27.83 29.83 19.31
CA LEU D 175 -28.65 29.32 20.43
C LEU D 175 -28.78 30.30 21.60
N LEU D 176 -27.92 31.32 21.62
CA LEU D 176 -27.96 32.34 22.69
C LEU D 176 -29.25 33.17 22.63
N ASP D 177 -29.73 33.42 21.41
CA ASP D 177 -30.96 34.17 21.15
C ASP D 177 -31.38 33.87 19.71
N PRO D 178 -31.99 32.71 19.50
CA PRO D 178 -32.38 32.26 18.16
C PRO D 178 -33.67 32.83 17.60
N HIS D 179 -33.77 32.83 16.28
CA HIS D 179 -34.95 33.28 15.57
C HIS D 179 -36.05 32.24 15.78
N PRO D 180 -37.29 32.68 15.94
CA PRO D 180 -38.43 31.77 16.15
C PRO D 180 -38.51 30.63 15.11
N ALA D 181 -37.95 30.83 13.93
CA ALA D 181 -37.99 29.80 12.87
C ALA D 181 -36.94 28.69 13.07
N LEU D 182 -35.96 28.93 13.94
CA LEU D 182 -34.95 27.91 14.23
C LEU D 182 -35.61 26.89 15.16
N LYS D 183 -36.01 25.75 14.59
CA LYS D 183 -36.73 24.72 15.35
C LYS D 183 -35.85 23.66 16.00
N VAL D 184 -34.62 23.50 15.53
CA VAL D 184 -33.72 22.49 16.06
C VAL D 184 -32.26 22.81 15.75
N ALA D 185 -31.35 22.36 16.61
CA ALA D 185 -29.92 22.61 16.44
C ALA D 185 -29.05 21.40 16.78
N ALA D 186 -27.93 21.27 16.07
CA ALA D 186 -27.00 20.17 16.31
C ALA D 186 -25.55 20.61 16.19
N PRO D 187 -25.00 21.16 17.28
CA PRO D 187 -23.60 21.57 17.30
C PRO D 187 -22.68 20.35 17.34
N GLU D 188 -21.78 20.26 16.37
CA GLU D 188 -20.84 19.14 16.29
C GLU D 188 -19.45 19.61 16.66
N SER D 189 -18.80 18.92 17.59
CA SER D 189 -17.45 19.28 18.08
C SER D 189 -17.26 20.80 18.10
N PRO D 190 -18.16 21.53 18.76
CA PRO D 190 -18.11 22.99 18.73
C PRO D 190 -16.99 23.60 19.56
N MET D 191 -16.50 24.75 19.11
CA MET D 191 -15.49 25.49 19.84
C MET D 191 -16.28 26.24 20.90
N VAL D 192 -16.13 25.81 22.15
CA VAL D 192 -16.87 26.41 23.27
C VAL D 192 -15.97 27.15 24.25
N ASP D 193 -14.85 26.53 24.61
CA ASP D 193 -13.90 27.15 25.52
C ASP D 193 -12.48 26.86 25.05
N GLY D 194 -11.95 27.77 24.23
CA GLY D 194 -10.63 27.62 23.66
C GLY D 194 -9.48 27.58 24.65
N TRP D 195 -9.76 27.92 25.90
CA TRP D 195 -8.72 27.94 26.93
C TRP D 195 -8.74 26.69 27.82
N MET D 196 -9.92 26.33 28.31
CA MET D 196 -10.07 25.18 29.21
C MET D 196 -9.68 23.85 28.55
N GLY D 197 -10.16 23.60 27.34
CA GLY D 197 -9.83 22.35 26.67
C GLY D 197 -10.22 22.19 25.21
N ASP D 198 -10.34 23.29 24.49
CA ASP D 198 -10.68 23.19 23.07
C ASP D 198 -9.46 23.40 22.15
N ASP D 199 -9.50 24.40 21.27
CA ASP D 199 -8.43 24.61 20.27
C ASP D 199 -7.10 25.26 20.70
N TRP D 200 -7.16 26.32 21.50
CA TRP D 200 -5.94 27.07 21.87
C TRP D 200 -5.13 26.52 23.04
N PHE D 201 -5.82 26.17 24.14
CA PHE D 201 -5.14 25.63 25.31
C PHE D 201 -5.93 24.45 25.88
N HIS D 202 -5.25 23.65 26.69
CA HIS D 202 -5.85 22.57 27.45
C HIS D 202 -5.33 22.81 28.86
N TYR D 203 -6.20 23.29 29.75
CA TYR D 203 -5.82 23.62 31.12
C TYR D 203 -4.62 24.59 31.15
N GLY D 204 -4.59 25.52 30.20
CA GLY D 204 -3.53 26.50 30.14
C GLY D 204 -2.31 26.14 29.31
N ALA D 205 -2.22 24.88 28.89
CA ALA D 205 -1.10 24.45 28.06
C ALA D 205 -1.38 24.81 26.60
N PHE D 206 -0.55 25.68 26.04
CA PHE D 206 -0.73 26.18 24.66
C PHE D 206 -0.52 25.14 23.55
N ARG D 207 -1.46 25.13 22.60
CA ARG D 207 -1.40 24.21 21.45
C ARG D 207 -0.77 24.93 20.25
N GLN D 208 0.45 24.51 19.90
CA GLN D 208 1.26 25.16 18.86
C GLN D 208 0.77 25.09 17.40
N GLY D 209 -0.22 24.23 17.13
CA GLY D 209 -0.76 24.12 15.79
C GLY D 209 -1.60 25.35 15.44
N ALA D 210 -1.89 26.17 16.45
CA ALA D 210 -2.70 27.37 16.26
C ALA D 210 -2.05 28.42 15.35
N PHE D 211 -0.72 28.49 15.37
CA PHE D 211 0.00 29.47 14.56
C PHE D 211 -0.31 29.33 13.05
N ASP D 212 -0.28 28.09 12.55
CA ASP D 212 -0.59 27.82 11.15
C ASP D 212 -2.03 28.23 10.86
N TYR D 213 -2.93 27.93 11.80
CA TYR D 213 -4.34 28.26 11.67
C TYR D 213 -4.54 29.78 11.58
N PHE D 214 -3.82 30.51 12.43
CA PHE D 214 -3.93 31.98 12.45
C PHE D 214 -3.58 32.60 11.10
N VAL D 215 -2.43 32.21 10.56
CA VAL D 215 -1.95 32.74 9.29
C VAL D 215 -2.84 32.29 8.13
N SER D 216 -3.37 31.08 8.21
CA SER D 216 -4.22 30.55 7.16
C SER D 216 -5.60 31.22 7.13
N GLN D 217 -6.14 31.55 8.30
CA GLN D 217 -7.48 32.13 8.40
C GLN D 217 -7.55 33.66 8.53
N MET D 218 -6.45 34.30 8.93
CA MET D 218 -6.49 35.75 9.15
C MET D 218 -5.53 36.61 8.31
N THR D 219 -4.91 36.01 7.30
CA THR D 219 -4.00 36.75 6.42
C THR D 219 -4.79 37.60 5.42
N ALA D 220 -5.93 37.07 4.99
CA ALA D 220 -6.79 37.76 4.05
C ALA D 220 -8.25 37.40 4.27
N ARG D 221 -9.16 38.14 3.63
CA ARG D 221 -10.59 37.88 3.72
C ARG D 221 -10.87 36.47 3.22
N GLY D 222 -10.20 36.11 2.11
CA GLY D 222 -10.35 34.79 1.51
C GLY D 222 -9.27 33.84 2.00
N GLY D 223 -8.75 33.02 1.09
CA GLY D 223 -7.73 32.05 1.41
C GLY D 223 -6.41 32.66 1.86
N GLY D 224 -5.73 31.95 2.76
CA GLY D 224 -4.45 32.41 3.27
C GLY D 224 -3.35 31.46 2.88
N ASN D 225 -2.36 31.32 3.76
CA ASN D 225 -1.24 30.42 3.53
C ASN D 225 -0.70 29.88 4.84
N ASP D 226 0.14 28.86 4.77
CA ASP D 226 0.73 28.30 5.97
C ASP D 226 2.08 28.98 6.22
N ILE D 227 2.69 28.70 7.36
CA ILE D 227 3.97 29.28 7.68
C ILE D 227 5.08 28.42 7.07
N PRO D 228 5.88 29.02 6.18
CA PRO D 228 7.00 28.30 5.54
C PRO D 228 7.94 27.74 6.61
N ARG D 229 8.34 26.49 6.43
CA ARG D 229 9.20 25.82 7.42
C ARG D 229 10.63 25.62 6.97
N ARG D 230 11.52 25.49 7.95
CA ARG D 230 12.93 25.26 7.70
C ARG D 230 13.18 23.75 7.62
N ASP D 231 12.64 23.01 8.57
CA ASP D 231 12.81 21.56 8.63
C ASP D 231 11.49 20.83 8.35
N ALA D 232 11.59 19.59 7.89
CA ALA D 232 10.41 18.77 7.61
C ALA D 232 9.75 18.32 8.91
N ASP D 233 10.52 18.34 10.00
CA ASP D 233 10.04 17.92 11.31
C ASP D 233 9.72 19.14 12.19
N ASP D 234 8.46 19.27 12.61
CA ASP D 234 8.07 20.40 13.48
C ASP D 234 8.59 20.24 14.90
N TYR D 235 8.99 19.01 15.24
CA TYR D 235 9.60 18.77 16.54
C TYR D 235 10.90 19.57 16.53
N THR D 236 11.60 19.52 15.39
CA THR D 236 12.84 20.24 15.20
C THR D 236 12.59 21.76 15.09
N ASN D 237 11.65 22.15 14.22
CA ASN D 237 11.33 23.56 14.01
C ASN D 237 10.99 24.34 15.28
N PHE D 238 10.12 23.76 16.10
CA PHE D 238 9.69 24.42 17.33
C PHE D 238 10.75 24.39 18.43
N LEU D 239 11.47 23.27 18.54
CA LEU D 239 12.52 23.15 19.53
C LEU D 239 13.65 24.14 19.23
N LYS D 240 13.97 24.29 17.94
CA LYS D 240 15.02 25.21 17.51
C LYS D 240 14.62 26.67 17.76
N ALA D 241 13.34 26.97 17.55
CA ALA D 241 12.82 28.32 17.76
C ALA D 241 12.81 28.66 19.25
N GLY D 242 12.67 27.65 20.09
CA GLY D 242 12.64 27.84 21.54
C GLY D 242 11.23 27.91 22.08
N SER D 243 10.81 29.12 22.46
CA SER D 243 9.48 29.33 22.98
C SER D 243 8.47 29.46 21.84
N ALA D 244 7.18 29.37 22.18
CA ALA D 244 6.12 29.51 21.18
C ALA D 244 6.10 30.95 20.66
N GLY D 245 6.32 31.91 21.56
CA GLY D 245 6.34 33.32 21.20
C GLY D 245 7.46 33.65 20.23
N SER D 246 8.58 32.94 20.37
CA SER D 246 9.72 33.12 19.48
C SER D 246 9.40 32.61 18.07
N PHE D 247 8.67 31.49 18.01
CA PHE D 247 8.26 30.93 16.73
C PHE D 247 7.29 31.88 16.05
N ALA D 248 6.33 32.40 16.83
CA ALA D 248 5.34 33.34 16.33
C ALA D 248 5.97 34.60 15.75
N THR D 249 6.96 35.14 16.45
CA THR D 249 7.67 36.35 16.01
C THR D 249 8.37 36.11 14.67
N GLN D 250 9.09 34.99 14.58
CA GLN D 250 9.81 34.63 13.36
C GLN D 250 8.85 34.38 12.19
N ALA D 251 7.64 33.91 12.50
CA ALA D 251 6.62 33.64 11.49
C ALA D 251 5.93 34.92 11.03
N GLY D 252 6.09 36.01 11.79
CA GLY D 252 5.49 37.28 11.47
C GLY D 252 4.10 37.46 12.06
N LEU D 253 3.82 36.72 13.12
CA LEU D 253 2.50 36.77 13.76
C LEU D 253 2.26 37.95 14.70
N ASP D 254 3.32 38.67 15.05
CA ASP D 254 3.19 39.82 15.97
C ASP D 254 2.32 40.94 15.39
N GLN D 255 2.13 40.94 14.08
CA GLN D 255 1.31 41.95 13.41
C GLN D 255 -0.16 41.54 13.35
N TYR D 256 -0.47 40.32 13.81
CA TYR D 256 -1.84 39.81 13.81
C TYR D 256 -2.52 40.15 15.14
N PRO D 257 -3.57 40.98 15.08
CA PRO D 257 -4.30 41.42 16.28
C PRO D 257 -4.79 40.30 17.21
N PHE D 258 -5.29 39.19 16.67
CA PHE D 258 -5.76 38.10 17.53
C PHE D 258 -4.63 37.47 18.35
N TRP D 259 -3.47 37.31 17.73
CA TRP D 259 -2.32 36.75 18.44
C TRP D 259 -1.86 37.74 19.53
N GLN D 260 -1.95 39.03 19.21
CA GLN D 260 -1.59 40.08 20.18
C GLN D 260 -2.46 39.95 21.43
N ARG D 261 -3.74 39.64 21.22
CA ARG D 261 -4.69 39.47 22.31
C ARG D 261 -4.42 38.18 23.08
N MET D 262 -4.18 37.09 22.36
CA MET D 262 -3.89 35.79 22.99
C MET D 262 -2.61 35.87 23.82
N HIS D 263 -1.55 36.45 23.25
CA HIS D 263 -0.26 36.59 23.90
C HIS D 263 -0.39 37.40 25.20
N ALA D 264 -1.27 38.40 25.19
CA ALA D 264 -1.47 39.25 26.35
C ALA D 264 -2.34 38.57 27.43
N HIS D 265 -3.02 37.48 27.04
CA HIS D 265 -3.88 36.76 27.99
C HIS D 265 -3.55 35.25 28.07
N PRO D 266 -2.39 34.90 28.61
CA PRO D 266 -1.99 33.49 28.74
C PRO D 266 -2.82 32.74 29.78
N ALA D 267 -3.34 33.47 30.78
CA ALA D 267 -4.14 32.87 31.85
C ALA D 267 -5.64 32.99 31.58
N TYR D 268 -6.43 32.23 32.34
CA TYR D 268 -7.89 32.22 32.19
C TYR D 268 -8.55 33.43 32.83
N ASP D 269 -8.22 34.63 32.34
CA ASP D 269 -8.78 35.86 32.88
C ASP D 269 -10.11 36.23 32.22
N ALA D 270 -10.53 37.48 32.37
CA ALA D 270 -11.80 37.96 31.83
C ALA D 270 -11.94 37.78 30.31
N PHE D 271 -10.82 37.85 29.60
CA PHE D 271 -10.81 37.70 28.14
C PHE D 271 -11.32 36.33 27.70
N TRP D 272 -10.90 35.28 28.42
CA TRP D 272 -11.32 33.93 28.09
C TRP D 272 -12.60 33.53 28.80
N GLN D 273 -12.79 34.06 30.01
CA GLN D 273 -14.00 33.77 30.80
C GLN D 273 -15.24 34.31 30.10
N GLY D 274 -15.09 35.46 29.44
CA GLY D 274 -16.18 36.08 28.72
C GLY D 274 -16.44 35.41 27.38
N GLN D 275 -15.68 34.34 27.09
CA GLN D 275 -15.84 33.60 25.84
C GLN D 275 -16.21 32.13 26.09
N ALA D 276 -16.42 31.78 27.35
CA ALA D 276 -16.81 30.42 27.72
C ALA D 276 -18.29 30.23 27.42
N LEU D 277 -18.58 29.72 26.22
CA LEU D 277 -19.96 29.56 25.76
C LEU D 277 -20.83 28.58 26.56
N ASP D 278 -20.21 27.59 27.20
CA ASP D 278 -20.96 26.61 27.98
C ASP D 278 -21.65 27.29 29.17
N LYS D 279 -20.95 28.24 29.80
CA LYS D 279 -21.50 28.96 30.94
C LYS D 279 -22.50 30.03 30.49
N ILE D 280 -22.18 30.71 29.39
CA ILE D 280 -23.03 31.77 28.86
C ILE D 280 -24.39 31.24 28.37
N LEU D 281 -24.36 30.14 27.60
CA LEU D 281 -25.57 29.54 27.07
C LEU D 281 -26.50 29.02 28.18
N ALA D 282 -25.91 28.47 29.23
CA ALA D 282 -26.67 27.93 30.36
C ALA D 282 -27.44 29.03 31.10
N GLN D 283 -26.95 30.26 31.04
CA GLN D 283 -27.59 31.39 31.70
C GLN D 283 -28.76 31.94 30.89
N ARG D 284 -28.74 31.71 29.57
CA ARG D 284 -29.80 32.21 28.68
C ARG D 284 -31.08 31.37 28.75
N LYS D 285 -30.94 30.13 29.24
CA LYS D 285 -32.07 29.19 29.35
C LYS D 285 -32.80 29.04 28.01
N PRO D 286 -32.14 28.40 27.03
CA PRO D 286 -32.72 28.19 25.70
C PRO D 286 -33.83 27.15 25.71
N THR D 287 -34.71 27.21 24.71
CA THR D 287 -35.83 26.27 24.61
C THR D 287 -35.81 25.46 23.31
N VAL D 288 -34.75 25.65 22.52
CA VAL D 288 -34.61 24.95 21.24
C VAL D 288 -33.99 23.56 21.46
N PRO D 289 -34.66 22.52 20.95
CA PRO D 289 -34.17 21.14 21.06
C PRO D 289 -32.72 21.03 20.56
N MET D 290 -31.85 20.43 21.36
CA MET D 290 -30.43 20.32 21.01
C MET D 290 -29.89 18.92 20.96
N LEU D 291 -28.99 18.70 20.01
CA LEU D 291 -28.30 17.44 19.85
C LEU D 291 -26.81 17.75 19.86
N TRP D 292 -26.17 17.58 21.02
CA TRP D 292 -24.74 17.85 21.15
C TRP D 292 -23.91 16.65 20.73
N GLU D 293 -22.83 16.90 20.00
CA GLU D 293 -21.99 15.81 19.51
C GLU D 293 -20.50 16.13 19.52
N GLN D 294 -19.71 15.10 19.78
CA GLN D 294 -18.25 15.18 19.74
C GLN D 294 -17.72 13.75 19.67
N GLY D 295 -16.52 13.59 19.13
CA GLY D 295 -15.92 12.27 19.04
C GLY D 295 -15.27 11.91 20.37
N LEU D 296 -15.23 10.61 20.68
CA LEU D 296 -14.59 10.15 21.90
C LEU D 296 -13.09 10.42 21.83
N TRP D 297 -12.57 10.51 20.61
CA TRP D 297 -11.16 10.80 20.38
C TRP D 297 -11.02 12.11 19.60
N ASP D 298 -11.81 13.11 19.98
CA ASP D 298 -11.79 14.42 19.35
C ASP D 298 -10.48 15.13 19.69
N GLN D 299 -9.58 15.18 18.71
CA GLN D 299 -8.25 15.77 18.91
C GLN D 299 -8.18 17.30 18.75
N GLU D 300 -9.34 17.94 18.60
CA GLU D 300 -9.37 19.41 18.44
C GLU D 300 -10.36 20.12 19.38
N ASP D 301 -11.53 19.52 19.61
CA ASP D 301 -12.54 20.12 20.49
C ASP D 301 -13.14 19.10 21.45
N MET D 302 -12.32 18.64 22.39
CA MET D 302 -12.73 17.63 23.37
C MET D 302 -13.59 18.20 24.51
N TRP D 303 -13.43 19.49 24.79
CA TRP D 303 -14.13 20.15 25.88
C TRP D 303 -15.57 20.58 25.55
N GLY D 304 -15.72 21.23 24.41
CA GLY D 304 -16.99 21.80 23.94
C GLY D 304 -18.33 21.14 24.23
N ALA D 305 -18.69 20.17 23.39
CA ALA D 305 -19.99 19.49 23.47
C ALA D 305 -20.39 18.95 24.85
N ILE D 306 -19.52 18.14 25.45
CA ILE D 306 -19.82 17.54 26.74
C ILE D 306 -20.04 18.57 27.88
N HIS D 307 -19.26 19.64 27.89
CA HIS D 307 -19.38 20.67 28.93
C HIS D 307 -20.59 21.58 28.73
N ALA D 308 -20.93 21.84 27.47
CA ALA D 308 -22.09 22.68 27.16
C ALA D 308 -23.37 21.92 27.49
N TRP D 309 -23.39 20.64 27.13
CA TRP D 309 -24.54 19.77 27.39
C TRP D 309 -24.74 19.58 28.90
N GLN D 310 -23.65 19.40 29.63
CA GLN D 310 -23.70 19.20 31.08
C GLN D 310 -24.19 20.46 31.80
N ALA D 311 -23.71 21.63 31.36
CA ALA D 311 -24.11 22.90 31.97
C ALA D 311 -25.61 23.16 31.78
N LEU D 312 -26.15 22.76 30.64
CA LEU D 312 -27.58 22.93 30.36
C LEU D 312 -28.40 21.96 31.20
N LYS D 313 -27.86 20.77 31.42
CA LYS D 313 -28.51 19.76 32.24
C LYS D 313 -28.58 20.22 33.70
N ASP D 314 -27.49 20.86 34.16
CA ASP D 314 -27.41 21.37 35.52
C ASP D 314 -28.33 22.58 35.71
N ALA D 315 -28.60 23.29 34.62
CA ALA D 315 -29.47 24.46 34.65
C ALA D 315 -30.94 24.09 34.43
N ASP D 316 -31.22 22.79 34.40
CA ASP D 316 -32.59 22.27 34.21
C ASP D 316 -33.23 22.84 32.94
N VAL D 317 -32.52 22.72 31.82
CA VAL D 317 -33.00 23.22 30.53
C VAL D 317 -34.36 22.60 30.15
N LYS D 318 -35.29 23.45 29.72
CA LYS D 318 -36.62 22.99 29.32
C LYS D 318 -36.69 22.72 27.83
N ALA D 319 -35.87 21.77 27.38
CA ALA D 319 -35.81 21.39 25.97
C ALA D 319 -35.00 20.12 25.83
N PRO D 320 -35.27 19.35 24.78
CA PRO D 320 -34.49 18.14 24.50
C PRO D 320 -33.01 18.49 24.51
N ASN D 321 -32.22 17.71 25.24
CA ASN D 321 -30.80 17.96 25.39
C ASN D 321 -30.04 16.66 25.47
N THR D 322 -29.65 16.15 24.29
CA THR D 322 -28.96 14.86 24.22
C THR D 322 -27.51 15.00 23.76
N LEU D 323 -26.64 14.21 24.39
CA LEU D 323 -25.23 14.19 24.04
C LEU D 323 -24.92 12.91 23.27
N VAL D 324 -24.22 13.06 22.14
CA VAL D 324 -23.85 11.92 21.33
C VAL D 324 -22.34 11.86 21.17
N MET D 325 -21.75 10.71 21.49
CA MET D 325 -20.32 10.53 21.36
C MET D 325 -19.99 9.19 20.70
N GLY D 326 -19.40 9.26 19.51
CA GLY D 326 -19.03 8.07 18.76
C GLY D 326 -17.53 7.85 18.78
N PRO D 327 -17.08 6.74 18.19
CA PRO D 327 -15.66 6.39 18.14
C PRO D 327 -15.01 7.15 17.01
N TRP D 328 -15.03 8.47 17.10
CA TRP D 328 -14.53 9.31 16.03
C TRP D 328 -13.47 10.29 16.43
N ARG D 329 -12.73 10.77 15.43
CA ARG D 329 -11.76 11.81 15.61
C ARG D 329 -12.53 13.11 15.40
N HIS D 330 -11.85 14.24 15.48
CA HIS D 330 -12.49 15.54 15.29
C HIS D 330 -13.28 15.60 13.98
N SER D 331 -14.57 15.96 14.08
CA SER D 331 -15.47 16.07 12.91
C SER D 331 -15.70 14.74 12.18
N GLY D 332 -15.28 13.63 12.80
CA GLY D 332 -15.43 12.31 12.21
C GLY D 332 -16.87 11.92 11.96
N VAL D 333 -17.78 12.58 12.67
CA VAL D 333 -19.21 12.33 12.55
C VAL D 333 -19.74 12.61 11.13
N ASN D 334 -19.04 13.45 10.38
CA ASN D 334 -19.45 13.82 9.03
C ASN D 334 -18.79 13.02 7.91
N TYR D 335 -18.10 11.95 8.28
CA TYR D 335 -17.42 11.11 7.29
C TYR D 335 -17.70 9.62 7.56
N ASN D 336 -16.69 8.76 7.38
CA ASN D 336 -16.86 7.33 7.62
C ASN D 336 -16.30 6.96 8.99
N GLY D 337 -17.14 6.34 9.82
CA GLY D 337 -16.75 5.96 11.17
C GLY D 337 -16.49 4.47 11.40
N SER D 338 -16.03 3.79 10.35
CA SER D 338 -15.74 2.35 10.45
C SER D 338 -14.42 2.08 11.15
N THR D 339 -13.48 3.01 11.02
CA THR D 339 -12.16 2.85 11.62
C THR D 339 -11.60 4.16 12.17
N LEU D 340 -10.49 4.03 12.89
CA LEU D 340 -9.73 5.16 13.42
C LEU D 340 -8.35 4.59 13.75
N GLY D 341 -7.35 4.98 12.96
CA GLY D 341 -6.02 4.44 13.15
C GLY D 341 -6.09 2.95 12.84
N PRO D 342 -5.52 2.13 13.72
CA PRO D 342 -5.57 0.67 13.56
C PRO D 342 -6.85 0.06 14.14
N LEU D 343 -7.70 0.88 14.75
CA LEU D 343 -8.94 0.39 15.36
C LEU D 343 -10.03 0.14 14.33
N GLU D 344 -10.82 -0.91 14.57
CA GLU D 344 -11.93 -1.25 13.68
C GLU D 344 -13.21 -1.34 14.50
N PHE D 345 -14.21 -0.56 14.10
CA PHE D 345 -15.48 -0.55 14.81
C PHE D 345 -16.55 -1.33 14.05
N GLU D 346 -17.70 -1.51 14.67
CA GLU D 346 -18.77 -2.28 14.04
C GLU D 346 -19.60 -1.48 13.03
N GLY D 347 -19.09 -1.42 11.80
CA GLY D 347 -19.75 -0.70 10.73
C GLY D 347 -19.46 0.79 10.73
N ASP D 348 -20.04 1.50 9.77
CA ASP D 348 -19.87 2.94 9.66
C ASP D 348 -20.71 3.60 10.74
N THR D 349 -20.11 3.76 11.92
CA THR D 349 -20.79 4.35 13.09
C THR D 349 -21.28 5.78 12.85
N ALA D 350 -20.56 6.53 12.01
CA ALA D 350 -20.93 7.90 11.70
C ALA D 350 -22.23 7.92 10.90
N HIS D 351 -22.30 7.09 9.85
CA HIS D 351 -23.50 7.00 9.03
C HIS D 351 -24.66 6.44 9.85
N GLN D 352 -24.35 5.52 10.75
CA GLN D 352 -25.35 4.91 11.62
C GLN D 352 -26.06 6.01 12.43
N TYR D 353 -25.27 6.89 13.04
CA TYR D 353 -25.81 7.99 13.83
C TYR D 353 -26.58 8.99 12.98
N ARG D 354 -25.99 9.39 11.86
CA ARG D 354 -26.62 10.36 10.95
C ARG D 354 -28.00 9.89 10.48
N ARG D 355 -28.09 8.61 10.15
CA ARG D 355 -29.33 8.01 9.65
C ARG D 355 -30.36 7.65 10.73
N ASP D 356 -29.89 7.08 11.85
CA ASP D 356 -30.81 6.61 12.89
C ASP D 356 -31.17 7.61 14.02
N VAL D 357 -30.34 8.62 14.23
CA VAL D 357 -30.60 9.59 15.30
C VAL D 357 -30.71 11.03 14.80
N PHE D 358 -29.64 11.51 14.15
CA PHE D 358 -29.57 12.88 13.62
C PHE D 358 -30.77 13.24 12.73
N ARG D 359 -30.91 12.51 11.63
CA ARG D 359 -31.99 12.76 10.67
C ARG D 359 -33.42 12.74 11.26
N PRO D 360 -33.81 11.65 11.94
CA PRO D 360 -35.15 11.56 12.55
C PRO D 360 -35.41 12.66 13.60
N PHE D 361 -34.39 13.03 14.35
CA PHE D 361 -34.50 14.08 15.36
C PHE D 361 -34.83 15.41 14.70
N PHE D 362 -34.15 15.69 13.59
CA PHE D 362 -34.37 16.93 12.86
C PHE D 362 -35.73 16.92 12.15
N ASP D 363 -36.13 15.76 11.64
CA ASP D 363 -37.42 15.60 10.95
C ASP D 363 -38.60 15.93 11.86
N GLU D 364 -38.50 15.56 13.14
CA GLU D 364 -39.57 15.80 14.12
C GLU D 364 -39.96 17.28 14.21
N TYR D 365 -38.97 18.16 14.15
CA TYR D 365 -39.23 19.59 14.28
C TYR D 365 -39.22 20.37 12.96
N LEU D 366 -38.67 19.76 11.91
CA LEU D 366 -38.58 20.44 10.61
C LEU D 366 -39.57 19.95 9.57
N LYS D 367 -40.08 18.73 9.75
CA LYS D 367 -41.05 18.15 8.83
C LYS D 367 -42.32 17.76 9.59
N PRO D 368 -43.26 18.71 9.71
CA PRO D 368 -44.52 18.48 10.43
C PRO D 368 -45.21 17.18 10.01
N GLY D 369 -45.59 16.37 10.99
CA GLY D 369 -46.24 15.10 10.73
C GLY D 369 -45.29 13.92 10.88
N SER D 370 -44.01 14.22 11.08
CA SER D 370 -43.00 13.18 11.25
C SER D 370 -43.11 12.52 12.62
N ALA D 371 -42.60 11.30 12.71
CA ALA D 371 -42.64 10.54 13.97
C ALA D 371 -41.78 11.22 15.03
N SER D 372 -42.30 11.27 16.25
CA SER D 372 -41.58 11.87 17.36
C SER D 372 -40.56 10.89 17.92
N VAL D 373 -39.38 11.41 18.27
CA VAL D 373 -38.34 10.57 18.85
C VAL D 373 -38.13 10.94 20.32
N HIS D 374 -37.80 9.94 21.13
CA HIS D 374 -37.57 10.16 22.54
C HIS D 374 -36.16 9.74 22.92
N LEU D 375 -35.21 10.64 22.66
CA LEU D 375 -33.81 10.38 22.93
C LEU D 375 -33.50 10.43 24.42
N PRO D 376 -32.55 9.61 24.85
CA PRO D 376 -32.14 9.57 26.26
C PRO D 376 -31.16 10.70 26.57
N ASP D 377 -30.57 10.67 27.77
CA ASP D 377 -29.59 11.69 28.16
C ASP D 377 -28.39 11.67 27.21
N ALA D 378 -27.88 10.47 26.95
CA ALA D 378 -26.73 10.33 26.09
C ALA D 378 -26.75 9.05 25.27
N ILE D 379 -26.18 9.15 24.07
CA ILE D 379 -26.03 8.01 23.16
C ILE D 379 -24.53 7.92 22.91
N ILE D 380 -23.89 6.92 23.51
CA ILE D 380 -22.46 6.77 23.40
C ILE D 380 -22.04 5.40 22.93
N TYR D 381 -21.09 5.37 22.00
CA TYR D 381 -20.57 4.11 21.48
C TYR D 381 -19.64 3.51 22.52
N ASN D 382 -19.73 2.19 22.69
CA ASN D 382 -18.87 1.50 23.64
C ASN D 382 -17.62 0.99 22.94
N THR D 383 -16.48 1.57 23.28
CA THR D 383 -15.21 1.19 22.66
C THR D 383 -14.68 -0.17 23.16
N GLY D 384 -15.43 -0.79 24.07
CA GLY D 384 -15.07 -2.10 24.58
C GLY D 384 -16.03 -3.17 24.06
N ASP D 385 -17.33 -2.89 24.19
CA ASP D 385 -18.37 -3.80 23.75
C ASP D 385 -18.62 -3.73 22.25
N GLN D 386 -18.15 -2.64 21.62
CA GLN D 386 -18.35 -2.41 20.18
C GLN D 386 -19.82 -2.31 19.80
N LYS D 387 -20.55 -1.45 20.51
CA LYS D 387 -21.98 -1.23 20.27
C LYS D 387 -22.43 0.12 20.82
N TRP D 388 -23.58 0.60 20.37
CA TRP D 388 -24.13 1.86 20.82
C TRP D 388 -24.87 1.70 22.14
N ASP D 389 -24.53 2.55 23.13
CA ASP D 389 -25.19 2.52 24.43
C ASP D 389 -26.20 3.65 24.54
N TYR D 390 -27.41 3.33 25.00
CA TYR D 390 -28.45 4.34 25.19
C TYR D 390 -28.66 4.52 26.68
N TYR D 391 -28.20 5.65 27.21
CA TYR D 391 -28.30 5.93 28.64
C TYR D 391 -29.39 6.95 28.96
N ARG D 392 -30.46 6.48 29.58
CA ARG D 392 -31.56 7.37 29.97
C ARG D 392 -31.06 8.44 30.91
N SER D 393 -30.16 8.05 31.81
CA SER D 393 -29.53 8.97 32.76
C SER D 393 -28.03 8.78 32.68
N TRP D 394 -27.31 9.86 32.34
CA TRP D 394 -25.85 9.80 32.20
C TRP D 394 -25.19 11.11 32.68
N PRO D 395 -24.08 11.00 33.41
CA PRO D 395 -23.49 9.70 33.80
C PRO D 395 -24.16 9.10 35.04
N SER D 396 -23.89 7.82 35.30
CA SER D 396 -24.45 7.12 36.45
C SER D 396 -23.58 7.39 37.67
N VAL D 397 -22.30 7.65 37.42
CA VAL D 397 -21.34 7.91 38.48
C VAL D 397 -20.52 9.16 38.21
N CYS D 398 -20.21 9.90 39.26
CA CYS D 398 -19.40 11.11 39.18
C CYS D 398 -19.06 11.60 40.58
N GLU D 399 -18.48 12.79 40.69
CA GLU D 399 -18.07 13.33 41.98
C GLU D 399 -19.22 13.87 42.84
N SER D 400 -20.14 14.63 42.23
CA SER D 400 -21.24 15.21 42.98
C SER D 400 -22.61 15.11 42.30
N ASN D 401 -23.63 14.78 43.09
CA ASN D 401 -25.01 14.66 42.62
C ASN D 401 -25.26 13.57 41.58
N CYS D 402 -24.75 12.37 41.85
CA CYS D 402 -24.95 11.23 40.98
C CYS D 402 -25.41 10.04 41.82
N THR D 403 -25.95 9.01 41.17
CA THR D 403 -26.42 7.81 41.87
C THR D 403 -25.29 7.17 42.68
N GLY D 404 -24.10 7.12 42.09
CA GLY D 404 -22.93 6.56 42.73
C GLY D 404 -21.71 7.43 42.56
N GLY D 405 -20.66 7.13 43.30
CA GLY D 405 -19.42 7.87 43.22
C GLY D 405 -18.40 7.19 42.32
N LEU D 406 -17.26 7.82 42.15
CA LEU D 406 -16.19 7.28 41.32
C LEU D 406 -15.39 6.24 42.10
N THR D 407 -14.67 5.39 41.38
CA THR D 407 -13.84 4.35 42.00
C THR D 407 -12.38 4.62 41.69
N PRO D 408 -11.59 4.86 42.73
CA PRO D 408 -10.17 5.17 42.55
C PRO D 408 -9.31 3.96 42.19
N LEU D 409 -8.48 4.13 41.16
CA LEU D 409 -7.54 3.11 40.75
C LEU D 409 -6.18 3.66 41.18
N TYR D 410 -5.74 3.24 42.36
CA TYR D 410 -4.50 3.73 42.96
C TYR D 410 -3.21 3.25 42.33
N LEU D 411 -2.24 4.16 42.27
CA LEU D 411 -0.91 3.84 41.82
C LEU D 411 -0.28 3.10 42.99
N ALA D 412 0.56 2.11 42.71
CA ALA D 412 1.16 1.32 43.79
C ALA D 412 2.63 1.03 43.58
N ASP D 413 3.22 0.28 44.52
CA ASP D 413 4.62 -0.11 44.46
C ASP D 413 4.83 -1.09 43.31
N GLY D 414 6.07 -1.16 42.82
CA GLY D 414 6.40 -2.04 41.72
C GLY D 414 5.69 -1.62 40.44
N HIS D 415 5.44 -0.32 40.31
CA HIS D 415 4.76 0.26 39.14
C HIS D 415 3.42 -0.43 38.84
N GLY D 416 2.66 -0.70 39.89
CA GLY D 416 1.39 -1.36 39.76
C GLY D 416 0.22 -0.42 39.92
N LEU D 417 -0.97 -0.96 39.66
CA LEU D 417 -2.22 -0.24 39.80
C LEU D 417 -3.16 -1.15 40.56
N SER D 418 -3.79 -0.64 41.62
CA SER D 418 -4.68 -1.44 42.43
C SER D 418 -5.92 -0.68 42.86
N PHE D 419 -7.03 -1.40 43.02
CA PHE D 419 -8.27 -0.81 43.46
C PHE D 419 -8.29 -0.73 45.00
N THR D 420 -7.24 -1.29 45.60
CA THR D 420 -7.07 -1.27 47.04
C THR D 420 -6.08 -0.16 47.41
N HIS D 421 -6.51 0.74 48.30
CA HIS D 421 -5.67 1.84 48.76
C HIS D 421 -4.43 1.30 49.45
N PRO D 422 -3.25 1.64 48.92
CA PRO D 422 -1.99 1.19 49.51
C PRO D 422 -1.74 1.91 50.83
N ALA D 423 -1.53 1.16 51.90
CA ALA D 423 -1.31 1.74 53.23
C ALA D 423 0.05 2.43 53.33
N ALA D 424 1.08 1.80 52.77
CA ALA D 424 2.44 2.34 52.84
C ALA D 424 2.67 3.49 51.87
N ASP D 425 3.46 4.47 52.30
CA ASP D 425 3.81 5.62 51.49
C ASP D 425 4.93 5.25 50.54
N GLY D 426 4.90 5.83 49.34
CA GLY D 426 5.92 5.56 48.34
C GLY D 426 5.96 6.63 47.26
N ALA D 427 6.99 6.58 46.42
CA ALA D 427 7.14 7.53 45.33
C ALA D 427 8.05 7.01 44.23
N ASP D 428 7.75 7.42 43.01
CA ASP D 428 8.57 7.07 41.85
C ASP D 428 9.00 8.37 41.19
N SER D 429 10.24 8.41 40.74
CA SER D 429 10.76 9.62 40.14
C SER D 429 11.18 9.46 38.69
N TYR D 430 11.10 10.57 37.95
CA TYR D 430 11.54 10.62 36.57
C TYR D 430 12.05 12.03 36.29
N VAL D 431 13.07 12.14 35.45
CA VAL D 431 13.66 13.43 35.13
C VAL D 431 13.08 14.00 33.84
N SER D 432 12.56 15.22 33.92
CA SER D 432 11.98 15.89 32.75
C SER D 432 12.97 16.92 32.20
N ASP D 433 13.47 16.65 31.00
CA ASP D 433 14.45 17.52 30.35
C ASP D 433 13.85 18.22 29.14
N PRO D 434 13.66 19.55 29.25
CA PRO D 434 13.08 20.36 28.17
C PRO D 434 13.89 20.34 26.86
N ALA D 435 15.16 19.95 26.92
CA ALA D 435 16.00 19.86 25.72
C ALA D 435 15.67 18.58 24.94
N HIS D 436 14.99 17.65 25.62
CA HIS D 436 14.58 16.39 25.01
C HIS D 436 13.12 16.08 25.39
N PRO D 437 12.19 16.89 24.90
CA PRO D 437 10.76 16.70 25.21
C PRO D 437 10.20 15.44 24.58
N VAL D 438 9.17 14.87 25.20
CA VAL D 438 8.55 13.66 24.71
C VAL D 438 7.65 13.94 23.50
N PRO D 439 7.92 13.29 22.39
CA PRO D 439 7.12 13.45 21.18
C PRO D 439 5.70 12.96 21.41
N PHE D 440 4.69 13.81 21.16
CA PHE D 440 3.30 13.39 21.36
C PHE D 440 2.95 12.22 20.44
N ILE D 441 3.59 12.20 19.29
CA ILE D 441 3.52 11.07 18.34
C ILE D 441 4.92 10.95 17.73
N SER D 442 5.26 9.78 17.23
CA SER D 442 6.59 9.50 16.65
C SER D 442 7.12 10.56 15.67
N ARG D 443 8.42 10.83 15.76
CA ARG D 443 9.09 11.76 14.87
C ARG D 443 9.35 11.04 13.54
N PRO D 444 9.40 11.77 12.43
CA PRO D 444 9.18 13.22 12.41
C PRO D 444 7.71 13.58 12.24
N PHE D 445 7.30 14.72 12.78
CA PHE D 445 5.93 15.16 12.63
C PHE D 445 5.85 16.64 12.31
N ALA D 446 5.06 16.95 11.30
CA ALA D 446 4.81 18.33 10.91
C ALA D 446 3.32 18.54 11.02
N PHE D 447 2.90 19.72 11.48
CA PHE D 447 1.48 20.02 11.61
C PHE D 447 0.73 19.93 10.27
N ALA D 448 1.50 19.96 9.18
CA ALA D 448 0.93 19.87 7.84
C ALA D 448 0.51 18.43 7.50
N GLN D 449 1.00 17.46 8.26
CA GLN D 449 0.66 16.05 8.04
C GLN D 449 -0.69 15.70 8.66
N SER D 450 -1.76 16.07 7.96
CA SER D 450 -3.13 15.82 8.41
C SER D 450 -3.42 14.34 8.69
N SER D 451 -2.87 13.46 7.86
CA SER D 451 -3.08 12.01 8.01
C SER D 451 -2.54 11.45 9.33
N ARG D 452 -1.54 12.11 9.90
CA ARG D 452 -0.96 11.67 11.17
C ARG D 452 -1.60 12.39 12.36
N TRP D 453 -2.07 13.61 12.11
CA TRP D 453 -2.71 14.42 13.13
C TRP D 453 -4.10 13.90 13.54
N LYS D 454 -4.92 13.58 12.54
CA LYS D 454 -6.30 13.12 12.77
C LYS D 454 -6.49 11.97 13.80
N PRO D 455 -5.77 10.85 13.64
CA PRO D 455 -5.91 9.72 14.57
C PRO D 455 -4.82 9.65 15.65
N TRP D 456 -4.21 10.78 16.00
CA TRP D 456 -3.12 10.76 16.97
C TRP D 456 -3.49 10.26 18.36
N LEU D 457 -4.73 10.48 18.76
CA LEU D 457 -5.20 10.08 20.09
C LEU D 457 -5.34 8.57 20.31
N VAL D 458 -5.24 7.78 19.25
CA VAL D 458 -5.36 6.32 19.39
C VAL D 458 -4.04 5.58 19.14
N GLN D 459 -2.96 6.35 18.95
CA GLN D 459 -1.64 5.75 18.67
C GLN D 459 -1.07 4.99 19.86
N ASP D 460 -0.25 3.98 19.56
CA ASP D 460 0.41 3.16 20.57
C ASP D 460 1.33 4.00 21.47
N GLN D 461 1.20 3.82 22.77
CA GLN D 461 2.01 4.58 23.73
C GLN D 461 3.26 3.85 24.22
N ARG D 462 3.65 2.78 23.51
CA ARG D 462 4.83 1.99 23.91
C ARG D 462 6.14 2.75 23.77
N GLU D 463 6.21 3.69 22.82
CA GLU D 463 7.41 4.51 22.62
C GLU D 463 7.68 5.32 23.88
N ALA D 464 6.64 5.97 24.39
CA ALA D 464 6.74 6.77 25.61
C ALA D 464 7.14 5.91 26.81
N GLU D 465 6.54 4.72 26.91
CA GLU D 465 6.82 3.79 28.01
C GLU D 465 8.31 3.42 28.08
N SER D 466 8.94 3.31 26.91
CA SER D 466 10.36 2.94 26.83
C SER D 466 11.32 4.04 27.27
N ARG D 467 10.79 5.24 27.50
CA ARG D 467 11.60 6.41 27.88
C ARG D 467 11.74 6.57 29.41
N PRO D 468 12.91 7.05 29.84
CA PRO D 468 13.18 7.29 31.27
C PRO D 468 12.45 8.56 31.80
N ASP D 469 11.95 9.41 30.90
CA ASP D 469 11.25 10.63 31.31
C ASP D 469 9.72 10.45 31.33
N VAL D 470 9.29 9.19 31.38
CA VAL D 470 7.88 8.83 31.45
C VAL D 470 7.74 7.73 32.48
N VAL D 471 6.78 7.87 33.39
CA VAL D 471 6.56 6.83 34.39
C VAL D 471 5.29 6.05 34.04
N THR D 472 5.40 4.72 34.05
CA THR D 472 4.29 3.85 33.65
C THR D 472 3.84 2.90 34.76
N TYR D 473 2.51 2.77 34.90
CA TYR D 473 1.91 1.89 35.89
C TYR D 473 0.88 1.01 35.21
N GLU D 474 0.68 -0.20 35.71
CA GLU D 474 -0.28 -1.12 35.11
C GLU D 474 -0.80 -2.16 36.09
N THR D 475 -2.03 -2.61 35.86
CA THR D 475 -2.63 -3.66 36.65
C THR D 475 -2.10 -4.97 36.13
N GLU D 476 -2.42 -6.05 36.82
CA GLU D 476 -2.05 -7.38 36.36
C GLU D 476 -2.98 -7.68 35.20
N VAL D 477 -2.72 -8.77 34.48
CA VAL D 477 -3.58 -9.15 33.39
C VAL D 477 -4.98 -9.40 33.97
N LEU D 478 -5.99 -8.75 33.40
CA LEU D 478 -7.36 -8.84 33.90
C LEU D 478 -8.00 -10.23 33.80
N ASP D 479 -8.52 -10.69 34.95
CA ASP D 479 -9.20 -11.98 35.04
C ASP D 479 -10.70 -11.77 34.88
N GLU D 480 -11.13 -10.54 35.13
CA GLU D 480 -12.53 -10.14 35.02
C GLU D 480 -12.58 -8.76 34.37
N PRO D 481 -13.60 -8.53 33.53
CA PRO D 481 -13.73 -7.24 32.84
C PRO D 481 -14.05 -6.07 33.78
N VAL D 482 -13.58 -4.88 33.43
CA VAL D 482 -13.85 -3.67 34.20
C VAL D 482 -14.57 -2.68 33.28
N ARG D 483 -15.81 -2.35 33.63
CA ARG D 483 -16.63 -1.44 32.84
C ARG D 483 -16.56 -0.02 33.35
N VAL D 484 -16.30 0.92 32.44
CA VAL D 484 -16.24 2.33 32.80
C VAL D 484 -17.14 3.16 31.88
N SER D 485 -17.86 4.11 32.46
CA SER D 485 -18.75 4.98 31.71
C SER D 485 -18.95 6.27 32.47
N GLY D 486 -18.28 7.33 32.00
CA GLY D 486 -18.38 8.62 32.64
C GLY D 486 -17.11 9.43 32.44
N VAL D 487 -16.85 10.34 33.36
CA VAL D 487 -15.68 11.20 33.27
C VAL D 487 -14.63 10.85 34.32
N PRO D 488 -13.48 10.35 33.88
CA PRO D 488 -12.38 10.01 34.77
C PRO D 488 -11.74 11.28 35.31
N VAL D 489 -11.26 11.24 36.55
CA VAL D 489 -10.63 12.40 37.15
C VAL D 489 -9.25 12.05 37.66
N ALA D 490 -8.25 12.82 37.22
CA ALA D 490 -6.90 12.60 37.67
C ALA D 490 -6.70 13.21 39.06
N ASP D 491 -6.48 12.35 40.05
CA ASP D 491 -6.23 12.80 41.43
C ASP D 491 -4.74 12.63 41.66
N LEU D 492 -3.98 13.65 41.28
CA LEU D 492 -2.53 13.59 41.30
C LEU D 492 -1.82 14.28 42.45
N PHE D 493 -0.89 13.56 43.06
CA PHE D 493 -0.05 14.09 44.12
C PHE D 493 1.36 14.04 43.57
N ALA D 494 1.82 15.17 43.03
CA ALA D 494 3.12 15.23 42.38
C ALA D 494 3.99 16.37 42.84
N ALA D 495 5.30 16.14 42.77
CA ALA D 495 6.28 17.13 43.15
C ALA D 495 7.27 17.35 42.02
N THR D 496 7.80 18.56 41.93
CA THR D 496 8.82 18.90 40.95
C THR D 496 9.90 19.71 41.64
N SER D 497 11.14 19.56 41.18
CA SER D 497 12.25 20.32 41.75
C SER D 497 12.24 21.76 41.23
N GLY D 498 11.44 21.99 40.18
CA GLY D 498 11.32 23.31 39.59
C GLY D 498 10.23 24.13 40.24
N THR D 499 9.87 25.24 39.59
CA THR D 499 8.81 26.12 40.11
C THR D 499 7.58 26.12 39.20
N ASP D 500 7.60 25.25 38.21
CA ASP D 500 6.50 25.08 37.27
C ASP D 500 6.65 23.70 36.65
N SER D 501 5.58 23.21 36.02
CA SER D 501 5.60 21.90 35.38
C SER D 501 4.27 21.57 34.74
N ASP D 502 4.32 20.77 33.69
CA ASP D 502 3.12 20.29 33.04
C ASP D 502 2.94 18.87 33.50
N TRP D 503 1.70 18.42 33.59
CA TRP D 503 1.43 17.05 34.00
C TRP D 503 0.53 16.38 32.98
N VAL D 504 1.11 15.43 32.25
CA VAL D 504 0.37 14.67 31.25
C VAL D 504 -0.03 13.35 31.88
N VAL D 505 -1.33 13.07 31.86
CA VAL D 505 -1.86 11.84 32.44
C VAL D 505 -2.63 11.06 31.39
N LYS D 506 -2.27 9.78 31.22
CA LYS D 506 -2.93 8.93 30.23
C LYS D 506 -3.56 7.69 30.84
N LEU D 507 -4.82 7.45 30.49
CA LEU D 507 -5.54 6.24 30.90
C LEU D 507 -5.49 5.33 29.69
N ILE D 508 -4.80 4.20 29.83
CA ILE D 508 -4.58 3.29 28.72
C ILE D 508 -5.16 1.89 28.88
N ASP D 509 -5.61 1.32 27.76
CA ASP D 509 -6.10 -0.05 27.71
C ASP D 509 -5.05 -0.86 26.96
N VAL D 510 -4.32 -1.70 27.70
CA VAL D 510 -3.31 -2.55 27.08
C VAL D 510 -3.99 -3.78 26.50
N GLN D 511 -3.85 -3.96 25.20
CA GLN D 511 -4.45 -5.11 24.53
C GLN D 511 -3.76 -6.40 25.00
N PRO D 512 -4.42 -7.55 24.81
CA PRO D 512 -3.83 -8.83 25.21
C PRO D 512 -2.41 -8.96 24.66
N ALA D 513 -1.51 -9.57 25.45
CA ALA D 513 -0.11 -9.74 25.05
C ALA D 513 0.03 -10.21 23.60
N MET D 514 -0.89 -11.06 23.18
CA MET D 514 -0.93 -11.57 21.82
C MET D 514 -2.36 -11.48 21.29
N THR D 515 -2.51 -10.96 20.08
CA THR D 515 -3.81 -10.88 19.40
C THR D 515 -3.63 -11.59 18.06
N PRO D 516 -3.71 -12.92 18.07
CA PRO D 516 -3.44 -13.73 16.87
C PRO D 516 -4.32 -13.44 15.64
N ASP D 517 -5.53 -12.92 15.84
CA ASP D 517 -6.42 -12.61 14.72
C ASP D 517 -6.02 -11.29 14.05
N ASP D 518 -5.18 -10.52 14.73
CA ASP D 518 -4.67 -9.24 14.24
C ASP D 518 -3.36 -8.96 15.01
N PRO D 519 -2.29 -9.68 14.63
CA PRO D 519 -1.00 -9.65 15.36
C PRO D 519 -0.44 -8.29 15.76
N LYS D 520 -0.61 -7.27 14.92
CA LYS D 520 -0.08 -5.93 15.23
C LYS D 520 -0.64 -5.29 16.51
N MET D 521 -1.78 -5.78 16.99
CA MET D 521 -2.41 -5.22 18.18
C MET D 521 -1.92 -5.84 19.51
N GLY D 522 -1.03 -6.82 19.43
CA GLY D 522 -0.52 -7.49 20.62
C GLY D 522 0.27 -6.57 21.53
N GLY D 523 -0.21 -6.40 22.76
CA GLY D 523 0.44 -5.54 23.76
C GLY D 523 0.30 -4.06 23.46
N TYR D 524 -0.46 -3.73 22.42
CA TYR D 524 -0.70 -2.35 22.00
C TYR D 524 -1.25 -1.55 23.17
N GLU D 525 -0.65 -0.39 23.42
CA GLU D 525 -1.08 0.47 24.52
C GLU D 525 -2.00 1.57 23.99
N LEU D 526 -3.29 1.28 23.98
CA LEU D 526 -4.31 2.19 23.47
C LEU D 526 -4.83 3.14 24.52
N PRO D 527 -4.64 4.43 24.30
CA PRO D 527 -5.14 5.45 25.22
C PRO D 527 -6.61 5.73 24.98
N VAL D 528 -7.44 5.53 26.00
CA VAL D 528 -8.86 5.79 25.88
C VAL D 528 -9.18 7.20 26.37
N SER D 529 -8.27 7.78 27.16
CA SER D 529 -8.45 9.12 27.71
C SER D 529 -7.15 9.68 28.25
N MET D 530 -6.76 10.86 27.75
CA MET D 530 -5.54 11.52 28.21
C MET D 530 -5.60 13.04 28.05
N ASP D 531 -4.90 13.75 28.94
CA ASP D 531 -4.85 15.20 28.91
C ASP D 531 -3.64 15.77 29.64
N ILE D 532 -3.42 17.06 29.47
CA ILE D 532 -2.30 17.77 30.08
C ILE D 532 -2.80 18.91 30.97
N PHE D 533 -2.12 19.13 32.08
CA PHE D 533 -2.45 20.20 33.01
C PHE D 533 -1.22 21.07 33.28
N ARG D 534 -1.35 22.37 33.03
CA ARG D 534 -0.24 23.29 33.28
C ARG D 534 -0.22 23.66 34.76
N GLY D 535 0.80 23.15 35.46
CA GLY D 535 0.98 23.30 36.91
C GLY D 535 0.77 24.65 37.57
N ARG D 536 1.18 25.72 36.90
CA ARG D 536 1.05 27.07 37.46
C ARG D 536 -0.41 27.45 37.75
N TYR D 537 -1.35 26.71 37.17
CA TYR D 537 -2.78 26.99 37.36
C TYR D 537 -3.44 26.07 38.38
N ARG D 538 -2.63 25.36 39.15
CA ARG D 538 -3.12 24.42 40.17
C ARG D 538 -4.17 25.01 41.12
N LYS D 539 -3.88 26.19 41.68
CA LYS D 539 -4.79 26.84 42.62
C LYS D 539 -5.86 27.69 41.94
N ASP D 540 -5.47 28.41 40.89
CA ASP D 540 -6.38 29.30 40.19
C ASP D 540 -6.03 29.41 38.70
N PHE D 541 -7.01 29.14 37.83
CA PHE D 541 -6.81 29.22 36.39
C PHE D 541 -6.61 30.67 35.96
N ALA D 542 -7.21 31.60 36.72
CA ALA D 542 -7.13 33.03 36.42
C ALA D 542 -5.87 33.71 36.96
N LYS D 543 -5.30 33.13 38.01
CA LYS D 543 -4.10 33.69 38.64
C LYS D 543 -3.02 32.64 38.85
N PRO D 544 -2.08 32.57 37.91
CA PRO D 544 -0.98 31.60 37.97
C PRO D 544 -0.05 31.85 39.16
N GLU D 545 0.44 30.77 39.76
CA GLU D 545 1.34 30.85 40.90
C GLU D 545 2.45 29.81 40.76
N ALA D 546 3.61 30.12 41.29
CA ALA D 546 4.76 29.22 41.23
C ALA D 546 4.55 27.97 42.07
N LEU D 547 5.09 26.85 41.61
CA LEU D 547 4.98 25.60 42.34
C LEU D 547 6.09 25.57 43.39
N GLN D 548 5.75 25.11 44.60
CA GLN D 548 6.73 24.99 45.67
C GLN D 548 7.69 23.85 45.30
N PRO D 549 8.98 24.16 45.24
CA PRO D 549 10.01 23.17 44.85
C PRO D 549 10.07 21.95 45.76
N ASP D 550 10.09 20.76 45.15
CA ASP D 550 10.17 19.48 45.88
C ASP D 550 8.97 19.16 46.79
N ALA D 551 7.93 19.98 46.72
CA ALA D 551 6.75 19.78 47.55
C ALA D 551 5.68 18.98 46.80
N THR D 552 5.13 17.96 47.47
CA THR D 552 4.08 17.15 46.88
C THR D 552 2.79 17.95 46.88
N LEU D 553 2.32 18.29 45.69
CA LEU D 553 1.10 19.10 45.56
C LEU D 553 -0.06 18.33 44.97
N HIS D 554 -1.26 18.69 45.39
CA HIS D 554 -2.48 18.03 44.96
C HIS D 554 -3.07 18.64 43.68
N TYR D 555 -3.18 17.82 42.64
CA TYR D 555 -3.76 18.24 41.37
C TYR D 555 -5.05 17.46 41.17
N HIS D 556 -6.10 18.15 40.73
CA HIS D 556 -7.41 17.53 40.54
C HIS D 556 -8.07 18.06 39.27
N PHE D 557 -8.10 17.23 38.23
CA PHE D 557 -8.69 17.65 36.95
C PHE D 557 -9.35 16.49 36.17
N THR D 558 -10.44 16.82 35.49
CA THR D 558 -11.18 15.83 34.70
C THR D 558 -10.46 15.50 33.40
N LEU D 559 -10.61 14.25 32.95
CA LEU D 559 -10.03 13.79 31.72
C LEU D 559 -11.16 13.53 30.73
N PRO D 560 -10.83 13.38 29.44
CA PRO D 560 -11.86 13.09 28.43
C PRO D 560 -12.75 11.91 28.84
N ALA D 561 -14.04 12.01 28.53
CA ALA D 561 -15.01 10.98 28.89
C ALA D 561 -14.70 9.61 28.28
N VAL D 562 -15.16 8.56 28.97
CA VAL D 562 -14.97 7.20 28.50
C VAL D 562 -16.26 6.40 28.59
N ASN D 563 -16.36 5.40 27.73
CA ASN D 563 -17.46 4.46 27.68
C ASN D 563 -16.82 3.22 27.13
N HIS D 564 -16.02 2.59 27.99
CA HIS D 564 -15.19 1.48 27.59
C HIS D 564 -15.36 0.27 28.49
N VAL D 565 -14.78 -0.85 28.04
CA VAL D 565 -14.75 -2.07 28.81
C VAL D 565 -13.34 -2.64 28.70
N PHE D 566 -12.65 -2.74 29.83
CA PHE D 566 -11.33 -3.34 29.85
C PHE D 566 -11.59 -4.84 29.99
N ALA D 567 -11.51 -5.56 28.88
CA ALA D 567 -11.81 -7.00 28.84
C ALA D 567 -10.75 -7.91 29.46
N LYS D 568 -11.10 -9.19 29.58
CA LYS D 568 -10.18 -10.19 30.12
C LYS D 568 -8.95 -10.28 29.21
N GLY D 569 -7.78 -10.43 29.81
CA GLY D 569 -6.55 -10.52 29.04
C GLY D 569 -5.90 -9.16 28.84
N HIS D 570 -6.68 -8.10 29.02
CA HIS D 570 -6.19 -6.74 28.89
C HIS D 570 -5.60 -6.27 30.23
N ARG D 571 -5.11 -5.04 30.23
CA ARG D 571 -4.57 -4.41 31.44
C ARG D 571 -5.04 -2.97 31.42
N ILE D 572 -5.13 -2.37 32.59
CA ILE D 572 -5.42 -0.94 32.65
C ILE D 572 -4.05 -0.34 32.92
N MET D 573 -3.72 0.72 32.20
CA MET D 573 -2.41 1.34 32.37
C MET D 573 -2.51 2.84 32.56
N VAL D 574 -1.56 3.40 33.30
CA VAL D 574 -1.49 4.83 33.52
C VAL D 574 -0.07 5.29 33.23
N GLN D 575 0.03 6.31 32.37
CA GLN D 575 1.33 6.90 32.04
C GLN D 575 1.33 8.36 32.43
N ILE D 576 2.43 8.81 33.04
CA ILE D 576 2.57 10.20 33.43
C ILE D 576 3.89 10.76 32.92
N GLN D 577 3.83 11.94 32.29
CA GLN D 577 5.02 12.61 31.78
C GLN D 577 4.84 14.12 31.93
N SER D 578 5.85 14.89 31.54
CA SER D 578 5.78 16.35 31.70
C SER D 578 5.99 17.18 30.43
N SER D 579 5.93 16.52 29.28
CA SER D 579 6.03 17.19 27.99
C SER D 579 5.26 16.41 26.92
N TRP D 580 4.78 17.11 25.89
CA TRP D 580 3.98 16.54 24.80
C TRP D 580 4.27 17.41 23.57
N PHE D 581 5.43 17.19 22.97
CA PHE D 581 5.96 18.02 21.88
C PHE D 581 5.84 17.42 20.46
N PRO D 582 5.64 18.27 19.45
CA PRO D 582 5.51 19.73 19.60
C PRO D 582 4.08 20.26 19.71
N LEU D 583 3.09 19.40 19.97
CA LEU D 583 1.70 19.86 20.09
C LEU D 583 1.58 20.95 21.16
N TYR D 584 2.14 20.68 22.34
CA TYR D 584 2.11 21.65 23.43
C TYR D 584 3.49 22.25 23.63
N ASP D 585 3.54 23.57 23.82
CA ASP D 585 4.81 24.22 24.06
C ASP D 585 5.40 23.70 25.37
N ARG D 586 6.71 23.67 25.46
CA ARG D 586 7.38 23.15 26.65
C ARG D 586 7.26 24.06 27.85
N ASN D 587 6.91 23.48 28.99
CA ASN D 587 6.87 24.22 30.22
C ASN D 587 8.34 24.36 30.59
N PRO D 588 8.80 25.59 30.82
CA PRO D 588 10.20 25.84 31.16
C PRO D 588 10.60 25.17 32.47
N GLN D 589 9.60 24.83 33.29
CA GLN D 589 9.81 24.18 34.59
C GLN D 589 10.44 25.13 35.62
N LYS D 590 10.39 26.40 35.26
CA LYS D 590 10.83 27.49 36.10
C LYS D 590 9.74 28.51 35.90
N PHE D 591 9.21 29.06 36.99
CA PHE D 591 8.12 30.01 36.88
C PHE D 591 8.50 31.35 36.25
N VAL D 592 7.97 31.59 35.06
CA VAL D 592 8.19 32.86 34.37
C VAL D 592 6.82 33.54 34.25
N PRO D 593 6.79 34.87 34.15
CA PRO D 593 5.52 35.61 34.03
C PRO D 593 4.67 35.15 32.85
N ASN D 594 5.31 34.91 31.70
CA ASN D 594 4.61 34.47 30.50
C ASN D 594 5.41 33.42 29.73
N ILE D 595 4.93 32.18 29.74
CA ILE D 595 5.62 31.07 29.08
C ILE D 595 5.82 31.27 27.56
N PHE D 596 4.96 32.09 26.94
CA PHE D 596 5.09 32.42 25.53
C PHE D 596 6.44 33.08 25.27
N ASP D 597 6.89 33.87 26.24
CA ASP D 597 8.16 34.62 26.13
C ASP D 597 9.33 34.05 26.92
N ALA D 598 9.29 32.74 27.18
CA ALA D 598 10.39 32.10 27.91
C ALA D 598 11.70 32.24 27.13
N LYS D 599 12.77 32.52 27.84
CA LYS D 599 14.09 32.68 27.24
C LYS D 599 14.86 31.36 27.31
N PRO D 600 15.87 31.20 26.44
CA PRO D 600 16.68 29.96 26.41
C PRO D 600 17.19 29.49 27.78
N ALA D 601 17.62 30.43 28.63
CA ALA D 601 18.14 30.07 29.96
C ALA D 601 17.05 29.67 30.97
N ASP D 602 15.79 29.96 30.63
CA ASP D 602 14.67 29.65 31.52
C ASP D 602 14.34 28.15 31.58
N TYR D 603 14.60 27.44 30.48
CA TYR D 603 14.31 26.01 30.40
C TYR D 603 15.20 25.22 31.35
N THR D 604 14.57 24.61 32.33
CA THR D 604 15.27 23.91 33.39
C THR D 604 14.93 22.43 33.51
N VAL D 605 15.97 21.62 33.68
CA VAL D 605 15.81 20.20 33.89
C VAL D 605 15.29 20.04 35.31
N ALA D 606 14.27 19.19 35.49
CA ALA D 606 13.68 19.00 36.81
C ALA D 606 13.39 17.54 37.12
N THR D 607 13.47 17.20 38.40
CA THR D 607 13.17 15.85 38.85
C THR D 607 11.71 15.82 39.32
N GLN D 608 10.91 14.98 38.68
CA GLN D 608 9.50 14.87 39.02
C GLN D 608 9.25 13.64 39.87
N SER D 609 8.42 13.78 40.90
CA SER D 609 8.11 12.67 41.79
C SER D 609 6.62 12.47 41.96
N ILE D 610 6.15 11.25 41.67
CA ILE D 610 4.74 10.92 41.82
C ILE D 610 4.55 10.08 43.08
N HIS D 611 3.78 10.60 44.01
CA HIS D 611 3.53 9.90 45.26
C HIS D 611 2.41 8.89 45.15
N HIS D 612 2.55 7.77 45.85
CA HIS D 612 1.52 6.74 45.86
C HIS D 612 1.34 6.19 47.26
N GLY D 613 0.09 5.85 47.60
CA GLY D 613 -0.23 5.32 48.92
C GLY D 613 -0.34 6.39 49.99
N GLY D 614 -0.82 6.00 51.16
CA GLY D 614 -0.96 6.92 52.29
C GLY D 614 -1.98 8.04 52.08
N LYS D 615 -1.68 9.20 52.65
CA LYS D 615 -2.57 10.37 52.56
C LYS D 615 -2.41 11.12 51.24
N GLU D 616 -1.40 10.75 50.45
CA GLU D 616 -1.15 11.37 49.16
C GLU D 616 -1.14 10.30 48.07
N ALA D 617 -2.17 9.45 48.10
CA ALA D 617 -2.29 8.34 47.18
C ALA D 617 -2.81 8.73 45.80
N THR D 618 -1.89 8.93 44.85
CA THR D 618 -2.24 9.29 43.49
C THR D 618 -3.08 8.19 42.87
N SER D 619 -4.11 8.59 42.13
CA SER D 619 -4.99 7.64 41.49
C SER D 619 -5.77 8.30 40.39
N ILE D 620 -6.45 7.46 39.61
CA ILE D 620 -7.35 7.93 38.60
C ILE D 620 -8.73 7.59 39.13
N LEU D 621 -9.55 8.60 39.36
CA LEU D 621 -10.90 8.37 39.82
C LEU D 621 -11.69 7.86 38.62
N LEU D 622 -11.88 6.55 38.56
CA LEU D 622 -12.57 5.89 37.44
C LEU D 622 -14.07 5.81 37.61
N PRO D 623 -14.80 6.07 36.53
CA PRO D 623 -16.25 5.96 36.53
C PRO D 623 -16.68 4.50 36.32
N VAL D 624 -16.32 3.65 37.28
CA VAL D 624 -16.63 2.22 37.22
C VAL D 624 -18.13 1.95 37.42
N VAL D 625 -18.71 1.18 36.51
CA VAL D 625 -20.12 0.81 36.58
C VAL D 625 -20.27 -0.71 36.54
N LYS D 626 -21.48 -1.20 36.78
CA LYS D 626 -21.76 -2.63 36.76
C LYS D 626 -22.35 -3.06 35.42
C8 AIC E . 16.25 -23.49 7.31
C5 AIC E . 15.69 -21.14 7.43
C6 AIC E . 19.53 -18.06 2.78
N1 AIC E . 16.82 -18.48 6.53
C2 AIC E . 20.63 -15.76 3.12
N3 AIC E . 19.36 -16.93 4.95
C4 AIC E . 15.72 -19.82 8.16
C1 AIC E . 20.97 -18.52 2.50
C3 AIC E . 16.90 -19.06 7.72
C7 AIC E . 16.27 -22.27 8.00
C9 AIC E . 15.64 -23.56 6.06
C10 AIC E . 15.05 -22.44 5.49
C11 AIC E . 15.07 -21.22 6.18
C12 AIC E . 19.52 -16.70 3.50
C13 AIC E . 19.09 -18.35 5.34
C14 AIC E . 17.83 -17.85 5.93
C15 AIC E . 18.12 -16.54 5.56
C16 AIC E . 18.73 -17.99 1.49
N2 AIC E . 15.78 -20.03 9.48
O1 AIC E . 20.62 -15.28 1.96
O2 AIC E . 21.51 -15.49 3.97
O3 AIC E . 17.90 -19.03 8.42
O4 AIC E . 17.51 -15.49 5.70
S1 AIC E . 18.78 -19.23 3.85
C1 GOL F . 21.82 -12.39 13.76
O1 GOL F . 23.21 -12.20 13.59
C2 GOL F . 21.56 -13.46 14.82
O2 GOL F . 22.50 -13.32 15.88
C3 GOL F . 21.68 -14.85 14.22
O3 GOL F . 20.60 -15.07 13.34
C8 AIC G . -3.20 25.38 -14.86
C5 AIC G . -2.95 22.98 -14.63
C6 AIC G . 3.47 21.27 -15.92
N1 AIC G . -1.11 20.67 -15.42
C2 AIC G . 4.18 19.17 -17.24
N3 AIC G . 1.77 19.87 -17.00
C4 AIC G . -3.28 21.59 -15.10
C1 AIC G . 4.28 22.03 -16.96
C3 AIC G . -2.21 21.13 -15.99
C7 AIC G . -3.51 24.09 -15.28
C9 AIC G . -2.34 25.57 -13.78
C10 AIC G . -1.78 24.47 -13.13
C11 AIC G . -2.08 23.19 -13.55
C12 AIC G . 3.12 19.85 -16.40
C13 AIC G . 1.01 21.15 -16.77
C14 AIC G . 0.00 20.34 -16.06
C15 AIC G . 0.73 19.16 -16.29
C16 AIC G . 4.23 21.22 -14.58
N2 AIC G . -4.45 21.57 -15.73
O1 AIC G . 5.25 18.85 -16.66
O2 AIC G . 3.95 18.95 -18.45
O3 AIC G . -2.34 21.25 -17.21
O4 AIC G . 0.53 18.00 -15.97
S1 AIC G . 1.95 22.12 -15.66
C1 GOL H . -3.14 15.37 -24.12
O1 GOL H . -2.56 14.96 -25.34
C2 GOL H . -4.61 15.74 -24.34
O2 GOL H . -5.41 14.93 -23.52
C3 GOL H . -4.83 17.20 -23.98
O3 GOL H . -4.27 17.48 -22.72
C8 AIC I . -2.77 -29.24 3.02
C5 AIC I . -3.24 -27.00 2.27
C6 AIC I . -8.57 -24.60 5.70
N1 AIC I . -5.50 -24.92 2.24
C2 AIC I . -10.55 -23.39 4.59
N3 AIC I . -8.67 -24.37 3.25
C4 AIC I . -3.70 -26.05 1.18
C1 AIC I . -9.63 -25.55 6.23
C3 AIC I . -5.14 -25.84 1.34
C7 AIC I . -3.18 -28.37 2.02
C9 AIC I . -2.42 -28.75 4.27
C10 AIC I . -2.49 -27.39 4.53
C11 AIC I . -2.90 -26.51 3.52
C12 AIC I . -9.09 -23.75 4.52
C13 AIC I . -7.71 -25.51 3.40
C14 AIC I . -6.76 -24.70 2.60
C15 AIC I . -7.68 -23.66 2.48
C16 AIC I . -8.03 -23.70 6.81
N2 AIC I . -3.43 -26.57 -0.02
O1 AIC I . -10.89 -22.54 5.45
O2 AIC I . -11.36 -23.93 3.80
O3 AIC I . -5.93 -26.51 0.71
O4 AIC I . -7.62 -22.57 1.94
S1 AIC I . -7.22 -25.56 5.08
C1 GOL J . -12.29 -25.34 -5.74
O1 GOL J . -13.65 -25.28 -6.10
C2 GOL J . -11.44 -25.88 -6.88
O2 GOL J . -12.25 -26.58 -7.80
C3 GOL J . -10.35 -26.81 -6.35
O3 GOL J . -10.08 -26.49 -5.00
C8 AIC K . -10.35 27.41 4.29
C5 AIC K . -9.47 25.25 4.93
C6 AIC K . -14.46 21.34 7.41
N1 AIC K . -10.12 22.80 6.62
C2 AIC K . -14.20 19.87 9.50
N3 AIC K . -12.38 21.42 8.71
C4 AIC K . -8.58 24.41 5.80
C1 AIC K . -15.62 21.97 8.18
C3 AIC K . -9.37 23.86 6.89
C7 AIC K . -9.51 26.63 5.10
C9 AIC K . -11.15 26.81 3.33
C10 AIC K . -11.11 25.42 3.16
C11 AIC K . -10.27 24.65 3.95
C12 AIC K . -13.52 20.57 8.34
C13 AIC K . -12.30 22.72 7.96
C14 AIC K . -11.00 22.25 7.46
C15 AIC K . -11.10 21.07 8.18
C16 AIC K . -14.97 20.45 6.28
N2 AIC K . -7.57 25.14 6.26
O1 AIC K . -14.96 18.92 9.23
O2 AIC K . -13.97 20.27 10.66
O3 AIC K . -9.35 24.40 7.99
O4 AIC K . -10.36 20.09 8.28
S1 AIC K . -13.51 22.64 6.69
C1 GOL L . -6.24 22.36 16.57
O1 GOL L . -7.08 22.48 17.71
C2 GOL L . -5.59 23.70 16.24
O2 GOL L . -5.07 24.28 17.41
C3 GOL L . -6.63 24.64 15.60
O3 GOL L . -6.85 24.26 14.27
#